data_3OPU
#
_entry.id   3OPU
#
_cell.length_a   135.775
_cell.length_b   238.391
_cell.length_c   78.493
_cell.angle_alpha   90.00
_cell.angle_beta   90.00
_cell.angle_gamma   90.00
#
_symmetry.space_group_name_H-M   'P 21 21 2'
#
loop_
_entity.id
_entity.type
_entity.pdbx_description
1 polymer SpaP
2 non-polymer 'CALCIUM ION'
3 water water
#
_entity_poly.entity_id   1
_entity_poly.type   'polypeptide(L)'
_entity_poly.pdbx_seq_one_letter_code
;NYIKPTKVNKNENGVVIDDKTVLAGSTNYYELTWDLDQYKNDRSSADTIQKGFYYVDDYPEEALELRQDLVKITDANGNE
VTGVSVDNYTSLEAAPQEIRDVLSKAGIRPKGAFQIFRADNPREFYDTYVKTGIDLKIVSPMVVKKQMGQTGGSYENQAY
QIDFGNGYASNIVINNVPKINPKKDVTLTLDPADTNNVDGQTIPLNTVFNYRLIGGIIPANHSEELFEYNFYDDYDQTGD
HYTGQYKVFAKVDIILKNGVIIKSGTELTQYTTAEVDTTKGAITIKFKEAFLRSVSIDSAFQAESYIQMKRIAVGTFENT
YINTVNGVTYSSNTVKTTT
;
_entity_poly.pdbx_strand_id   A,B,C,D,E,F
#
# COMPACT_ATOMS: atom_id res chain seq x y z
N TYR A 2 8.32 -23.43 20.51
CA TYR A 2 7.31 -23.40 21.57
C TYR A 2 5.92 -22.83 21.17
N ILE A 3 4.85 -23.58 21.34
CA ILE A 3 3.51 -23.10 21.11
C ILE A 3 3.10 -22.07 22.17
N LYS A 4 2.73 -20.91 21.70
CA LYS A 4 2.47 -19.78 22.53
C LYS A 4 1.56 -18.79 21.91
N PRO A 5 0.28 -18.75 22.30
CA PRO A 5 -0.56 -17.62 21.90
C PRO A 5 0.02 -16.40 22.59
N THR A 6 0.07 -15.26 21.91
CA THR A 6 0.66 -14.10 22.55
C THR A 6 -0.30 -12.94 22.45
N LYS A 7 -0.26 -12.08 23.46
CA LYS A 7 -1.15 -10.92 23.51
C LYS A 7 -0.36 -9.63 23.74
N VAL A 8 -0.58 -8.65 22.86
CA VAL A 8 0.08 -7.36 22.99
C VAL A 8 -0.92 -6.22 22.80
N ASN A 9 -0.78 -5.17 23.59
CA ASN A 9 -1.70 -4.04 23.52
C ASN A 9 -1.05 -2.95 22.66
N LYS A 10 -1.84 -2.32 21.79
CA LYS A 10 -1.35 -1.24 20.93
C LYS A 10 -2.31 -0.04 20.89
N ASN A 11 -1.78 1.17 20.66
CA ASN A 11 -2.64 2.33 20.45
C ASN A 11 -3.10 2.38 19.01
N GLU A 12 -3.81 3.45 18.65
CA GLU A 12 -4.44 3.50 17.33
C GLU A 12 -3.40 3.65 16.22
N ASN A 13 -2.19 4.06 16.58
CA ASN A 13 -1.12 4.15 15.58
C ASN A 13 -0.26 2.91 15.54
N GLY A 14 -0.68 1.87 16.26
CA GLY A 14 0.02 0.60 16.20
C GLY A 14 1.26 0.57 17.06
N VAL A 15 1.46 1.60 17.88
CA VAL A 15 2.53 1.58 18.88
C VAL A 15 2.24 0.62 20.04
N VAL A 16 3.26 -0.09 20.52
CA VAL A 16 3.05 -1.02 21.63
C VAL A 16 2.87 -0.29 22.95
N ILE A 17 1.80 -0.61 23.66
CA ILE A 17 1.51 0.15 24.88
C ILE A 17 1.39 -0.68 26.16
N ASP A 18 1.86 -1.90 26.12
CA ASP A 18 1.90 -2.74 27.30
C ASP A 18 2.52 -1.93 28.45
N ASP A 19 1.96 -2.00 29.64
CA ASP A 19 2.41 -1.26 30.81
C ASP A 19 2.31 0.30 30.81
N LYS A 20 1.76 0.87 29.79
CA LYS A 20 1.56 2.28 29.69
C LYS A 20 0.33 2.72 30.44
N THR A 21 0.34 3.96 30.84
CA THR A 21 -0.84 4.60 31.41
C THR A 21 -1.86 4.87 30.30
N VAL A 22 -3.09 4.48 30.52
CA VAL A 22 -4.09 4.62 29.48
C VAL A 22 -5.22 5.42 30.08
N LEU A 23 -5.60 6.49 29.39
CA LEU A 23 -6.63 7.40 29.88
C LEU A 23 -8.01 6.83 29.63
N ALA A 24 -8.93 7.14 30.54
CA ALA A 24 -10.33 6.81 30.34
C ALA A 24 -10.78 7.31 28.96
N GLY A 25 -11.54 6.48 28.24
CA GLY A 25 -11.96 6.87 26.90
C GLY A 25 -11.04 6.40 25.78
N SER A 26 -9.76 6.11 26.10
CA SER A 26 -8.83 5.55 25.10
C SER A 26 -9.19 4.12 24.72
N THR A 27 -8.86 3.73 23.50
CA THR A 27 -9.02 2.36 23.06
C THR A 27 -7.73 1.53 23.21
N ASN A 28 -7.87 0.32 23.75
CA ASN A 28 -6.79 -0.66 23.71
C ASN A 28 -6.94 -1.46 22.45
N TYR A 29 -6.03 -1.31 21.48
CA TYR A 29 -6.10 -2.12 20.26
C TYR A 29 -5.36 -3.46 20.44
N TYR A 30 -5.90 -4.29 21.33
CA TYR A 30 -5.34 -5.59 21.66
C TYR A 30 -5.13 -6.45 20.41
N GLU A 31 -3.93 -6.99 20.30
CA GLU A 31 -3.63 -7.87 19.18
C GLU A 31 -3.32 -9.27 19.70
N LEU A 32 -4.14 -10.24 19.33
CA LEU A 32 -4.03 -11.58 19.84
C LEU A 32 -3.47 -12.51 18.76
N THR A 33 -2.38 -13.22 19.08
CA THR A 33 -1.81 -14.16 18.10
C THR A 33 -2.31 -15.58 18.34
N TRP A 34 -2.84 -16.20 17.29
CA TRP A 34 -3.26 -17.59 17.36
C TRP A 34 -2.10 -18.39 16.75
N ASP A 35 -1.37 -19.11 17.60
CA ASP A 35 -0.07 -19.68 17.21
C ASP A 35 -0.28 -21.05 16.63
N LEU A 36 -0.27 -21.13 15.31
CA LEU A 36 -0.54 -22.38 14.63
C LEU A 36 0.72 -22.94 13.93
N ASP A 37 1.84 -22.22 14.00
CA ASP A 37 3.01 -22.62 13.22
C ASP A 37 3.68 -23.93 13.64
N GLN A 38 3.28 -24.48 14.79
CA GLN A 38 3.80 -25.76 15.25
C GLN A 38 3.09 -26.96 14.65
N TYR A 39 2.03 -26.71 13.86
CA TYR A 39 1.21 -27.80 13.33
C TYR A 39 1.48 -28.12 11.84
N LYS A 40 2.46 -27.48 11.24
CA LYS A 40 2.80 -27.72 9.83
C LYS A 40 2.92 -29.21 9.54
N ASN A 41 2.30 -29.64 8.44
CA ASN A 41 2.28 -31.04 8.05
C ASN A 41 1.47 -31.99 8.91
N ASP A 42 0.71 -31.47 9.86
CA ASP A 42 -0.07 -32.35 10.69
C ASP A 42 -1.00 -33.14 9.81
N ARG A 43 -1.39 -34.33 10.26
CA ARG A 43 -2.27 -35.20 9.51
C ARG A 43 -3.10 -35.97 10.51
N SER A 44 -3.90 -35.25 11.28
CA SER A 44 -4.65 -35.86 12.37
C SER A 44 -5.90 -36.51 11.87
N SER A 45 -6.51 -37.36 12.68
CA SER A 45 -7.72 -38.05 12.31
C SER A 45 -8.86 -37.06 12.15
N ALA A 46 -10.01 -37.58 11.73
CA ALA A 46 -11.18 -36.76 11.54
C ALA A 46 -11.77 -36.43 12.90
N ASP A 47 -11.90 -37.44 13.74
CA ASP A 47 -12.34 -37.25 15.12
C ASP A 47 -11.59 -36.14 15.86
N THR A 48 -10.30 -36.00 15.56
CA THR A 48 -9.43 -35.10 16.29
C THR A 48 -9.67 -33.71 15.79
N ILE A 49 -9.66 -33.56 14.48
CA ILE A 49 -9.98 -32.29 13.83
C ILE A 49 -11.36 -31.78 14.29
N GLN A 50 -12.31 -32.69 14.44
CA GLN A 50 -13.68 -32.31 14.83
C GLN A 50 -13.78 -31.74 16.24
N LYS A 51 -12.71 -31.84 17.02
CA LYS A 51 -12.73 -31.24 18.35
C LYS A 51 -12.66 -29.71 18.31
N GLY A 52 -12.38 -29.15 17.14
CA GLY A 52 -12.53 -27.72 16.93
C GLY A 52 -11.37 -26.81 17.27
N PHE A 53 -11.56 -25.52 17.00
CA PHE A 53 -10.57 -24.50 17.25
C PHE A 53 -11.24 -23.24 17.76
N TYR A 54 -10.87 -22.84 18.97
CA TYR A 54 -11.47 -21.68 19.60
C TYR A 54 -10.35 -20.78 20.09
N TYR A 55 -10.65 -19.49 20.21
CA TYR A 55 -9.76 -18.54 20.88
C TYR A 55 -10.56 -17.81 21.95
N VAL A 56 -9.95 -17.53 23.10
CA VAL A 56 -10.65 -16.94 24.22
C VAL A 56 -9.93 -15.66 24.60
N ASP A 57 -10.66 -14.55 24.76
CA ASP A 57 -10.06 -13.40 25.42
C ASP A 57 -10.81 -13.11 26.71
N ASP A 58 -10.12 -13.29 27.83
CA ASP A 58 -10.71 -13.04 29.12
C ASP A 58 -10.40 -11.57 29.48
N TYR A 59 -11.31 -10.66 29.14
CA TYR A 59 -11.06 -9.24 29.30
C TYR A 59 -11.63 -8.70 30.60
N PRO A 60 -11.05 -7.64 31.14
CA PRO A 60 -11.54 -7.20 32.44
C PRO A 60 -12.77 -6.31 32.26
N GLU A 61 -13.98 -6.88 32.41
CA GLU A 61 -15.23 -6.17 32.08
C GLU A 61 -15.56 -5.03 33.03
N GLU A 62 -14.97 -5.00 34.19
CA GLU A 62 -15.21 -3.88 35.05
C GLU A 62 -14.46 -2.60 34.62
N ALA A 63 -13.42 -2.75 33.81
CA ALA A 63 -12.63 -1.64 33.32
C ALA A 63 -12.85 -1.30 31.85
N LEU A 64 -13.20 -2.26 31.02
CA LEU A 64 -13.22 -2.04 29.59
C LEU A 64 -14.55 -2.41 28.96
N GLU A 65 -14.86 -1.75 27.85
CA GLU A 65 -16.01 -2.13 27.08
C GLU A 65 -15.60 -2.54 25.70
N LEU A 66 -16.25 -3.55 25.17
CA LEU A 66 -15.97 -4.07 23.88
C LEU A 66 -16.37 -3.14 22.72
N ARG A 67 -15.52 -3.11 21.72
CA ARG A 67 -15.86 -2.57 20.45
C ARG A 67 -15.93 -3.69 19.42
N GLN A 68 -16.97 -4.48 19.55
CA GLN A 68 -17.33 -5.56 18.65
C GLN A 68 -17.05 -5.36 17.18
N ASP A 69 -17.51 -4.24 16.69
CA ASP A 69 -17.57 -3.88 15.32
C ASP A 69 -16.22 -3.65 14.75
N LEU A 70 -15.26 -3.41 15.61
CA LEU A 70 -13.93 -3.14 15.18
C LEU A 70 -13.05 -4.39 15.28
N VAL A 71 -13.66 -5.53 15.54
CA VAL A 71 -12.92 -6.76 15.60
C VAL A 71 -12.49 -7.18 14.20
N LYS A 72 -11.21 -7.48 14.03
CA LYS A 72 -10.74 -7.99 12.74
C LYS A 72 -9.79 -9.17 12.88
N ILE A 73 -9.92 -10.14 11.98
CA ILE A 73 -9.11 -11.35 11.98
C ILE A 73 -8.41 -11.50 10.65
N THR A 74 -7.09 -11.52 10.68
CA THR A 74 -6.32 -11.68 9.45
C THR A 74 -5.34 -12.87 9.58
N ASP A 75 -5.10 -13.62 8.50
CA ASP A 75 -4.11 -14.70 8.52
C ASP A 75 -2.71 -14.18 8.25
N ALA A 76 -1.72 -15.06 8.36
CA ALA A 76 -0.31 -14.63 8.28
C ALA A 76 0.03 -14.15 6.89
N ASN A 77 -0.61 -14.75 5.88
CA ASN A 77 -0.49 -14.30 4.49
C ASN A 77 -1.31 -13.02 4.17
N GLY A 78 -1.90 -12.40 5.19
CA GLY A 78 -2.57 -11.13 5.01
C GLY A 78 -3.99 -11.25 4.51
N ASN A 79 -4.39 -12.46 4.17
CA ASN A 79 -5.79 -12.69 3.86
C ASN A 79 -6.60 -12.39 5.11
N GLU A 80 -7.71 -11.67 4.94
CA GLU A 80 -8.67 -11.55 6.01
C GLU A 80 -9.15 -12.97 6.21
N VAL A 81 -9.48 -13.33 7.45
CA VAL A 81 -9.95 -14.66 7.73
C VAL A 81 -11.47 -14.73 7.80
N THR A 82 -12.07 -15.65 7.04
CA THR A 82 -13.49 -15.90 7.13
C THR A 82 -13.74 -17.22 7.83
N GLY A 83 -14.98 -17.47 8.25
CA GLY A 83 -15.29 -18.74 8.90
C GLY A 83 -15.05 -18.79 10.41
N VAL A 84 -14.56 -17.69 10.96
CA VAL A 84 -14.42 -17.58 12.41
C VAL A 84 -15.42 -16.56 12.97
N SER A 85 -16.35 -17.03 13.78
CA SER A 85 -17.31 -16.11 14.36
C SER A 85 -16.92 -15.73 15.79
N VAL A 86 -17.36 -14.55 16.23
CA VAL A 86 -17.04 -14.06 17.55
C VAL A 86 -18.28 -13.90 18.42
N ASP A 87 -18.19 -14.37 19.66
CA ASP A 87 -19.28 -14.22 20.63
C ASP A 87 -18.78 -13.69 21.97
N ASN A 88 -19.53 -12.74 22.51
CA ASN A 88 -19.22 -12.14 23.79
C ASN A 88 -20.18 -12.69 24.84
N TYR A 89 -19.64 -13.24 25.92
CA TYR A 89 -20.45 -13.81 26.98
C TYR A 89 -20.26 -13.01 28.27
N THR A 90 -21.36 -12.67 28.95
CA THR A 90 -21.27 -11.79 30.12
C THR A 90 -20.80 -12.58 31.33
N SER A 91 -20.96 -13.89 31.27
CA SER A 91 -20.47 -14.77 32.32
C SER A 91 -20.39 -16.20 31.81
N LEU A 92 -19.73 -17.06 32.57
CA LEU A 92 -19.64 -18.46 32.21
C LEU A 92 -21.03 -19.05 32.21
N GLU A 93 -21.87 -18.59 33.14
CA GLU A 93 -23.21 -19.13 33.31
C GLU A 93 -24.03 -18.90 32.07
N ALA A 94 -23.78 -17.79 31.39
CA ALA A 94 -24.54 -17.48 30.16
C ALA A 94 -24.05 -18.19 28.87
N ALA A 95 -22.86 -18.77 28.90
CA ALA A 95 -22.33 -19.44 27.70
C ALA A 95 -23.12 -20.73 27.51
N PRO A 96 -23.32 -21.15 26.26
CA PRO A 96 -23.94 -22.46 26.00
C PRO A 96 -23.07 -23.59 26.57
N GLN A 97 -23.68 -24.77 26.75
CA GLN A 97 -22.98 -25.95 27.27
C GLN A 97 -21.79 -26.33 26.41
N GLU A 98 -21.95 -26.19 25.10
CA GLU A 98 -20.85 -26.47 24.19
C GLU A 98 -19.65 -25.68 24.63
N ILE A 99 -19.83 -24.38 24.85
CA ILE A 99 -18.72 -23.52 25.24
C ILE A 99 -18.21 -23.86 26.66
N ARG A 100 -19.10 -23.99 27.64
CA ARG A 100 -18.67 -24.40 28.97
C ARG A 100 -17.83 -25.72 28.94
N ASP A 101 -18.24 -26.69 28.13
CA ASP A 101 -17.51 -27.97 28.04
C ASP A 101 -16.12 -27.80 27.40
N VAL A 102 -16.03 -27.07 26.30
CA VAL A 102 -14.73 -26.83 25.69
C VAL A 102 -13.79 -26.20 26.72
N LEU A 103 -14.27 -25.17 27.41
CA LEU A 103 -13.45 -24.44 28.37
C LEU A 103 -12.99 -25.33 29.53
N SER A 104 -13.94 -26.09 30.08
CA SER A 104 -13.69 -26.99 31.20
C SER A 104 -12.63 -28.03 30.84
N LYS A 105 -12.79 -28.70 29.69
CA LYS A 105 -11.88 -29.75 29.30
C LYS A 105 -10.54 -29.19 28.90
N ALA A 106 -10.46 -27.89 28.66
CA ALA A 106 -9.18 -27.27 28.37
C ALA A 106 -8.54 -26.70 29.61
N GLY A 107 -9.20 -26.81 30.77
CA GLY A 107 -8.66 -26.22 31.99
C GLY A 107 -8.65 -24.70 31.99
N ILE A 108 -9.61 -24.10 31.29
CA ILE A 108 -9.73 -22.65 31.23
C ILE A 108 -11.00 -22.21 31.94
N ARG A 109 -10.87 -21.36 32.97
CA ARG A 109 -12.05 -20.76 33.61
C ARG A 109 -11.90 -19.24 33.60
N PRO A 110 -12.63 -18.56 32.70
CA PRO A 110 -12.56 -17.10 32.57
C PRO A 110 -13.18 -16.46 33.80
N LYS A 111 -12.59 -15.35 34.23
CA LYS A 111 -13.13 -14.57 35.32
C LYS A 111 -14.13 -13.57 34.73
N GLY A 112 -15.38 -13.57 35.19
CA GLY A 112 -16.38 -12.65 34.64
C GLY A 112 -16.69 -12.80 33.15
N ALA A 113 -16.55 -11.72 32.37
CA ALA A 113 -16.93 -11.78 30.97
C ALA A 113 -15.76 -12.17 30.06
N PHE A 114 -16.05 -12.75 28.90
CA PHE A 114 -14.99 -13.19 28.00
C PHE A 114 -15.56 -13.30 26.59
N GLN A 115 -14.69 -13.16 25.60
CA GLN A 115 -15.01 -13.40 24.19
C GLN A 115 -14.55 -14.78 23.75
N ILE A 116 -15.34 -15.42 22.89
CA ILE A 116 -14.92 -16.63 22.22
C ILE A 116 -14.90 -16.39 20.72
N PHE A 117 -13.79 -16.72 20.06
CA PHE A 117 -13.74 -16.74 18.60
C PHE A 117 -13.72 -18.20 18.24
N ARG A 118 -14.65 -18.60 17.39
CA ARG A 118 -14.92 -20.01 17.13
C ARG A 118 -14.83 -20.29 15.63
N ALA A 119 -14.09 -21.33 15.24
CA ALA A 119 -14.05 -21.69 13.82
C ALA A 119 -15.36 -22.40 13.48
N ASP A 120 -16.14 -21.81 12.58
CA ASP A 120 -17.45 -22.32 12.20
C ASP A 120 -17.36 -23.75 11.65
N ASN A 121 -16.33 -24.00 10.84
CA ASN A 121 -16.15 -25.34 10.27
C ASN A 121 -14.74 -25.83 10.53
N PRO A 122 -14.59 -26.73 11.52
CA PRO A 122 -13.29 -27.28 11.96
C PRO A 122 -12.48 -27.83 10.78
N ARG A 123 -13.08 -28.77 10.05
CA ARG A 123 -12.43 -29.34 8.88
C ARG A 123 -11.85 -28.25 8.01
N GLU A 124 -12.67 -27.26 7.65
CA GLU A 124 -12.20 -26.21 6.75
C GLU A 124 -11.15 -25.28 7.38
N PHE A 125 -11.34 -24.95 8.66
CA PHE A 125 -10.34 -24.16 9.38
C PHE A 125 -9.02 -24.94 9.43
N TYR A 126 -9.11 -26.20 9.84
CA TYR A 126 -7.94 -27.08 9.86
C TYR A 126 -7.18 -27.07 8.52
N ASP A 127 -7.86 -27.47 7.44
CA ASP A 127 -7.23 -27.58 6.11
C ASP A 127 -6.60 -26.27 5.66
N THR A 128 -7.22 -25.16 6.02
CA THR A 128 -6.76 -23.83 5.62
C THR A 128 -5.57 -23.26 6.39
N TYR A 129 -5.55 -23.41 7.71
CA TYR A 129 -4.57 -22.67 8.52
C TYR A 129 -3.74 -23.54 9.48
N VAL A 130 -4.25 -24.70 9.86
CA VAL A 130 -3.58 -25.48 10.89
C VAL A 130 -2.55 -26.46 10.29
N LYS A 131 -3.01 -27.37 9.41
CA LYS A 131 -2.11 -28.32 8.74
C LYS A 131 -1.06 -27.60 7.90
N THR A 132 -1.25 -26.29 7.70
CA THR A 132 -0.32 -25.43 6.99
C THR A 132 0.41 -24.45 7.92
N GLY A 133 0.07 -24.43 9.20
CA GLY A 133 0.79 -23.61 10.15
C GLY A 133 0.80 -22.10 9.87
N ILE A 134 -0.37 -21.55 9.52
CA ILE A 134 -0.52 -20.11 9.30
C ILE A 134 -1.07 -19.41 10.55
N ASP A 135 -0.24 -18.60 11.17
CA ASP A 135 -0.65 -17.90 12.39
C ASP A 135 -1.74 -16.89 12.03
N LEU A 136 -2.69 -16.71 12.94
CA LEU A 136 -3.73 -15.71 12.74
C LEU A 136 -3.50 -14.56 13.72
N LYS A 137 -3.90 -13.37 13.31
CA LYS A 137 -3.87 -12.21 14.18
C LYS A 137 -5.32 -11.73 14.42
N ILE A 138 -5.73 -11.67 15.69
CA ILE A 138 -7.05 -11.15 16.00
C ILE A 138 -6.87 -9.80 16.62
N VAL A 139 -7.55 -8.80 16.09
CA VAL A 139 -7.59 -7.50 16.77
C VAL A 139 -8.96 -7.30 17.38
N SER A 140 -8.97 -7.05 18.69
CA SER A 140 -10.21 -6.91 19.44
C SER A 140 -10.10 -5.66 20.33
N PRO A 141 -10.48 -4.49 19.79
CA PRO A 141 -10.34 -3.23 20.52
C PRO A 141 -11.32 -3.10 21.66
N MET A 142 -10.85 -2.56 22.77
CA MET A 142 -11.66 -2.38 23.97
C MET A 142 -11.33 -1.02 24.57
N VAL A 143 -12.38 -0.27 24.92
CA VAL A 143 -12.30 1.11 25.38
C VAL A 143 -12.28 1.15 26.91
N VAL A 144 -11.46 2.01 27.50
CA VAL A 144 -11.48 2.15 28.95
C VAL A 144 -12.71 2.97 29.40
N LYS A 145 -13.54 2.40 30.27
CA LYS A 145 -14.74 3.08 30.75
C LYS A 145 -14.42 4.43 31.42
N LYS A 146 -15.28 5.42 31.24
CA LYS A 146 -15.07 6.71 31.93
C LYS A 146 -14.81 6.56 33.42
N GLN A 147 -15.60 5.73 34.07
CA GLN A 147 -15.45 5.47 35.50
C GLN A 147 -14.02 5.12 35.94
N MET A 148 -13.26 4.40 35.12
CA MET A 148 -11.86 4.12 35.47
C MET A 148 -11.07 5.43 35.65
N GLY A 149 -11.46 6.48 34.92
CA GLY A 149 -10.82 7.78 35.07
C GLY A 149 -11.25 8.50 36.33
N GLN A 150 -12.37 8.12 36.91
CA GLN A 150 -12.79 8.72 38.17
C GLN A 150 -12.06 8.12 39.36
N THR A 151 -11.69 6.83 39.25
CA THR A 151 -11.13 6.10 40.38
C THR A 151 -9.64 5.78 40.26
N GLY A 152 -9.11 5.91 39.05
CA GLY A 152 -7.81 5.32 38.76
C GLY A 152 -7.86 3.81 38.91
N GLY A 153 -6.80 3.12 38.51
CA GLY A 153 -6.78 1.67 38.68
C GLY A 153 -6.01 0.98 37.57
N SER A 154 -5.92 -0.32 37.71
CA SER A 154 -5.12 -1.11 36.82
C SER A 154 -6.06 -2.16 36.30
N TYR A 155 -5.81 -2.67 35.12
CA TYR A 155 -6.55 -3.73 34.51
C TYR A 155 -5.60 -4.63 33.72
N GLU A 156 -5.97 -5.89 33.63
CA GLU A 156 -5.23 -6.84 32.87
C GLU A 156 -6.09 -7.63 31.95
N ASN A 157 -5.50 -8.04 30.86
CA ASN A 157 -6.08 -8.83 29.81
C ASN A 157 -5.24 -10.04 29.46
N GLN A 158 -5.89 -11.16 29.21
CA GLN A 158 -5.29 -12.43 28.90
C GLN A 158 -6.08 -13.26 27.90
N ALA A 159 -5.41 -14.05 27.07
CA ALA A 159 -6.08 -14.82 26.03
C ALA A 159 -5.71 -16.29 26.16
N TYR A 160 -6.46 -17.16 25.49
CA TYR A 160 -6.13 -18.58 25.44
C TYR A 160 -6.44 -19.05 24.03
N GLN A 161 -5.72 -20.07 23.55
CA GLN A 161 -6.12 -20.69 22.31
C GLN A 161 -6.40 -22.17 22.59
N ILE A 162 -7.35 -22.73 21.87
CA ILE A 162 -7.85 -24.05 22.18
C ILE A 162 -7.89 -24.80 20.86
N ASP A 163 -6.93 -25.71 20.68
CA ASP A 163 -6.75 -26.46 19.44
C ASP A 163 -6.99 -27.92 19.77
N PHE A 164 -7.90 -28.54 19.01
CA PHE A 164 -8.26 -29.93 19.23
C PHE A 164 -8.73 -30.15 20.65
N GLY A 165 -9.23 -29.09 21.28
CA GLY A 165 -9.73 -29.22 22.63
C GLY A 165 -8.65 -29.02 23.67
N ASN A 166 -7.41 -28.80 23.23
CA ASN A 166 -6.32 -28.48 24.15
C ASN A 166 -6.13 -26.97 24.35
N GLY A 167 -5.99 -26.54 25.60
CA GLY A 167 -5.81 -25.12 25.91
C GLY A 167 -4.40 -24.62 26.16
N TYR A 168 -4.08 -23.45 25.61
CA TYR A 168 -2.79 -22.82 25.82
C TYR A 168 -3.00 -21.36 26.18
N ALA A 169 -2.37 -20.93 27.26
CA ALA A 169 -2.58 -19.60 27.83
C ALA A 169 -1.60 -18.60 27.25
N SER A 170 -2.04 -17.38 26.96
CA SER A 170 -1.11 -16.32 26.58
C SER A 170 -0.50 -15.64 27.80
N ASN A 171 0.50 -14.81 27.52
CA ASN A 171 1.03 -13.86 28.48
C ASN A 171 -0.09 -12.92 28.84
N ILE A 172 0.08 -12.23 29.97
CA ILE A 172 -0.93 -11.35 30.51
C ILE A 172 -0.48 -9.91 30.33
N VAL A 173 -1.35 -9.07 29.77
CA VAL A 173 -1.00 -7.65 29.55
C VAL A 173 -1.70 -6.74 30.52
N ILE A 174 -0.92 -5.93 31.23
CA ILE A 174 -1.40 -5.03 32.26
C ILE A 174 -1.22 -3.56 31.84
N ASN A 175 -2.21 -2.73 32.17
CA ASN A 175 -2.11 -1.28 31.98
C ASN A 175 -2.73 -0.62 33.21
N ASN A 176 -2.58 0.69 33.33
CA ASN A 176 -3.22 1.39 34.44
C ASN A 176 -3.83 2.70 33.98
N VAL A 177 -4.82 3.19 34.72
CA VAL A 177 -5.58 4.35 34.30
C VAL A 177 -5.42 5.48 35.33
N PRO A 178 -5.10 6.71 34.86
CA PRO A 178 -4.85 7.78 35.82
C PRO A 178 -6.15 8.40 36.31
N LYS A 179 -6.21 8.66 37.60
CA LYS A 179 -7.32 9.38 38.18
C LYS A 179 -7.16 10.83 37.79
N ILE A 180 -8.10 11.38 37.03
CA ILE A 180 -7.97 12.76 36.60
C ILE A 180 -8.78 13.60 37.56
N ASN A 181 -8.09 14.46 38.30
CA ASN A 181 -8.73 15.27 39.33
C ASN A 181 -8.51 16.79 39.20
N PRO A 182 -9.34 17.45 38.37
CA PRO A 182 -9.21 18.90 38.21
C PRO A 182 -9.58 19.63 39.49
N LYS A 183 -8.93 20.76 39.74
CA LYS A 183 -9.12 21.55 40.95
C LYS A 183 -9.44 23.00 40.60
N LYS A 184 -10.17 23.66 41.49
CA LYS A 184 -10.56 25.06 41.27
C LYS A 184 -10.29 25.92 42.50
N ASP A 185 -9.38 26.88 42.36
CA ASP A 185 -9.05 27.80 43.46
C ASP A 185 -9.56 29.20 43.12
N VAL A 186 -9.59 30.08 44.11
CA VAL A 186 -9.93 31.48 43.89
C VAL A 186 -8.71 32.30 44.30
N THR A 187 -8.19 33.15 43.42
CA THR A 187 -6.96 33.88 43.77
C THR A 187 -7.09 35.36 43.51
N LEU A 188 -6.18 36.12 44.11
CA LEU A 188 -6.24 37.58 44.07
C LEU A 188 -5.17 38.12 43.15
N THR A 189 -4.28 37.24 42.74
CA THR A 189 -3.23 37.56 41.83
C THR A 189 -3.04 36.45 40.83
N LEU A 190 -2.46 36.76 39.68
CA LEU A 190 -2.09 35.74 38.73
C LEU A 190 -0.76 35.20 39.15
N ASP A 191 -0.03 34.57 38.30
CA ASP A 191 1.25 34.21 38.83
C ASP A 191 1.18 32.94 39.60
N PRO A 192 1.56 31.91 38.90
CA PRO A 192 1.38 30.54 39.33
C PRO A 192 2.14 30.16 40.57
N ALA A 193 3.17 30.88 40.97
CA ALA A 193 4.01 30.52 42.12
C ALA A 193 3.43 30.71 43.52
N ASP A 194 2.48 31.61 43.57
CA ASP A 194 1.64 32.04 44.63
C ASP A 194 0.61 30.98 44.71
N THR A 195 0.58 30.35 45.86
CA THR A 195 -0.32 29.23 46.15
C THR A 195 -1.53 29.69 46.96
N ASN A 196 -1.63 31.00 47.17
CA ASN A 196 -2.75 31.57 47.91
C ASN A 196 -4.10 31.15 47.31
N ASN A 197 -5.02 30.74 48.18
CA ASN A 197 -6.34 30.29 47.75
C ASN A 197 -7.40 30.90 48.67
N VAL A 198 -8.31 31.68 48.10
CA VAL A 198 -9.30 32.40 48.88
C VAL A 198 -10.68 31.72 48.85
N ASP A 199 -10.71 30.46 48.41
CA ASP A 199 -11.93 29.65 48.51
C ASP A 199 -12.43 29.79 49.95
N GLY A 200 -13.65 30.18 50.11
CA GLY A 200 -14.19 30.35 51.44
C GLY A 200 -14.15 31.72 52.06
N GLN A 201 -13.13 32.49 51.84
CA GLN A 201 -13.06 33.84 52.38
C GLN A 201 -14.07 34.77 51.74
N THR A 202 -13.95 36.07 52.02
CA THR A 202 -14.77 37.05 51.34
C THR A 202 -14.02 37.92 50.33
N ILE A 203 -14.72 38.34 49.30
CA ILE A 203 -14.18 39.28 48.33
C ILE A 203 -14.99 40.59 48.37
N PRO A 204 -14.30 41.72 48.54
CA PRO A 204 -14.95 43.04 48.55
C PRO A 204 -15.63 43.33 47.20
N LEU A 205 -16.81 43.92 47.24
CA LEU A 205 -17.52 44.26 46.01
C LEU A 205 -16.61 45.02 45.02
N ASN A 206 -16.70 44.66 43.75
CA ASN A 206 -15.94 45.29 42.67
C ASN A 206 -14.45 44.93 42.65
N THR A 207 -14.05 43.96 43.46
CA THR A 207 -12.69 43.44 43.38
C THR A 207 -12.51 42.66 42.08
N VAL A 208 -11.41 42.92 41.37
CA VAL A 208 -11.05 42.09 40.24
C VAL A 208 -10.22 40.93 40.80
N PHE A 209 -10.63 39.71 40.48
CA PHE A 209 -9.91 38.51 40.93
C PHE A 209 -9.86 37.43 39.83
N ASN A 210 -9.32 36.26 40.16
CA ASN A 210 -9.25 35.17 39.19
C ASN A 210 -9.84 33.89 39.76
N TYR A 211 -10.51 33.11 38.91
CA TYR A 211 -10.72 31.69 39.21
C TYR A 211 -9.53 30.93 38.65
N ARG A 212 -8.90 30.12 39.47
CA ARG A 212 -7.77 29.30 39.02
C ARG A 212 -8.27 27.88 38.69
N LEU A 213 -8.29 27.56 37.40
CA LEU A 213 -8.81 26.27 36.94
C LEU A 213 -7.63 25.35 36.65
N ILE A 214 -7.37 24.43 37.57
CA ILE A 214 -6.23 23.55 37.47
C ILE A 214 -6.60 22.22 36.79
N GLY A 215 -6.06 22.01 35.60
CA GLY A 215 -6.37 20.81 34.82
C GLY A 215 -5.91 19.51 35.45
N GLY A 216 -6.43 18.40 34.95
CA GLY A 216 -6.02 17.10 35.43
C GLY A 216 -4.60 16.82 35.00
N ILE A 217 -3.93 15.95 35.74
CA ILE A 217 -2.57 15.55 35.44
C ILE A 217 -2.55 14.37 34.49
N ILE A 218 -1.91 14.54 33.36
CA ILE A 218 -1.72 13.45 32.46
C ILE A 218 -0.32 12.91 32.63
N PRO A 219 -0.17 11.69 33.12
CA PRO A 219 1.19 11.25 33.52
C PRO A 219 2.08 10.88 32.33
N ALA A 220 3.39 10.87 32.54
CA ALA A 220 4.35 10.44 31.52
C ALA A 220 4.04 9.00 31.12
N ASN A 221 4.65 8.52 30.05
CA ASN A 221 4.42 7.14 29.58
C ASN A 221 2.94 6.77 29.32
N HIS A 222 2.18 7.66 28.69
CA HIS A 222 0.77 7.37 28.39
C HIS A 222 0.64 6.82 26.99
N SER A 223 -0.53 6.33 26.63
CA SER A 223 -0.63 5.44 25.47
C SER A 223 -1.07 6.15 24.23
N GLU A 224 -1.54 7.30 24.05
CA GLU A 224 -2.03 8.12 22.94
C GLU A 224 -1.99 9.63 23.12
N GLU A 225 -2.25 10.05 21.93
CA GLU A 225 -2.04 11.47 21.72
C GLU A 225 -3.13 12.25 22.40
N LEU A 226 -2.76 13.40 22.95
CA LEU A 226 -3.73 14.32 23.48
C LEU A 226 -4.29 15.02 22.26
N PHE A 227 -5.62 15.07 22.15
CA PHE A 227 -6.24 15.89 21.15
C PHE A 227 -7.23 16.92 21.72
N GLU A 228 -7.60 16.80 22.98
CA GLU A 228 -8.51 17.77 23.57
C GLU A 228 -8.20 17.95 25.05
N TYR A 229 -8.19 19.20 25.51
CA TYR A 229 -7.93 19.50 26.91
C TYR A 229 -8.52 20.88 27.17
N ASN A 230 -9.76 20.90 27.65
CA ASN A 230 -10.57 22.12 27.77
C ASN A 230 -10.89 22.44 29.22
N PHE A 231 -11.12 23.73 29.48
CA PHE A 231 -11.57 24.17 30.79
C PHE A 231 -12.92 24.86 30.54
N TYR A 232 -14.01 24.20 30.91
CA TYR A 232 -15.35 24.76 30.70
C TYR A 232 -15.89 25.29 32.01
N ASP A 233 -16.31 26.55 32.02
CA ASP A 233 -16.78 27.21 33.24
C ASP A 233 -18.07 28.01 33.03
N ASP A 234 -19.17 27.47 33.54
CA ASP A 234 -20.46 28.16 33.56
C ASP A 234 -20.51 28.84 34.94
N TYR A 235 -20.13 30.11 35.00
CA TYR A 235 -19.96 30.81 36.28
C TYR A 235 -21.26 31.52 36.60
N ASP A 236 -21.44 31.96 37.85
CA ASP A 236 -22.67 32.65 38.21
C ASP A 236 -22.58 34.14 37.87
N GLN A 237 -23.11 34.55 36.72
CA GLN A 237 -23.01 35.96 36.31
C GLN A 237 -23.85 36.97 37.12
N THR A 238 -24.70 36.50 38.04
CA THR A 238 -25.37 37.42 38.96
C THR A 238 -24.39 37.87 40.05
N GLY A 239 -23.25 37.19 40.13
CA GLY A 239 -22.22 37.55 41.09
C GLY A 239 -20.91 37.91 40.42
N ASP A 240 -20.56 37.18 39.37
CA ASP A 240 -19.25 37.31 38.74
C ASP A 240 -19.35 37.77 37.30
N HIS A 241 -18.62 38.83 36.98
CA HIS A 241 -18.51 39.32 35.61
C HIS A 241 -17.16 38.90 35.00
N TYR A 242 -17.19 38.11 33.94
CA TYR A 242 -15.95 37.74 33.24
C TYR A 242 -15.39 38.98 32.53
N THR A 243 -14.13 39.32 32.78
CA THR A 243 -13.61 40.58 32.26
C THR A 243 -13.05 40.49 30.84
N GLY A 244 -13.08 39.29 30.25
CA GLY A 244 -12.55 39.14 28.90
C GLY A 244 -11.06 38.82 28.88
N GLN A 245 -10.46 38.69 30.07
CA GLN A 245 -9.04 38.32 30.21
C GLN A 245 -8.82 36.93 30.83
N TYR A 246 -7.96 36.15 30.18
CA TYR A 246 -7.60 34.83 30.70
C TYR A 246 -6.17 34.53 30.26
N LYS A 247 -5.48 33.71 31.06
CA LYS A 247 -4.15 33.21 30.72
C LYS A 247 -4.07 31.73 31.04
N VAL A 248 -3.16 31.02 30.39
CA VAL A 248 -3.01 29.60 30.66
C VAL A 248 -1.53 29.32 30.90
N PHE A 249 -1.23 28.48 31.87
CA PHE A 249 0.14 28.13 32.22
C PHE A 249 0.39 26.62 32.26
N ALA A 250 1.58 26.22 31.83
CA ALA A 250 2.04 24.86 32.04
C ALA A 250 2.18 24.62 33.53
N LYS A 251 1.75 23.45 34.02
CA LYS A 251 1.90 23.13 35.44
C LYS A 251 2.94 22.02 35.71
N VAL A 252 3.40 21.36 34.65
CA VAL A 252 4.56 20.47 34.76
C VAL A 252 5.42 20.69 33.52
N ASP A 253 6.65 20.19 33.54
CA ASP A 253 7.48 20.29 32.36
C ASP A 253 6.82 19.47 31.24
N ILE A 254 6.90 19.92 30.01
CA ILE A 254 6.24 19.27 28.89
C ILE A 254 7.23 19.07 27.76
N ILE A 255 7.24 17.87 27.19
CA ILE A 255 8.18 17.58 26.11
C ILE A 255 7.44 17.25 24.85
N LEU A 256 7.83 17.93 23.78
CA LEU A 256 7.21 17.78 22.48
C LEU A 256 7.82 16.63 21.67
N LYS A 257 7.12 16.24 20.62
CA LYS A 257 7.61 15.17 19.74
C LYS A 257 8.98 15.51 19.18
N ASN A 258 9.22 16.80 18.94
CA ASN A 258 10.47 17.24 18.30
C ASN A 258 11.61 17.45 19.30
N GLY A 259 11.34 17.19 20.58
CA GLY A 259 12.36 17.27 21.62
C GLY A 259 12.34 18.57 22.39
N VAL A 260 11.68 19.57 21.83
CA VAL A 260 11.55 20.87 22.48
C VAL A 260 10.91 20.71 23.85
N ILE A 261 11.49 21.36 24.85
CA ILE A 261 10.97 21.30 26.21
C ILE A 261 10.25 22.59 26.51
N ILE A 262 9.14 22.52 27.23
CA ILE A 262 8.45 23.69 27.74
C ILE A 262 8.36 23.57 29.26
N LYS A 263 9.05 24.46 29.98
CA LYS A 263 9.17 24.37 31.44
C LYS A 263 7.87 24.65 32.17
N SER A 264 7.67 23.98 33.29
CA SER A 264 6.55 24.26 34.16
C SER A 264 6.51 25.77 34.36
N GLY A 265 5.33 26.35 34.51
CA GLY A 265 5.22 27.80 34.66
C GLY A 265 5.19 28.61 33.36
N THR A 266 5.64 28.04 32.27
CA THR A 266 5.59 28.77 31.00
C THR A 266 4.13 29.10 30.64
N GLU A 267 3.87 30.34 30.22
CA GLU A 267 2.55 30.72 29.73
C GLU A 267 2.26 30.05 28.39
N LEU A 268 1.12 29.34 28.33
CA LEU A 268 0.74 28.56 27.17
C LEU A 268 -0.43 29.19 26.39
N THR A 269 -0.88 30.37 26.80
CA THR A 269 -2.01 31.05 26.15
C THR A 269 -1.97 31.06 24.62
N GLN A 270 -0.77 31.20 24.05
CA GLN A 270 -0.66 31.28 22.60
C GLN A 270 -1.20 30.04 21.90
N TYR A 271 -1.30 28.94 22.63
CA TYR A 271 -1.82 27.68 22.06
C TYR A 271 -3.31 27.44 22.38
N THR A 272 -4.03 28.50 22.71
CA THR A 272 -5.43 28.36 23.10
C THR A 272 -6.32 29.43 22.50
N THR A 273 -7.61 29.10 22.40
CA THR A 273 -8.68 30.08 22.14
C THR A 273 -9.78 29.90 23.22
N ALA A 274 -10.75 30.81 23.27
CA ALA A 274 -11.83 30.63 24.22
C ALA A 274 -13.17 30.82 23.52
N GLU A 275 -14.09 29.91 23.78
CA GLU A 275 -15.44 30.00 23.27
C GLU A 275 -16.23 30.65 24.39
N VAL A 276 -16.79 31.82 24.12
CA VAL A 276 -17.47 32.63 25.14
C VAL A 276 -18.98 32.72 24.82
N ASP A 277 -19.80 32.48 25.84
CA ASP A 277 -21.25 32.55 25.67
C ASP A 277 -21.75 33.50 26.71
N THR A 278 -21.97 34.73 26.28
CA THR A 278 -22.14 35.83 27.21
C THR A 278 -23.56 35.81 27.81
N THR A 279 -24.53 35.43 27.01
CA THR A 279 -25.89 35.26 27.51
C THR A 279 -25.94 34.17 28.58
N LYS A 280 -25.34 33.03 28.28
CA LYS A 280 -25.34 31.92 29.20
C LYS A 280 -24.49 32.22 30.43
N GLY A 281 -23.54 33.14 30.26
CA GLY A 281 -22.52 33.40 31.26
C GLY A 281 -21.47 32.31 31.37
N ALA A 282 -20.83 31.96 30.25
CA ALA A 282 -19.89 30.83 30.25
C ALA A 282 -18.70 31.05 29.33
N ILE A 283 -17.63 30.33 29.60
CA ILE A 283 -16.43 30.38 28.79
C ILE A 283 -15.83 29.00 28.74
N THR A 284 -15.37 28.58 27.55
CA THR A 284 -14.60 27.37 27.40
C THR A 284 -13.22 27.69 26.81
N ILE A 285 -12.19 27.42 27.59
CA ILE A 285 -10.82 27.64 27.16
C ILE A 285 -10.35 26.33 26.53
N LYS A 286 -9.95 26.41 25.26
CA LYS A 286 -9.64 25.23 24.48
C LYS A 286 -8.20 25.25 23.97
N PHE A 287 -7.44 24.20 24.27
CA PHE A 287 -6.12 24.04 23.69
C PHE A 287 -6.31 23.65 22.23
N LYS A 288 -5.52 24.26 21.35
CA LYS A 288 -5.54 23.90 19.95
C LYS A 288 -5.13 22.44 19.78
N GLU A 289 -5.89 21.71 18.97
CA GLU A 289 -5.67 20.30 18.83
C GLU A 289 -4.24 19.99 18.35
N ALA A 290 -3.76 20.74 17.35
CA ALA A 290 -2.43 20.55 16.80
C ALA A 290 -1.31 20.75 17.85
N PHE A 291 -1.46 21.72 18.76
CA PHE A 291 -0.51 21.81 19.87
C PHE A 291 -0.52 20.57 20.76
N LEU A 292 -1.71 20.18 21.19
CA LEU A 292 -1.85 19.00 22.05
C LEU A 292 -1.21 17.78 21.37
N ARG A 293 -1.50 17.62 20.09
CA ARG A 293 -0.99 16.48 19.34
C ARG A 293 0.52 16.52 19.13
N SER A 294 1.13 17.70 19.25
CA SER A 294 2.58 17.84 19.11
C SER A 294 3.32 17.38 20.37
N VAL A 295 2.58 17.20 21.47
CA VAL A 295 3.17 16.73 22.72
C VAL A 295 3.48 15.24 22.66
N SER A 296 4.61 14.85 23.24
CA SER A 296 5.04 13.45 23.18
C SER A 296 4.12 12.56 24.02
N ILE A 297 3.86 11.33 23.58
CA ILE A 297 3.04 10.46 24.39
C ILE A 297 3.77 10.03 25.65
N ASP A 298 5.09 10.23 25.66
CA ASP A 298 5.93 9.86 26.83
C ASP A 298 5.96 10.95 27.87
N SER A 299 5.52 12.15 27.46
CA SER A 299 5.59 13.32 28.32
C SER A 299 4.44 13.40 29.29
N ALA A 300 4.69 13.96 30.46
CA ALA A 300 3.60 14.34 31.34
C ALA A 300 2.98 15.59 30.74
N PHE A 301 1.77 15.93 31.13
CA PHE A 301 1.12 17.14 30.64
C PHE A 301 0.14 17.58 31.69
N GLN A 302 0.20 18.85 32.06
CA GLN A 302 -0.84 19.45 32.87
C GLN A 302 -0.81 20.95 32.63
N ALA A 303 -1.98 21.58 32.65
CA ALA A 303 -2.11 23.03 32.46
C ALA A 303 -3.18 23.58 33.38
N GLU A 304 -3.11 24.88 33.64
CA GLU A 304 -4.07 25.60 34.47
C GLU A 304 -4.42 26.94 33.84
N SER A 305 -5.71 27.26 33.84
CA SER A 305 -6.18 28.53 33.30
C SER A 305 -6.55 29.45 34.43
N TYR A 306 -6.32 30.74 34.21
CA TYR A 306 -6.78 31.77 35.12
C TYR A 306 -7.79 32.61 34.36
N ILE A 307 -9.05 32.65 34.80
CA ILE A 307 -10.02 33.58 34.22
C ILE A 307 -10.25 34.77 35.15
N GLN A 308 -10.08 35.98 34.62
CA GLN A 308 -10.24 37.18 35.41
C GLN A 308 -11.70 37.61 35.52
N MET A 309 -12.17 37.74 36.76
CA MET A 309 -13.56 38.08 37.08
C MET A 309 -13.61 39.36 37.92
N LYS A 310 -14.73 40.07 37.85
CA LYS A 310 -15.00 41.15 38.82
C LYS A 310 -16.26 40.81 39.63
N ARG A 311 -16.16 40.87 40.96
CA ARG A 311 -17.30 40.61 41.84
C ARG A 311 -18.23 41.81 41.80
N ILE A 312 -19.42 41.65 41.22
CA ILE A 312 -20.30 42.79 40.92
C ILE A 312 -21.57 42.92 41.76
N ALA A 313 -21.75 42.05 42.74
CA ALA A 313 -22.93 42.13 43.61
C ALA A 313 -22.57 41.52 44.96
N VAL A 314 -23.43 41.73 45.94
CA VAL A 314 -23.20 41.11 47.25
C VAL A 314 -23.92 39.78 47.28
N GLY A 315 -23.52 38.94 48.21
CA GLY A 315 -24.12 37.63 48.33
C GLY A 315 -23.09 36.53 48.41
N THR A 316 -23.54 35.30 48.22
CA THR A 316 -22.67 34.14 48.25
C THR A 316 -22.70 33.47 46.88
N PHE A 317 -21.53 33.36 46.26
CA PHE A 317 -21.47 32.85 44.90
C PHE A 317 -20.53 31.65 44.76
N GLU A 318 -21.01 30.61 44.11
CA GLU A 318 -20.27 29.41 43.88
C GLU A 318 -19.83 29.27 42.42
N ASN A 319 -18.91 28.47 42.28
CA ASN A 319 -18.38 28.14 40.96
C ASN A 319 -17.79 26.74 40.82
N THR A 320 -17.90 26.13 39.66
CA THR A 320 -17.39 24.82 39.36
C THR A 320 -16.93 24.83 37.91
N TYR A 321 -15.90 24.05 37.58
CA TYR A 321 -15.56 23.91 36.19
C TYR A 321 -15.33 22.44 35.80
N ILE A 322 -15.47 22.18 34.52
CA ILE A 322 -15.32 20.87 33.93
C ILE A 322 -14.07 20.84 33.05
N ASN A 323 -13.16 19.92 33.35
CA ASN A 323 -11.98 19.69 32.52
C ASN A 323 -12.30 18.53 31.59
N THR A 324 -12.35 18.79 30.30
CA THR A 324 -12.61 17.72 29.33
C THR A 324 -11.27 17.28 28.70
N VAL A 325 -10.91 16.02 28.92
CA VAL A 325 -9.67 15.46 28.39
C VAL A 325 -9.98 14.34 27.42
N ASN A 326 -9.61 14.52 26.16
CA ASN A 326 -9.90 13.55 25.12
C ASN A 326 -11.33 13.04 25.16
N GLY A 327 -12.30 13.96 25.27
CA GLY A 327 -13.69 13.61 25.09
C GLY A 327 -14.35 13.12 26.38
N VAL A 328 -13.60 13.14 27.47
CA VAL A 328 -14.14 12.68 28.74
C VAL A 328 -14.23 13.85 29.72
N THR A 329 -15.39 14.04 30.34
CA THR A 329 -15.54 15.18 31.25
C THR A 329 -15.19 14.79 32.68
N TYR A 330 -14.50 15.68 33.39
CA TYR A 330 -14.17 15.50 34.79
C TYR A 330 -14.41 16.83 35.52
N SER A 331 -15.24 16.81 36.56
CA SER A 331 -15.60 18.03 37.26
C SER A 331 -14.61 18.39 38.36
N SER A 332 -14.44 19.69 38.60
CA SER A 332 -13.62 20.11 39.73
C SER A 332 -14.44 20.18 41.02
N ASN A 333 -13.79 20.52 42.12
CA ASN A 333 -14.52 20.87 43.33
C ASN A 333 -15.26 22.17 43.07
N THR A 334 -16.18 22.53 43.96
CA THR A 334 -16.95 23.76 43.84
C THR A 334 -16.48 24.78 44.85
N VAL A 335 -16.07 25.95 44.39
CA VAL A 335 -15.68 27.00 45.32
C VAL A 335 -16.86 27.89 45.70
N LYS A 336 -16.72 28.56 46.83
CA LYS A 336 -17.77 29.44 47.37
C LYS A 336 -17.12 30.64 48.05
N THR A 337 -17.44 31.86 47.58
CA THR A 337 -16.97 33.07 48.25
C THR A 337 -18.13 33.96 48.69
N THR A 338 -17.82 34.86 49.61
CA THR A 338 -18.83 35.75 50.20
C THR A 338 -18.55 37.20 49.84
N THR A 339 -19.61 38.00 49.72
CA THR A 339 -19.45 39.42 49.48
C THR A 339 -20.50 40.21 50.25
N TYR B 2 -46.22 10.43 -24.51
CA TYR B 2 -45.06 11.02 -25.14
C TYR B 2 -43.72 10.70 -24.49
N ILE B 3 -42.74 10.49 -25.31
CA ILE B 3 -41.41 10.25 -24.88
C ILE B 3 -40.77 11.56 -24.55
N LYS B 4 -40.35 11.71 -23.32
CA LYS B 4 -39.52 12.86 -22.98
C LYS B 4 -38.68 12.57 -21.75
N PRO B 5 -37.37 12.70 -21.88
CA PRO B 5 -36.50 12.76 -20.74
C PRO B 5 -36.87 13.95 -19.88
N THR B 6 -36.77 13.76 -18.60
CA THR B 6 -37.02 14.85 -17.69
C THR B 6 -35.88 15.12 -16.70
N LYS B 7 -35.73 16.39 -16.35
CA LYS B 7 -34.71 16.85 -15.43
C LYS B 7 -35.30 17.79 -14.36
N VAL B 8 -35.04 17.46 -13.12
CA VAL B 8 -35.50 18.20 -11.98
C VAL B 8 -34.36 18.37 -10.98
N ASN B 9 -34.32 19.52 -10.36
CA ASN B 9 -33.33 19.82 -9.35
C ASN B 9 -33.90 19.66 -7.95
N LYS B 10 -33.21 18.94 -7.13
CA LYS B 10 -33.62 18.75 -5.73
C LYS B 10 -32.49 19.14 -4.74
N ASN B 11 -32.86 19.59 -3.54
CA ASN B 11 -31.86 19.77 -2.50
C ASN B 11 -31.52 18.44 -1.86
N GLU B 12 -30.71 18.50 -0.81
CA GLU B 12 -30.16 17.30 -0.18
C GLU B 12 -31.25 16.47 0.51
N ASN B 13 -32.40 17.11 0.75
CA ASN B 13 -33.52 16.45 1.38
C ASN B 13 -34.58 16.05 0.38
N GLY B 14 -34.20 15.98 -0.89
CA GLY B 14 -35.15 15.59 -1.94
C GLY B 14 -36.30 16.55 -2.19
N VAL B 15 -36.20 17.76 -1.67
CA VAL B 15 -37.18 18.78 -2.02
C VAL B 15 -36.85 19.36 -3.43
N VAL B 16 -37.89 19.58 -4.24
CA VAL B 16 -37.73 20.19 -5.57
C VAL B 16 -37.33 21.65 -5.48
N ILE B 17 -36.16 22.01 -5.98
CA ILE B 17 -35.71 23.39 -5.91
C ILE B 17 -35.64 24.13 -7.24
N ASP B 18 -36.27 23.57 -8.27
CA ASP B 18 -36.38 24.24 -9.56
C ASP B 18 -36.75 25.67 -9.28
N ASP B 19 -36.09 26.58 -9.97
CA ASP B 19 -36.33 28.00 -9.85
C ASP B 19 -35.98 28.68 -8.54
N LYS B 20 -35.49 27.96 -7.57
CA LYS B 20 -35.11 28.57 -6.33
C LYS B 20 -33.77 29.26 -6.42
N THR B 21 -33.50 30.07 -5.43
CA THR B 21 -32.22 30.73 -5.24
C THR B 21 -31.35 29.70 -4.55
N VAL B 22 -30.09 29.60 -4.98
CA VAL B 22 -29.23 28.49 -4.57
C VAL B 22 -27.89 29.09 -4.19
N LEU B 23 -27.53 28.96 -2.90
CA LEU B 23 -26.30 29.54 -2.36
C LEU B 23 -25.07 28.88 -2.94
N ALA B 24 -24.05 29.69 -3.20
CA ALA B 24 -22.76 29.15 -3.59
C ALA B 24 -22.33 28.13 -2.55
N GLY B 25 -21.77 27.02 -2.99
CA GLY B 25 -21.41 25.93 -2.10
C GLY B 25 -22.52 24.89 -1.94
N SER B 26 -23.76 25.27 -2.23
CA SER B 26 -24.88 24.30 -2.16
C SER B 26 -24.78 23.26 -3.28
N THR B 27 -25.28 22.07 -3.05
CA THR B 27 -25.26 21.05 -4.08
C THR B 27 -26.62 21.00 -4.80
N ASN B 28 -26.55 20.91 -6.14
CA ASN B 28 -27.74 20.67 -6.96
C ASN B 28 -27.85 19.19 -7.19
N TYR B 29 -28.85 18.57 -6.58
CA TYR B 29 -29.04 17.13 -6.72
C TYR B 29 -29.92 16.84 -7.95
N TYR B 30 -29.37 17.13 -9.11
CA TYR B 30 -30.11 16.97 -10.36
C TYR B 30 -30.55 15.52 -10.56
N GLU B 31 -31.82 15.36 -10.91
CA GLU B 31 -32.39 14.04 -11.16
C GLU B 31 -32.79 13.97 -12.63
N LEU B 32 -32.21 13.04 -13.37
CA LEU B 32 -32.45 12.95 -14.78
C LEU B 32 -33.18 11.63 -15.02
N THR B 33 -34.36 11.72 -15.62
CA THR B 33 -35.14 10.52 -15.96
C THR B 33 -34.85 10.08 -17.39
N TRP B 34 -34.50 8.81 -17.57
CA TRP B 34 -34.33 8.22 -18.89
C TRP B 34 -35.65 7.53 -19.23
N ASP B 35 -36.45 8.15 -20.09
CA ASP B 35 -37.82 7.71 -20.37
C ASP B 35 -37.87 6.53 -21.34
N LEU B 36 -37.91 5.30 -20.82
CA LEU B 36 -37.91 4.11 -21.68
C LEU B 36 -39.28 3.39 -21.78
N ASP B 37 -40.29 3.92 -21.08
CA ASP B 37 -41.54 3.17 -20.92
C ASP B 37 -42.36 3.06 -22.21
N GLN B 38 -41.91 3.75 -23.26
CA GLN B 38 -42.62 3.78 -24.52
C GLN B 38 -42.10 2.68 -25.44
N TYR B 39 -41.05 2.00 -25.02
CA TYR B 39 -40.46 0.93 -25.80
C TYR B 39 -40.90 -0.48 -25.38
N LYS B 40 -41.84 -0.59 -24.46
CA LYS B 40 -42.20 -1.88 -23.93
C LYS B 40 -42.64 -2.87 -24.97
N ASN B 41 -42.20 -4.11 -24.80
CA ASN B 41 -42.29 -5.22 -25.76
C ASN B 41 -41.70 -4.97 -27.13
N ASP B 42 -40.76 -4.06 -27.21
CA ASP B 42 -40.09 -3.80 -28.44
C ASP B 42 -39.37 -5.03 -28.89
N ARG B 43 -39.33 -5.23 -30.18
CA ARG B 43 -38.63 -6.38 -30.76
C ARG B 43 -37.82 -5.99 -32.00
N SER B 44 -37.02 -4.94 -31.83
CA SER B 44 -36.18 -4.42 -32.91
C SER B 44 -35.07 -5.39 -33.24
N SER B 45 -34.44 -5.19 -34.39
CA SER B 45 -33.36 -6.04 -34.85
C SER B 45 -32.02 -5.79 -34.13
N ALA B 46 -31.10 -6.72 -34.32
CA ALA B 46 -29.76 -6.63 -33.73
C ALA B 46 -29.11 -5.32 -34.12
N ASP B 47 -29.12 -5.03 -35.42
CA ASP B 47 -28.52 -3.81 -35.92
C ASP B 47 -29.07 -2.54 -35.26
N THR B 48 -30.39 -2.49 -35.06
CA THR B 48 -31.00 -1.32 -34.43
C THR B 48 -30.57 -1.23 -32.96
N ILE B 49 -30.48 -2.39 -32.30
CA ILE B 49 -30.11 -2.41 -30.89
C ILE B 49 -28.67 -1.92 -30.70
N GLN B 50 -27.81 -2.18 -31.68
CA GLN B 50 -26.41 -1.83 -31.60
C GLN B 50 -26.15 -0.34 -31.77
N LYS B 51 -27.18 0.42 -32.12
CA LYS B 51 -26.99 1.86 -32.21
C LYS B 51 -26.85 2.41 -30.81
N GLY B 52 -27.17 1.59 -29.82
CA GLY B 52 -26.85 1.87 -28.44
C GLY B 52 -27.74 2.86 -27.72
N PHE B 53 -27.31 3.24 -26.51
CA PHE B 53 -28.10 4.06 -25.62
C PHE B 53 -27.16 4.95 -24.82
N TYR B 54 -27.38 6.26 -24.90
CA TYR B 54 -26.59 7.25 -24.21
C TYR B 54 -27.52 8.26 -23.57
N TYR B 55 -27.04 8.90 -22.50
CA TYR B 55 -27.76 9.98 -21.85
C TYR B 55 -26.76 11.12 -21.71
N VAL B 56 -27.24 12.34 -21.88
CA VAL B 56 -26.35 13.48 -21.95
C VAL B 56 -26.80 14.48 -20.91
N ASP B 57 -25.90 15.00 -20.10
CA ASP B 57 -26.25 16.20 -19.36
C ASP B 57 -25.36 17.33 -19.80
N ASP B 58 -25.97 18.39 -20.35
CA ASP B 58 -25.24 19.58 -20.75
C ASP B 58 -25.34 20.52 -19.56
N TYR B 59 -24.30 20.53 -18.72
CA TYR B 59 -24.32 21.32 -17.47
C TYR B 59 -23.61 22.68 -17.61
N PRO B 60 -23.96 23.66 -16.76
CA PRO B 60 -23.30 24.96 -16.95
C PRO B 60 -21.92 25.02 -16.25
N GLU B 61 -20.83 24.74 -16.96
CA GLU B 61 -19.53 24.57 -16.32
C GLU B 61 -18.93 25.88 -15.77
N GLU B 62 -19.45 27.02 -16.21
CA GLU B 62 -19.02 28.31 -15.69
C GLU B 62 -19.60 28.54 -14.29
N ALA B 63 -20.62 27.77 -13.92
CA ALA B 63 -21.27 27.97 -12.61
C ALA B 63 -21.15 26.79 -11.67
N LEU B 64 -21.07 25.59 -12.20
CA LEU B 64 -21.18 24.40 -11.39
C LEU B 64 -19.99 23.49 -11.60
N GLU B 65 -19.63 22.78 -10.53
CA GLU B 65 -18.64 21.73 -10.59
C GLU B 65 -19.31 20.40 -10.28
N LEU B 66 -18.91 19.40 -11.02
CA LEU B 66 -19.41 18.09 -10.83
C LEU B 66 -18.95 17.48 -9.51
N ARG B 67 -19.81 16.64 -8.99
CA ARG B 67 -19.48 15.76 -7.93
C ARG B 67 -19.70 14.38 -8.45
N GLN B 68 -18.83 13.97 -9.35
CA GLN B 68 -18.98 12.76 -10.12
C GLN B 68 -18.99 11.51 -9.30
N ASP B 69 -18.43 11.55 -8.12
CA ASP B 69 -18.36 10.35 -7.30
C ASP B 69 -19.68 10.11 -6.56
N LEU B 70 -20.57 11.09 -6.67
CA LEU B 70 -21.88 11.00 -6.05
C LEU B 70 -22.95 10.67 -7.07
N VAL B 71 -22.54 10.49 -8.32
CA VAL B 71 -23.46 10.08 -9.36
C VAL B 71 -24.02 8.71 -9.05
N LYS B 72 -25.33 8.58 -9.01
CA LYS B 72 -25.90 7.25 -8.88
C LYS B 72 -27.01 7.04 -9.90
N ILE B 73 -27.09 5.83 -10.43
CA ILE B 73 -28.02 5.50 -11.48
C ILE B 73 -28.87 4.34 -10.97
N THR B 74 -30.18 4.56 -10.84
CA THR B 74 -31.11 3.54 -10.34
C THR B 74 -32.37 3.29 -11.19
N ASP B 75 -33.00 2.13 -10.94
CA ASP B 75 -34.24 1.64 -11.56
C ASP B 75 -35.46 2.44 -11.26
N ALA B 76 -36.49 2.09 -12.01
CA ALA B 76 -37.83 2.53 -11.72
C ALA B 76 -38.37 1.67 -10.59
N ASN B 77 -37.86 1.87 -9.39
CA ASN B 77 -38.27 1.10 -8.25
C ASN B 77 -37.17 1.01 -7.25
N GLY B 78 -36.15 1.82 -7.45
CA GLY B 78 -35.11 2.03 -6.47
C GLY B 78 -33.82 1.27 -6.70
N ASN B 79 -33.87 0.25 -7.53
CA ASN B 79 -32.71 -0.63 -7.72
C ASN B 79 -31.49 0.00 -8.40
N GLU B 80 -30.31 -0.56 -8.17
CA GLU B 80 -29.09 -0.02 -8.76
C GLU B 80 -28.95 -0.52 -10.18
N VAL B 81 -28.53 0.36 -11.10
CA VAL B 81 -28.24 -0.05 -12.46
C VAL B 81 -26.76 -0.31 -12.67
N THR B 82 -26.42 -1.40 -13.35
CA THR B 82 -25.03 -1.65 -13.73
C THR B 82 -24.87 -1.58 -15.25
N GLY B 83 -23.62 -1.51 -15.71
CA GLY B 83 -23.35 -1.51 -17.14
C GLY B 83 -23.46 -0.15 -17.78
N VAL B 84 -23.59 0.89 -16.99
CA VAL B 84 -23.65 2.23 -17.55
C VAL B 84 -22.52 3.08 -16.99
N SER B 85 -21.57 3.46 -17.84
CA SER B 85 -20.47 4.32 -17.40
C SER B 85 -20.76 5.81 -17.60
N VAL B 86 -20.12 6.64 -16.79
CA VAL B 86 -20.25 8.07 -16.94
C VAL B 86 -18.89 8.65 -17.33
N ASP B 87 -18.88 9.48 -18.38
CA ASP B 87 -17.68 10.20 -18.74
C ASP B 87 -17.99 11.69 -18.82
N ASN B 88 -17.04 12.49 -18.37
CA ASN B 88 -17.19 13.93 -18.35
C ASN B 88 -16.24 14.59 -19.38
N TYR B 89 -16.82 15.37 -20.30
CA TYR B 89 -16.02 16.06 -21.28
C TYR B 89 -15.99 17.58 -21.07
N THR B 90 -14.80 18.18 -21.18
CA THR B 90 -14.64 19.61 -20.92
C THR B 90 -15.09 20.42 -22.13
N SER B 91 -15.08 19.80 -23.30
CA SER B 91 -15.63 20.43 -24.51
C SER B 91 -15.89 19.34 -25.53
N LEU B 92 -16.63 19.68 -26.58
CA LEU B 92 -16.94 18.72 -27.63
C LEU B 92 -15.66 18.20 -28.30
N GLU B 93 -14.67 19.08 -28.44
CA GLU B 93 -13.39 18.76 -29.04
C GLU B 93 -12.66 17.68 -28.26
N ALA B 94 -12.80 17.72 -26.94
CA ALA B 94 -12.14 16.75 -26.07
C ALA B 94 -12.79 15.38 -26.14
N ALA B 95 -13.96 15.29 -26.78
CA ALA B 95 -14.72 14.03 -26.80
C ALA B 95 -14.22 13.12 -27.92
N PRO B 96 -14.21 11.80 -27.70
CA PRO B 96 -13.76 10.93 -28.80
C PRO B 96 -14.71 10.98 -30.00
N GLN B 97 -14.20 10.55 -31.13
CA GLN B 97 -14.94 10.54 -32.38
C GLN B 97 -16.31 9.87 -32.24
N GLU B 98 -16.33 8.71 -31.60
CA GLU B 98 -17.56 7.96 -31.42
C GLU B 98 -18.63 8.81 -30.80
N ILE B 99 -18.24 9.61 -29.79
CA ILE B 99 -19.18 10.43 -29.04
C ILE B 99 -19.64 11.63 -29.87
N ARG B 100 -18.72 12.27 -30.59
CA ARG B 100 -19.08 13.38 -31.46
C ARG B 100 -20.04 12.94 -32.58
N ASP B 101 -19.79 11.77 -33.15
CA ASP B 101 -20.71 11.22 -34.15
C ASP B 101 -22.11 10.97 -33.57
N VAL B 102 -22.20 10.25 -32.46
CA VAL B 102 -23.51 9.97 -31.87
C VAL B 102 -24.27 11.26 -31.64
N LEU B 103 -23.59 12.24 -31.07
CA LEU B 103 -24.21 13.54 -30.78
C LEU B 103 -24.67 14.21 -32.07
N SER B 104 -23.78 14.22 -33.06
CA SER B 104 -24.02 14.88 -34.34
C SER B 104 -25.25 14.28 -35.04
N LYS B 105 -25.27 12.96 -35.12
CA LYS B 105 -26.35 12.23 -35.77
C LYS B 105 -27.66 12.35 -34.99
N ALA B 106 -27.57 12.70 -33.72
CA ALA B 106 -28.77 12.85 -32.90
C ALA B 106 -29.25 14.29 -32.91
N GLY B 107 -28.51 15.17 -33.57
CA GLY B 107 -28.87 16.58 -33.60
C GLY B 107 -28.69 17.31 -32.27
N ILE B 108 -27.73 16.86 -31.47
CA ILE B 108 -27.47 17.44 -30.16
C ILE B 108 -26.09 18.09 -30.15
N ARG B 109 -26.02 19.38 -29.80
CA ARG B 109 -24.71 20.03 -29.64
C ARG B 109 -24.61 20.73 -28.31
N PRO B 110 -23.93 20.11 -27.34
CA PRO B 110 -23.75 20.69 -26.00
C PRO B 110 -22.97 21.99 -26.10
N LYS B 111 -23.19 22.88 -25.15
CA LYS B 111 -22.38 24.08 -25.04
C LYS B 111 -21.32 23.84 -23.96
N GLY B 112 -20.05 24.12 -24.22
CA GLY B 112 -19.03 23.84 -23.23
C GLY B 112 -18.96 22.38 -22.77
N ALA B 113 -18.98 22.17 -21.46
CA ALA B 113 -18.73 20.86 -20.87
C ALA B 113 -20.01 20.06 -20.78
N PHE B 114 -19.91 18.74 -20.71
CA PHE B 114 -21.10 17.90 -20.70
C PHE B 114 -20.75 16.51 -20.26
N GLN B 115 -21.70 15.85 -19.61
CA GLN B 115 -21.52 14.47 -19.20
C GLN B 115 -22.20 13.52 -20.16
N ILE B 116 -21.59 12.36 -20.37
CA ILE B 116 -22.19 11.30 -21.16
C ILE B 116 -22.33 10.04 -20.30
N PHE B 117 -23.52 9.47 -20.27
CA PHE B 117 -23.77 8.18 -19.63
C PHE B 117 -23.95 7.24 -20.80
N ARG B 118 -23.21 6.16 -20.81
CA ARG B 118 -23.15 5.29 -21.96
C ARG B 118 -23.45 3.87 -21.49
N ALA B 119 -24.38 3.17 -22.15
CA ALA B 119 -24.57 1.77 -21.83
C ALA B 119 -23.47 0.99 -22.51
N ASP B 120 -22.69 0.28 -21.71
CA ASP B 120 -21.50 -0.44 -22.17
C ASP B 120 -21.84 -1.68 -23.03
N ASN B 121 -22.95 -2.34 -22.73
CA ASN B 121 -23.39 -3.43 -23.62
C ASN B 121 -24.83 -3.15 -24.07
N PRO B 122 -24.99 -2.54 -25.26
CA PRO B 122 -26.32 -2.19 -25.78
C PRO B 122 -27.34 -3.34 -25.65
N ARG B 123 -26.98 -4.51 -26.19
CA ARG B 123 -27.88 -5.66 -26.16
C ARG B 123 -28.40 -6.02 -24.76
N GLU B 124 -27.52 -5.98 -23.77
CA GLU B 124 -27.90 -6.30 -22.40
C GLU B 124 -28.70 -5.17 -21.71
N PHE B 125 -28.39 -3.93 -22.05
CA PHE B 125 -29.14 -2.78 -21.56
C PHE B 125 -30.55 -2.83 -22.18
N TYR B 126 -30.59 -3.05 -23.49
CA TYR B 126 -31.86 -3.22 -24.22
C TYR B 126 -32.69 -4.36 -23.61
N ASP B 127 -32.10 -5.54 -23.42
CA ASP B 127 -32.85 -6.66 -22.86
C ASP B 127 -33.40 -6.32 -21.50
N THR B 128 -32.58 -5.64 -20.70
CA THR B 128 -32.91 -5.38 -19.30
C THR B 128 -33.89 -4.23 -19.04
N TYR B 129 -33.79 -3.13 -19.80
CA TYR B 129 -34.56 -1.91 -19.46
C TYR B 129 -35.38 -1.31 -20.62
N VAL B 130 -34.98 -1.57 -21.85
CA VAL B 130 -35.64 -0.92 -22.97
C VAL B 130 -36.91 -1.69 -23.34
N LYS B 131 -36.73 -2.93 -23.79
CA LYS B 131 -37.84 -3.78 -24.19
C LYS B 131 -38.77 -4.08 -23.03
N THR B 132 -38.32 -3.79 -21.80
CA THR B 132 -39.16 -3.92 -20.61
C THR B 132 -39.79 -2.58 -20.22
N GLY B 133 -39.34 -1.50 -20.85
CA GLY B 133 -39.86 -0.18 -20.54
C GLY B 133 -39.62 0.25 -19.09
N ILE B 134 -38.44 -0.07 -18.56
CA ILE B 134 -38.11 0.35 -17.20
C ILE B 134 -37.36 1.69 -17.24
N ASP B 135 -38.04 2.75 -16.84
CA ASP B 135 -37.42 4.06 -16.73
C ASP B 135 -36.21 4.05 -15.79
N LEU B 136 -35.19 4.86 -16.07
CA LEU B 136 -34.02 4.98 -15.18
C LEU B 136 -33.95 6.34 -14.52
N LYS B 137 -33.36 6.36 -13.32
CA LYS B 137 -33.08 7.63 -12.65
C LYS B 137 -31.58 7.83 -12.53
N ILE B 138 -31.12 8.96 -13.01
CA ILE B 138 -29.73 9.32 -12.84
C ILE B 138 -29.68 10.48 -11.88
N VAL B 139 -28.98 10.32 -10.76
CA VAL B 139 -28.74 11.47 -9.91
C VAL B 139 -27.33 11.92 -10.23
N SER B 140 -27.16 13.20 -10.57
CA SER B 140 -25.85 13.73 -10.93
C SER B 140 -25.57 15.04 -10.19
N PRO B 141 -25.06 14.94 -8.95
CA PRO B 141 -24.97 16.15 -8.11
C PRO B 141 -23.84 17.09 -8.55
N MET B 142 -24.10 18.38 -8.48
CA MET B 142 -23.18 19.38 -8.98
C MET B 142 -23.19 20.58 -8.03
N VAL B 143 -21.99 21.05 -7.64
CA VAL B 143 -21.90 22.14 -6.66
C VAL B 143 -21.80 23.51 -7.29
N VAL B 144 -22.45 24.50 -6.69
CA VAL B 144 -22.29 25.86 -7.18
C VAL B 144 -20.94 26.43 -6.78
N LYS B 145 -20.19 26.94 -7.76
CA LYS B 145 -18.89 27.56 -7.53
C LYS B 145 -18.97 28.75 -6.56
N LYS B 146 -17.95 28.93 -5.72
CA LYS B 146 -17.91 30.05 -4.78
C LYS B 146 -18.01 31.38 -5.51
N GLN B 147 -17.35 31.43 -6.68
CA GLN B 147 -17.35 32.61 -7.54
C GLN B 147 -18.76 33.16 -7.87
N MET B 148 -19.73 32.28 -8.10
CA MET B 148 -21.09 32.70 -8.41
C MET B 148 -21.68 33.51 -7.27
N GLY B 149 -21.18 33.26 -6.06
CA GLY B 149 -21.60 33.99 -4.88
C GLY B 149 -21.02 35.40 -4.83
N GLN B 150 -19.89 35.59 -5.47
CA GLN B 150 -19.33 36.93 -5.56
C GLN B 150 -20.15 37.75 -6.54
N THR B 151 -20.44 37.15 -7.70
CA THR B 151 -21.08 37.88 -8.78
C THR B 151 -22.61 37.78 -8.72
N GLY B 152 -23.13 36.65 -8.25
CA GLY B 152 -24.53 36.34 -8.40
C GLY B 152 -24.76 35.98 -9.86
N GLY B 153 -25.96 35.51 -10.19
CA GLY B 153 -26.26 35.18 -11.58
C GLY B 153 -27.10 33.91 -11.72
N SER B 154 -27.59 33.68 -12.93
CA SER B 154 -28.41 32.50 -13.21
C SER B 154 -27.58 31.38 -13.83
N TYR B 155 -28.12 30.19 -13.84
CA TYR B 155 -27.57 29.03 -14.51
C TYR B 155 -28.63 28.04 -14.93
N GLU B 156 -28.43 27.40 -16.05
CA GLU B 156 -29.35 26.42 -16.61
C GLU B 156 -28.72 25.09 -16.83
N ASN B 157 -29.54 24.07 -16.70
CA ASN B 157 -29.19 22.70 -16.88
C ASN B 157 -30.17 21.95 -17.79
N GLN B 158 -29.65 21.18 -18.72
CA GLN B 158 -30.44 20.44 -19.69
C GLN B 158 -29.87 19.10 -19.92
N ALA B 159 -30.73 18.14 -20.16
CA ALA B 159 -30.39 16.78 -20.47
C ALA B 159 -30.88 16.27 -21.83
N TYR B 160 -30.37 15.12 -22.29
CA TYR B 160 -30.90 14.53 -23.51
C TYR B 160 -30.79 13.05 -23.39
N GLN B 161 -31.75 12.31 -23.96
CA GLN B 161 -31.57 10.88 -24.07
C GLN B 161 -31.42 10.47 -25.54
N ILE B 162 -30.59 9.46 -25.78
CA ILE B 162 -30.31 9.01 -27.13
C ILE B 162 -30.51 7.49 -27.26
N ASP B 163 -31.62 7.11 -27.90
CA ASP B 163 -32.02 5.70 -27.99
C ASP B 163 -31.92 5.26 -29.44
N PHE B 164 -31.13 4.23 -29.69
CA PHE B 164 -30.92 3.75 -31.05
C PHE B 164 -30.43 4.88 -31.95
N GLY B 165 -29.72 5.86 -31.40
CA GLY B 165 -29.18 6.94 -32.21
C GLY B 165 -30.05 8.18 -32.36
N ASN B 166 -31.30 8.08 -31.88
CA ASN B 166 -32.27 9.16 -31.92
C ASN B 166 -32.24 9.99 -30.65
N GLY B 167 -32.14 11.32 -30.77
CA GLY B 167 -32.10 12.19 -29.62
C GLY B 167 -33.43 12.78 -29.19
N TYR B 168 -33.64 12.85 -27.88
CA TYR B 168 -34.82 13.46 -27.27
C TYR B 168 -34.31 14.39 -26.18
N ALA B 169 -34.79 15.62 -26.19
CA ALA B 169 -34.34 16.68 -25.30
C ALA B 169 -35.21 16.83 -24.05
N SER B 170 -34.59 17.10 -22.90
CA SER B 170 -35.34 17.25 -21.67
C SER B 170 -35.78 18.70 -21.53
N ASN B 171 -36.66 18.95 -20.55
CA ASN B 171 -36.92 20.32 -20.11
C ASN B 171 -35.64 20.95 -19.56
N ILE B 172 -35.61 22.27 -19.51
CA ILE B 172 -34.48 23.03 -18.96
C ILE B 172 -34.79 23.53 -17.55
N VAL B 173 -33.88 23.27 -16.61
CA VAL B 173 -34.10 23.68 -15.22
C VAL B 173 -33.16 24.83 -14.89
N ILE B 174 -33.75 25.93 -14.41
CA ILE B 174 -33.05 27.18 -14.15
C ILE B 174 -32.98 27.46 -12.65
N ASN B 175 -31.91 28.10 -12.21
CA ASN B 175 -31.73 28.52 -10.81
C ASN B 175 -30.91 29.79 -10.79
N ASN B 176 -30.82 30.43 -9.64
CA ASN B 176 -30.00 31.63 -9.50
C ASN B 176 -29.22 31.67 -8.19
N VAL B 177 -28.12 32.39 -8.18
CA VAL B 177 -27.25 32.45 -7.03
C VAL B 177 -27.28 33.86 -6.49
N PRO B 178 -27.48 34.01 -5.18
CA PRO B 178 -27.50 35.34 -4.56
C PRO B 178 -26.09 35.89 -4.44
N LYS B 179 -25.90 37.18 -4.75
CA LYS B 179 -24.64 37.83 -4.53
C LYS B 179 -24.52 38.14 -3.04
N ILE B 180 -23.57 37.49 -2.37
CA ILE B 180 -23.41 37.71 -0.93
C ILE B 180 -22.33 38.76 -0.70
N ASN B 181 -22.73 39.89 -0.15
CA ASN B 181 -21.87 41.07 -0.10
C ASN B 181 -21.71 41.73 1.28
N PRO B 182 -20.81 41.18 2.12
CA PRO B 182 -20.67 41.68 3.50
C PRO B 182 -20.06 43.06 3.48
N LYS B 183 -20.48 43.91 4.42
CA LYS B 183 -19.97 45.27 4.55
C LYS B 183 -19.38 45.53 5.93
N LYS B 184 -18.44 46.44 6.02
CA LYS B 184 -17.82 46.86 7.26
C LYS B 184 -17.91 48.35 7.44
N ASP B 185 -18.44 48.73 8.57
CA ASP B 185 -18.60 50.11 8.94
C ASP B 185 -17.90 50.32 10.29
N VAL B 186 -17.67 51.57 10.62
CA VAL B 186 -17.11 52.00 11.89
C VAL B 186 -18.06 52.95 12.58
N THR B 187 -18.50 52.62 13.77
CA THR B 187 -19.47 53.46 14.45
C THR B 187 -19.01 53.85 15.85
N LEU B 188 -19.53 54.98 16.34
CA LEU B 188 -19.23 55.46 17.69
C LEU B 188 -20.31 55.02 18.66
N THR B 189 -21.42 54.53 18.13
CA THR B 189 -22.53 54.06 18.96
C THR B 189 -22.92 52.63 18.63
N LEU B 190 -23.51 51.97 19.63
CA LEU B 190 -23.96 50.59 19.51
C LEU B 190 -25.41 50.50 19.01
N ASP B 191 -25.96 51.63 18.55
CA ASP B 191 -27.35 51.71 18.10
C ASP B 191 -27.53 51.32 16.63
N PRO B 192 -28.16 50.20 16.35
CA PRO B 192 -28.34 49.80 14.97
C PRO B 192 -29.32 50.64 14.21
N ALA B 193 -30.04 51.56 14.79
CA ALA B 193 -30.71 52.57 13.96
C ALA B 193 -29.82 53.75 13.66
N ASP B 194 -28.81 53.94 14.47
CA ASP B 194 -27.94 55.12 14.41
C ASP B 194 -27.19 55.38 13.15
N THR B 195 -27.37 54.58 12.16
CA THR B 195 -26.75 54.90 10.84
C THR B 195 -25.43 55.59 10.40
N ASN B 196 -24.80 56.35 11.26
CA ASN B 196 -23.50 56.95 11.02
C ASN B 196 -22.33 55.97 10.74
N ASN B 197 -21.37 56.34 9.91
CA ASN B 197 -20.21 55.55 9.62
C ASN B 197 -18.98 56.44 9.58
N VAL B 198 -18.00 56.24 10.45
CA VAL B 198 -16.80 57.07 10.50
C VAL B 198 -15.61 56.46 9.78
N ASP B 199 -15.88 55.50 8.92
CA ASP B 199 -14.84 54.94 8.07
C ASP B 199 -14.13 56.10 7.35
N GLY B 200 -12.81 56.00 7.25
CA GLY B 200 -12.02 57.00 6.56
C GLY B 200 -11.72 58.26 7.35
N GLN B 201 -12.32 58.39 8.54
CA GLN B 201 -12.12 59.58 9.36
C GLN B 201 -11.10 59.33 10.48
N THR B 202 -11.08 60.22 11.45
CA THR B 202 -10.09 60.16 12.51
C THR B 202 -10.71 59.85 13.86
N ILE B 203 -10.18 58.84 14.54
CA ILE B 203 -10.66 58.45 15.86
C ILE B 203 -9.65 58.86 16.95
N PRO B 204 -10.10 59.66 17.92
CA PRO B 204 -9.23 60.12 19.01
C PRO B 204 -8.66 58.96 19.81
N LEU B 205 -7.37 59.07 20.11
CA LEU B 205 -6.66 58.14 20.98
C LEU B 205 -7.47 57.79 22.20
N ASN B 206 -7.55 56.49 22.50
CA ASN B 206 -8.29 55.96 23.66
C ASN B 206 -9.84 56.04 23.57
N THR B 207 -10.36 56.34 22.38
CA THR B 207 -11.79 56.29 22.14
C THR B 207 -12.26 54.83 22.09
N VAL B 208 -13.31 54.54 22.84
CA VAL B 208 -14.05 53.31 22.66
C VAL B 208 -15.02 53.49 21.47
N PHE B 209 -14.99 52.56 20.53
CA PHE B 209 -15.84 52.65 19.35
C PHE B 209 -16.26 51.24 18.92
N ASN B 210 -16.91 51.12 17.76
CA ASN B 210 -17.32 49.78 17.31
C ASN B 210 -17.00 49.53 15.83
N TYR B 211 -16.69 48.28 15.50
CA TYR B 211 -16.76 47.83 14.11
C TYR B 211 -18.11 47.15 13.91
N ARG B 212 -18.85 47.60 12.91
CA ARG B 212 -20.16 47.09 12.58
C ARG B 212 -19.98 46.14 11.38
N LEU B 213 -20.18 44.85 11.61
CA LEU B 213 -19.91 43.83 10.62
C LEU B 213 -21.26 43.40 10.05
N ILE B 214 -21.58 43.87 8.85
CA ILE B 214 -22.88 43.64 8.27
C ILE B 214 -22.84 42.38 7.41
N GLY B 215 -23.66 41.39 7.77
CA GLY B 215 -23.66 40.12 7.05
C GLY B 215 -24.21 40.24 5.65
N GLY B 216 -24.08 39.18 4.87
CA GLY B 216 -24.60 39.22 3.51
C GLY B 216 -26.09 38.99 3.58
N ILE B 217 -26.81 39.34 2.52
CA ILE B 217 -28.24 39.04 2.45
C ILE B 217 -28.53 37.67 1.87
N ILE B 218 -29.25 36.85 2.62
CA ILE B 218 -29.77 35.60 2.06
C ILE B 218 -31.26 35.77 1.73
N PRO B 219 -31.62 35.73 0.43
CA PRO B 219 -33.00 36.06 0.01
C PRO B 219 -34.00 34.95 0.31
N ALA B 220 -35.28 35.33 0.39
CA ALA B 220 -36.35 34.34 0.50
C ALA B 220 -36.28 33.25 -0.57
N ASN B 221 -36.85 32.09 -0.25
CA ASN B 221 -37.02 31.00 -1.22
C ASN B 221 -35.67 30.35 -1.62
N HIS B 222 -34.89 29.90 -0.64
CA HIS B 222 -33.57 29.33 -0.93
C HIS B 222 -33.61 27.85 -0.79
N SER B 223 -32.59 27.17 -1.34
CA SER B 223 -32.73 25.74 -1.62
C SER B 223 -32.33 24.86 -0.45
N GLU B 224 -31.52 25.40 0.47
CA GLU B 224 -31.09 24.65 1.66
C GLU B 224 -31.36 25.41 2.96
N GLU B 225 -31.38 24.68 4.06
CA GLU B 225 -31.37 25.27 5.39
C GLU B 225 -30.07 26.04 5.60
N LEU B 226 -30.17 27.17 6.29
CA LEU B 226 -29.01 27.85 6.85
C LEU B 226 -28.44 27.02 7.97
N PHE B 227 -27.14 26.76 7.94
CA PHE B 227 -26.52 26.04 9.05
C PHE B 227 -25.25 26.73 9.58
N GLU B 228 -24.77 27.73 8.85
CA GLU B 228 -23.61 28.48 9.29
C GLU B 228 -23.66 29.92 8.83
N TYR B 229 -23.48 30.85 9.76
CA TYR B 229 -23.44 32.28 9.42
C TYR B 229 -22.54 32.94 10.46
N ASN B 230 -21.25 33.08 10.13
CA ASN B 230 -20.23 33.61 11.05
C ASN B 230 -19.69 34.96 10.65
N PHE B 231 -19.19 35.71 11.63
CA PHE B 231 -18.47 36.94 11.36
C PHE B 231 -17.07 36.75 11.93
N TYR B 232 -16.08 36.68 11.05
CA TYR B 232 -14.70 36.50 11.47
C TYR B 232 -13.94 37.78 11.28
N ASP B 233 -13.27 38.23 12.33
CA ASP B 233 -12.55 39.47 12.22
C ASP B 233 -11.19 39.34 12.87
N ASP B 234 -10.15 39.43 12.06
CA ASP B 234 -8.77 39.45 12.56
C ASP B 234 -8.38 40.92 12.48
N TYR B 235 -8.49 41.61 13.62
CA TYR B 235 -8.32 43.05 13.68
C TYR B 235 -6.88 43.38 14.02
N ASP B 236 -6.47 44.64 13.91
CA ASP B 236 -5.07 44.96 14.14
C ASP B 236 -4.88 45.37 15.58
N GLN B 237 -4.50 44.41 16.42
CA GLN B 237 -4.29 44.67 17.85
C GLN B 237 -3.19 45.70 18.18
N THR B 238 -2.37 46.11 17.21
CA THR B 238 -1.39 47.15 17.55
C THR B 238 -2.12 48.50 17.60
N GLY B 239 -3.28 48.56 16.94
CA GLY B 239 -4.09 49.77 16.97
C GLY B 239 -5.39 49.60 17.74
N ASP B 240 -5.98 48.41 17.64
CA ASP B 240 -7.32 48.16 18.17
C ASP B 240 -7.31 47.08 19.26
N HIS B 241 -7.93 47.38 20.40
CA HIS B 241 -8.03 46.42 21.49
C HIS B 241 -9.48 46.00 21.64
N TYR B 242 -9.77 44.72 21.45
CA TYR B 242 -11.14 44.23 21.63
C TYR B 242 -11.47 44.29 23.11
N THR B 243 -12.56 44.98 23.47
CA THR B 243 -12.93 45.16 24.87
C THR B 243 -13.67 43.98 25.48
N GLY B 244 -14.00 42.98 24.66
CA GLY B 244 -14.72 41.83 25.17
C GLY B 244 -16.24 41.91 25.04
N GLN B 245 -16.75 42.95 24.39
CA GLN B 245 -18.19 43.08 24.26
C GLN B 245 -18.61 43.11 22.78
N TYR B 246 -19.61 42.30 22.44
CA TYR B 246 -20.17 42.30 21.10
C TYR B 246 -21.67 42.10 21.24
N LYS B 247 -22.40 42.64 20.26
CA LYS B 247 -23.84 42.39 20.12
C LYS B 247 -24.10 42.04 18.66
N VAL B 248 -25.16 41.28 18.42
CA VAL B 248 -25.57 40.90 17.07
C VAL B 248 -27.03 41.28 16.88
N PHE B 249 -27.40 41.87 15.75
CA PHE B 249 -28.78 42.31 15.46
C PHE B 249 -29.32 41.79 14.11
N ALA B 250 -30.62 41.54 14.05
CA ALA B 250 -31.28 41.24 12.79
C ALA B 250 -31.16 42.48 11.91
N LYS B 251 -30.91 42.32 10.61
CA LYS B 251 -30.90 43.50 9.73
C LYS B 251 -32.07 43.56 8.72
N VAL B 252 -32.89 42.52 8.72
CA VAL B 252 -34.15 42.50 7.98
C VAL B 252 -35.11 41.69 8.84
N ASP B 253 -36.41 41.79 8.55
CA ASP B 253 -37.38 40.94 9.24
C ASP B 253 -37.07 39.48 8.94
N ILE B 254 -36.94 38.68 9.99
CA ILE B 254 -36.62 37.28 9.84
C ILE B 254 -37.80 36.42 10.29
N ILE B 255 -38.29 35.57 9.40
CA ILE B 255 -39.41 34.71 9.73
C ILE B 255 -38.96 33.31 10.05
N LEU B 256 -39.33 32.81 11.23
CA LEU B 256 -38.97 31.47 11.63
C LEU B 256 -40.02 30.46 11.13
N LYS B 257 -39.65 29.19 11.07
CA LYS B 257 -40.54 28.12 10.63
C LYS B 257 -41.86 28.06 11.40
N ASN B 258 -41.86 28.51 12.66
CA ASN B 258 -43.03 28.38 13.55
C ASN B 258 -43.95 29.59 13.48
N GLY B 259 -43.57 30.58 12.69
CA GLY B 259 -44.41 31.74 12.48
C GLY B 259 -43.91 32.97 13.22
N VAL B 260 -43.06 32.77 14.23
CA VAL B 260 -42.40 33.90 14.90
C VAL B 260 -41.70 34.84 13.90
N ILE B 261 -41.85 36.14 14.12
CA ILE B 261 -41.18 37.13 13.30
C ILE B 261 -40.18 37.94 14.13
N ILE B 262 -38.90 37.85 13.78
CA ILE B 262 -37.86 38.67 14.43
C ILE B 262 -37.68 39.94 13.61
N LYS B 263 -38.11 41.08 14.15
CA LYS B 263 -38.11 42.33 13.40
C LYS B 263 -36.69 42.86 13.21
N SER B 264 -36.49 43.60 12.13
CA SER B 264 -35.22 44.22 11.86
C SER B 264 -34.76 45.07 13.06
N GLY B 265 -33.48 45.01 13.38
CA GLY B 265 -32.96 45.78 14.50
C GLY B 265 -33.09 45.09 15.86
N THR B 266 -33.83 44.00 15.92
CA THR B 266 -33.96 43.24 17.18
C THR B 266 -32.66 42.50 17.48
N GLU B 267 -32.29 42.38 18.75
CA GLU B 267 -31.01 41.78 19.12
C GLU B 267 -31.04 40.26 19.07
N LEU B 268 -30.05 39.67 18.38
CA LEU B 268 -29.98 38.21 18.18
C LEU B 268 -28.85 37.54 19.00
N THR B 269 -28.16 38.35 19.79
CA THR B 269 -26.97 37.90 20.51
C THR B 269 -27.12 36.56 21.24
N GLN B 270 -28.29 36.32 21.81
CA GLN B 270 -28.51 35.10 22.59
C GLN B 270 -28.41 33.83 21.75
N TYR B 271 -28.54 33.96 20.44
CA TYR B 271 -28.34 32.80 19.56
C TYR B 271 -26.92 32.69 19.01
N THR B 272 -25.93 33.27 19.69
CA THR B 272 -24.54 33.21 19.23
C THR B 272 -23.56 32.91 20.36
N THR B 273 -22.37 32.46 19.98
CA THR B 273 -21.22 32.45 20.87
C THR B 273 -20.07 33.09 20.11
N ALA B 274 -18.98 33.36 20.80
CA ALA B 274 -17.85 33.98 20.13
C ALA B 274 -16.63 33.19 20.45
N GLU B 275 -15.81 32.96 19.44
CA GLU B 275 -14.56 32.29 19.67
C GLU B 275 -13.47 33.37 19.58
N VAL B 276 -12.75 33.55 20.69
CA VAL B 276 -11.81 34.64 20.84
C VAL B 276 -10.37 34.10 20.81
N ASP B 277 -9.52 34.74 20.02
CA ASP B 277 -8.12 34.35 19.95
C ASP B 277 -7.31 35.59 20.29
N THR B 278 -7.03 35.75 21.57
CA THR B 278 -6.41 36.96 22.07
C THR B 278 -4.97 37.11 21.55
N THR B 279 -4.26 36.00 21.39
CA THR B 279 -2.90 36.04 20.90
C THR B 279 -2.84 36.54 19.47
N LYS B 280 -3.69 35.99 18.62
CA LYS B 280 -3.70 36.39 17.24
C LYS B 280 -4.42 37.74 17.09
N GLY B 281 -5.18 38.14 18.10
CA GLY B 281 -6.03 39.32 18.01
C GLY B 281 -7.20 39.13 17.06
N ALA B 282 -8.07 38.17 17.38
CA ALA B 282 -9.20 37.84 16.52
C ALA B 282 -10.40 37.32 17.29
N ILE B 283 -11.55 37.35 16.63
CA ILE B 283 -12.82 36.90 17.20
C ILE B 283 -13.65 36.34 16.05
N THR B 284 -14.31 35.21 16.31
CA THR B 284 -15.30 34.69 15.37
C THR B 284 -16.65 34.63 16.08
N ILE B 285 -17.59 35.42 15.60
CA ILE B 285 -18.93 35.40 16.18
C ILE B 285 -19.68 34.35 15.38
N LYS B 286 -20.17 33.32 16.05
CA LYS B 286 -20.85 32.19 15.42
C LYS B 286 -22.35 32.07 15.83
N PHE B 287 -23.26 32.11 14.86
CA PHE B 287 -24.65 31.78 15.14
C PHE B 287 -24.71 30.31 15.48
N LYS B 288 -25.57 29.95 16.43
CA LYS B 288 -25.83 28.55 16.75
C LYS B 288 -26.62 27.92 15.62
N GLU B 289 -26.23 26.71 15.22
CA GLU B 289 -26.82 26.04 14.06
C GLU B 289 -28.31 25.77 14.25
N ALA B 290 -28.69 25.30 15.42
CA ALA B 290 -30.09 25.06 15.73
C ALA B 290 -30.94 26.29 15.45
N PHE B 291 -30.51 27.47 15.89
CA PHE B 291 -31.23 28.70 15.54
C PHE B 291 -31.30 28.95 14.03
N LEU B 292 -30.20 28.79 13.33
CA LEU B 292 -30.19 29.03 11.88
C LEU B 292 -31.12 28.08 11.12
N ARG B 293 -31.14 26.82 11.53
CA ARG B 293 -32.02 25.87 10.86
C ARG B 293 -33.51 26.12 11.20
N SER B 294 -33.78 26.99 12.17
CA SER B 294 -35.17 27.32 12.51
C SER B 294 -35.70 28.42 11.61
N VAL B 295 -34.80 29.10 10.92
CA VAL B 295 -35.25 30.13 9.98
C VAL B 295 -36.02 29.44 8.86
N SER B 296 -37.05 30.11 8.35
CA SER B 296 -37.83 29.54 7.27
C SER B 296 -37.06 29.60 5.96
N ILE B 297 -37.08 28.50 5.22
CA ILE B 297 -36.57 28.47 3.85
C ILE B 297 -37.10 29.65 3.02
N ASP B 298 -38.30 30.12 3.33
CA ASP B 298 -38.89 31.23 2.57
C ASP B 298 -38.77 32.60 3.24
N SER B 299 -37.82 32.74 4.17
CA SER B 299 -37.53 34.05 4.72
C SER B 299 -36.18 34.52 4.24
N ALA B 300 -36.06 35.82 4.03
CA ALA B 300 -34.78 36.45 3.91
C ALA B 300 -34.08 36.30 5.26
N PHE B 301 -32.76 36.49 5.27
CA PHE B 301 -32.00 36.46 6.51
C PHE B 301 -30.80 37.39 6.35
N GLN B 302 -30.52 38.21 7.35
CA GLN B 302 -29.36 39.10 7.31
C GLN B 302 -29.16 39.57 8.73
N ALA B 303 -27.93 39.52 9.22
CA ALA B 303 -27.66 39.99 10.58
C ALA B 303 -26.36 40.77 10.58
N GLU B 304 -26.11 41.52 11.65
CA GLU B 304 -24.91 42.32 11.74
C GLU B 304 -24.39 42.23 13.16
N SER B 305 -23.08 42.25 13.32
CA SER B 305 -22.46 42.21 14.64
C SER B 305 -21.76 43.52 14.92
N TYR B 306 -21.83 43.99 16.17
CA TYR B 306 -20.98 45.08 16.62
C TYR B 306 -19.90 44.50 17.54
N ILE B 307 -18.63 44.75 17.22
CA ILE B 307 -17.56 44.41 18.15
C ILE B 307 -16.98 45.70 18.72
N GLN B 308 -17.00 45.80 20.04
CA GLN B 308 -16.57 47.01 20.74
C GLN B 308 -15.06 47.01 20.89
N MET B 309 -14.41 48.06 20.37
CA MET B 309 -12.96 48.17 20.36
C MET B 309 -12.53 49.40 21.12
N LYS B 310 -11.25 49.44 21.50
CA LYS B 310 -10.66 50.66 22.04
C LYS B 310 -9.40 51.01 21.24
N ARG B 311 -9.37 52.21 20.65
CA ARG B 311 -8.21 52.72 19.93
C ARG B 311 -7.11 53.01 20.94
N ILE B 312 -5.96 52.35 20.81
CA ILE B 312 -4.93 52.37 21.86
C ILE B 312 -3.57 52.85 21.35
N ALA B 313 -3.50 53.26 20.09
CA ALA B 313 -2.25 53.75 19.53
C ALA B 313 -2.46 54.74 18.39
N VAL B 314 -1.56 55.72 18.29
CA VAL B 314 -1.47 56.60 17.14
C VAL B 314 -1.16 55.78 15.89
N GLY B 315 -1.67 56.21 14.74
CA GLY B 315 -1.35 55.55 13.49
C GLY B 315 -2.53 55.46 12.53
N THR B 316 -2.39 54.61 11.51
CA THR B 316 -3.45 54.33 10.55
C THR B 316 -3.72 52.83 10.57
N PHE B 317 -4.92 52.43 10.97
CA PHE B 317 -5.24 51.03 11.10
C PHE B 317 -6.38 50.61 10.20
N GLU B 318 -6.25 49.44 9.60
CA GLU B 318 -7.28 48.86 8.78
C GLU B 318 -8.03 47.72 9.51
N ASN B 319 -9.22 47.40 9.01
CA ASN B 319 -10.00 46.24 9.39
C ASN B 319 -10.84 45.70 8.24
N THR B 320 -10.81 44.40 8.05
CA THR B 320 -11.67 43.72 7.08
C THR B 320 -12.32 42.59 7.87
N TYR B 321 -13.50 42.12 7.47
CA TYR B 321 -14.04 40.93 8.10
C TYR B 321 -14.58 39.96 7.08
N ILE B 322 -14.67 38.71 7.50
CA ILE B 322 -15.08 37.61 6.66
C ILE B 322 -16.43 37.07 7.13
N ASN B 323 -17.43 37.09 6.26
CA ASN B 323 -18.75 36.54 6.58
C ASN B 323 -18.79 35.15 5.94
N THR B 324 -18.91 34.12 6.77
CA THR B 324 -18.92 32.76 6.28
C THR B 324 -20.36 32.26 6.28
N VAL B 325 -20.85 31.83 5.11
CA VAL B 325 -22.23 31.35 4.97
C VAL B 325 -22.28 29.94 4.40
N ASN B 326 -22.83 29.01 5.19
CA ASN B 326 -22.86 27.61 4.79
C ASN B 326 -21.54 27.16 4.17
N GLY B 327 -20.43 27.35 4.88
CA GLY B 327 -19.14 26.81 4.47
C GLY B 327 -18.35 27.66 3.49
N VAL B 328 -18.93 28.77 3.06
CA VAL B 328 -18.33 29.60 2.00
C VAL B 328 -17.95 30.98 2.55
N THR B 329 -16.70 31.42 2.30
CA THR B 329 -16.19 32.65 2.90
C THR B 329 -16.41 33.83 1.98
N TYR B 330 -16.88 34.95 2.54
CA TYR B 330 -17.02 36.21 1.81
C TYR B 330 -16.34 37.36 2.57
N SER B 331 -15.56 38.15 1.85
CA SER B 331 -14.80 39.22 2.46
C SER B 331 -15.51 40.58 2.41
N SER B 332 -15.51 41.31 3.51
CA SER B 332 -16.10 42.64 3.45
C SER B 332 -15.15 43.61 2.78
N ASN B 333 -15.61 44.86 2.60
CA ASN B 333 -14.73 45.96 2.25
C ASN B 333 -13.82 46.25 3.44
N THR B 334 -12.74 46.97 3.17
CA THR B 334 -11.75 47.28 4.17
C THR B 334 -11.93 48.73 4.64
N VAL B 335 -12.13 48.92 5.93
CA VAL B 335 -12.22 50.27 6.47
C VAL B 335 -10.83 50.70 6.93
N LYS B 336 -10.66 51.99 7.19
CA LYS B 336 -9.35 52.55 7.52
C LYS B 336 -9.62 53.80 8.32
N THR B 337 -9.15 53.85 9.55
CA THR B 337 -9.22 55.06 10.35
C THR B 337 -7.81 55.53 10.67
N THR B 338 -7.69 56.75 11.18
CA THR B 338 -6.39 57.27 11.60
C THR B 338 -6.51 57.86 12.98
N THR B 339 -5.43 57.81 13.76
CA THR B 339 -5.44 58.33 15.11
C THR B 339 -4.20 59.17 15.43
N ASN C 1 -49.93 17.39 32.60
CA ASN C 1 -50.11 16.04 33.12
C ASN C 1 -48.78 15.29 33.47
N TYR C 2 -48.96 14.02 33.77
CA TYR C 2 -48.10 13.15 34.51
C TYR C 2 -46.66 13.08 34.09
N ILE C 3 -45.77 13.12 35.05
CA ILE C 3 -44.36 12.86 34.84
C ILE C 3 -44.14 11.40 34.44
N LYS C 4 -43.72 11.17 33.22
CA LYS C 4 -43.60 9.81 32.73
C LYS C 4 -42.51 9.61 31.66
N PRO C 5 -41.37 9.02 32.03
CA PRO C 5 -40.35 8.69 31.04
C PRO C 5 -40.94 7.61 30.16
N THR C 6 -40.66 7.67 28.88
CA THR C 6 -41.10 6.67 27.95
C THR C 6 -39.96 6.10 27.14
N LYS C 7 -40.12 4.85 26.71
CA LYS C 7 -39.15 4.15 25.88
C LYS C 7 -39.82 3.40 24.72
N VAL C 8 -39.40 3.73 23.51
CA VAL C 8 -39.89 3.12 22.26
C VAL C 8 -38.71 2.48 21.50
N ASN C 9 -38.94 1.34 20.86
CA ASN C 9 -37.88 0.69 20.06
C ASN C 9 -38.08 0.99 18.58
N LYS C 10 -37.04 1.45 17.90
CA LYS C 10 -37.13 1.81 16.49
C LYS C 10 -36.08 1.06 15.64
N ASN C 11 -36.43 0.66 14.41
CA ASN C 11 -35.39 0.16 13.52
C ASN C 11 -34.49 1.26 12.99
N GLU C 12 -33.65 0.92 12.02
CA GLU C 12 -32.68 1.86 11.49
C GLU C 12 -33.36 3.02 10.76
N ASN C 13 -34.54 2.76 10.20
CA ASN C 13 -35.29 3.82 9.52
C ASN C 13 -36.28 4.58 10.40
N GLY C 14 -36.16 4.45 11.72
CA GLY C 14 -37.05 5.17 12.63
C GLY C 14 -38.49 4.66 12.63
N VAL C 15 -38.69 3.44 12.12
CA VAL C 15 -39.97 2.77 12.24
C VAL C 15 -40.09 2.16 13.63
N VAL C 16 -41.21 2.37 14.32
CA VAL C 16 -41.45 1.77 15.62
C VAL C 16 -41.50 0.23 15.56
N ILE C 17 -40.73 -0.45 16.42
CA ILE C 17 -40.65 -1.92 16.31
C ILE C 17 -41.05 -2.70 17.57
N ASP C 18 -41.62 -1.99 18.52
CA ASP C 18 -42.17 -2.60 19.71
C ASP C 18 -42.88 -3.89 19.34
N ASP C 19 -42.56 -4.94 20.06
CA ASP C 19 -43.20 -6.20 19.88
C ASP C 19 -42.83 -6.99 18.59
N LYS C 20 -41.88 -6.53 17.82
CA LYS C 20 -41.52 -7.23 16.62
C LYS C 20 -40.49 -8.30 16.88
N THR C 21 -40.48 -9.30 16.03
CA THR C 21 -39.39 -10.26 16.04
C THR C 21 -38.17 -9.49 15.47
N VAL C 22 -37.02 -9.60 16.15
CA VAL C 22 -35.81 -8.87 15.79
C VAL C 22 -34.65 -9.85 15.58
N LEU C 23 -34.11 -9.87 14.36
CA LEU C 23 -33.10 -10.85 13.97
C LEU C 23 -31.76 -10.67 14.71
N ALA C 24 -31.18 -11.79 15.14
CA ALA C 24 -29.84 -11.76 15.70
C ALA C 24 -28.95 -10.90 14.81
N GLY C 25 -28.21 -10.00 15.44
CA GLY C 25 -27.34 -9.09 14.71
C GLY C 25 -28.02 -7.78 14.38
N SER C 26 -29.33 -7.70 14.55
CA SER C 26 -30.02 -6.43 14.24
C SER C 26 -29.78 -5.43 15.36
N THR C 27 -29.93 -4.14 15.06
CA THR C 27 -29.82 -3.14 16.10
C THR C 27 -31.23 -2.70 16.59
N ASN C 28 -31.37 -2.52 17.90
CA ASN C 28 -32.56 -1.92 18.48
C ASN C 28 -32.24 -0.47 18.74
N TYR C 29 -32.85 0.43 17.98
CA TYR C 29 -32.55 1.84 18.16
C TYR C 29 -33.46 2.43 19.24
N TYR C 30 -33.17 2.08 20.49
CA TYR C 30 -33.97 2.50 21.64
C TYR C 30 -33.97 4.01 21.75
N GLU C 31 -35.14 4.56 21.98
CA GLU C 31 -35.31 5.99 22.14
C GLU C 31 -36.01 6.24 23.48
N LEU C 32 -35.34 6.95 24.37
CA LEU C 32 -35.87 7.16 25.71
C LEU C 32 -36.13 8.67 25.97
N THR C 33 -37.30 9.02 26.49
CA THR C 33 -37.53 10.44 26.83
C THR C 33 -37.40 10.71 28.32
N TRP C 34 -36.69 11.79 28.63
CA TRP C 34 -36.54 12.23 30.01
C TRP C 34 -37.53 13.39 30.22
N ASP C 35 -38.59 13.13 31.01
CA ASP C 35 -39.72 14.04 31.13
C ASP C 35 -39.46 15.12 32.17
N LEU C 36 -39.04 16.28 31.72
CA LEU C 36 -38.75 17.37 32.64
C LEU C 36 -39.81 18.49 32.61
N ASP C 37 -40.81 18.34 31.76
CA ASP C 37 -41.68 19.47 31.46
C ASP C 37 -42.62 19.86 32.60
N GLN C 38 -42.61 19.11 33.71
CA GLN C 38 -43.47 19.42 34.84
C GLN C 38 -42.73 20.12 35.98
N TYR C 39 -41.50 20.59 35.74
CA TYR C 39 -40.65 21.13 36.81
C TYR C 39 -40.46 22.67 36.79
N LYS C 40 -41.17 23.37 35.92
CA LYS C 40 -41.03 24.83 35.81
C LYS C 40 -41.25 25.60 37.12
N ASN C 41 -41.93 24.99 38.08
CA ASN C 41 -42.19 25.63 39.38
C ASN C 41 -41.38 25.06 40.53
N ASP C 42 -40.29 24.39 40.22
CA ASP C 42 -39.51 23.78 41.25
C ASP C 42 -38.81 24.84 42.08
N ARG C 43 -38.75 24.60 43.37
CA ARG C 43 -38.05 25.48 44.28
C ARG C 43 -37.26 24.58 45.23
N SER C 44 -36.76 23.45 44.74
CA SER C 44 -35.96 22.59 45.62
C SER C 44 -34.71 23.32 46.14
N SER C 45 -34.13 22.79 47.20
CA SER C 45 -33.00 23.41 47.87
C SER C 45 -31.67 23.17 47.17
N ALA C 46 -30.61 23.74 47.67
CA ALA C 46 -29.29 23.51 47.09
C ALA C 46 -28.80 22.09 47.31
N ASP C 47 -29.02 21.56 48.48
CA ASP C 47 -28.96 20.15 48.63
C ASP C 47 -30.16 19.72 47.81
N THR C 48 -30.40 18.44 47.71
CA THR C 48 -31.41 17.98 46.78
C THR C 48 -30.85 18.22 45.41
N ILE C 49 -30.89 19.44 44.95
CA ILE C 49 -30.46 19.71 43.61
C ILE C 49 -29.06 19.13 43.46
N GLN C 50 -28.28 19.29 44.50
CA GLN C 50 -26.91 18.81 44.50
C GLN C 50 -26.83 17.29 44.40
N LYS C 51 -27.87 16.59 44.83
CA LYS C 51 -27.88 15.13 44.77
C LYS C 51 -27.77 14.65 43.32
N GLY C 52 -28.27 15.46 42.39
CA GLY C 52 -28.03 15.21 40.99
C GLY C 52 -29.28 14.80 40.22
N PHE C 53 -29.07 14.46 38.94
CA PHE C 53 -30.13 13.99 38.07
C PHE C 53 -29.64 12.83 37.22
N TYR C 54 -30.39 11.73 37.25
CA TYR C 54 -29.94 10.55 36.55
C TYR C 54 -31.06 9.97 35.70
N TYR C 55 -30.67 9.38 34.58
CA TYR C 55 -31.54 8.54 33.76
C TYR C 55 -30.90 7.16 33.69
N VAL C 56 -31.73 6.11 33.68
CA VAL C 56 -31.25 4.75 33.84
C VAL C 56 -31.85 3.92 32.74
N ASP C 57 -31.04 3.17 32.01
CA ASP C 57 -31.63 2.14 31.17
C ASP C 57 -31.24 0.75 31.65
N ASP C 58 -32.22 0.00 32.11
CA ASP C 58 -32.00 -1.37 32.55
C ASP C 58 -32.14 -2.31 31.34
N TYR C 59 -31.04 -2.59 30.65
CA TYR C 59 -31.10 -3.33 29.39
C TYR C 59 -30.86 -4.82 29.61
N PRO C 60 -31.39 -5.68 28.72
CA PRO C 60 -31.23 -7.12 28.98
C PRO C 60 -29.88 -7.64 28.47
N GLU C 61 -28.87 -7.69 29.34
CA GLU C 61 -27.49 -7.90 28.90
C GLU C 61 -27.22 -9.31 28.42
N GLU C 62 -28.10 -10.25 28.74
CA GLU C 62 -27.95 -11.58 28.18
C GLU C 62 -28.49 -11.68 26.74
N ALA C 63 -29.14 -10.62 26.27
CA ALA C 63 -29.64 -10.62 24.88
C ALA C 63 -28.97 -9.58 23.99
N LEU C 64 -28.60 -8.44 24.56
CA LEU C 64 -28.13 -7.31 23.77
C LEU C 64 -26.75 -6.83 24.15
N GLU C 65 -26.03 -6.25 23.20
CA GLU C 65 -24.78 -5.56 23.49
C GLU C 65 -24.92 -4.09 23.15
N LEU C 66 -24.38 -3.26 24.00
CA LEU C 66 -24.33 -1.86 23.80
C LEU C 66 -23.46 -1.44 22.61
N ARG C 67 -24.02 -0.50 21.87
CA ARG C 67 -23.30 0.33 20.97
C ARG C 67 -23.19 1.72 21.55
N GLN C 68 -22.43 1.82 22.60
CA GLN C 68 -22.27 3.01 23.39
C GLN C 68 -21.94 4.24 22.62
N ASP C 69 -21.32 4.04 21.50
CA ASP C 69 -20.76 5.17 20.76
C ASP C 69 -21.74 5.74 19.74
N LEU C 70 -22.87 5.07 19.58
CA LEU C 70 -23.96 5.58 18.76
C LEU C 70 -25.01 6.31 19.63
N VAL C 71 -24.70 6.48 20.91
CA VAL C 71 -25.59 7.19 21.85
C VAL C 71 -25.72 8.67 21.51
N LYS C 72 -26.96 9.14 21.31
CA LYS C 72 -27.21 10.58 21.07
C LYS C 72 -28.23 11.10 22.06
N ILE C 73 -28.00 12.31 22.54
CA ILE C 73 -28.84 12.95 23.53
C ILE C 73 -29.21 14.34 23.01
N THR C 74 -30.49 14.55 22.70
CA THR C 74 -30.93 15.86 22.19
C THR C 74 -32.10 16.41 23.03
N ASP C 75 -32.23 17.73 23.13
CA ASP C 75 -33.37 18.27 23.88
C ASP C 75 -34.59 18.51 22.99
N ALA C 76 -35.67 19.05 23.56
CA ALA C 76 -36.91 19.23 22.79
C ALA C 76 -36.85 20.46 21.89
N ASN C 77 -35.89 21.35 22.14
CA ASN C 77 -35.57 22.48 21.26
C ASN C 77 -34.48 22.18 20.22
N GLY C 78 -34.22 20.90 19.97
CA GLY C 78 -33.28 20.50 18.94
C GLY C 78 -31.81 20.70 19.29
N ASN C 79 -31.55 21.60 20.25
CA ASN C 79 -30.19 21.80 20.73
C ASN C 79 -29.57 20.54 21.36
N GLU C 80 -28.53 20.01 20.73
CA GLU C 80 -27.87 18.83 21.29
C GLU C 80 -27.55 19.09 22.75
N VAL C 81 -27.53 18.04 23.56
CA VAL C 81 -27.30 18.16 24.99
C VAL C 81 -25.82 18.15 25.38
N THR C 82 -25.47 18.93 26.40
CA THR C 82 -24.14 18.86 26.96
C THR C 82 -24.25 18.73 28.47
N GLY C 83 -23.23 18.15 29.08
CA GLY C 83 -23.20 18.03 30.52
C GLY C 83 -23.91 16.77 30.98
N VAL C 84 -24.20 15.88 30.05
CA VAL C 84 -24.70 14.56 30.42
C VAL C 84 -23.72 13.50 29.95
N SER C 85 -23.05 12.84 30.88
CA SER C 85 -22.19 11.74 30.51
C SER C 85 -22.94 10.42 30.73
N VAL C 86 -22.55 9.39 29.97
CA VAL C 86 -23.15 8.07 30.09
C VAL C 86 -22.15 7.01 30.61
N ASP C 87 -22.53 6.27 31.64
CA ASP C 87 -21.70 5.19 32.15
C ASP C 87 -22.47 3.87 32.11
N ASN C 88 -21.79 2.79 31.76
CA ASN C 88 -22.46 1.50 31.67
C ASN C 88 -21.91 0.63 32.81
N TYR C 89 -22.79 0.02 33.59
CA TYR C 89 -22.36 -0.85 34.69
C TYR C 89 -22.71 -2.33 34.48
N THR C 90 -21.71 -3.19 34.69
CA THR C 90 -21.87 -4.61 34.46
C THR C 90 -22.74 -5.23 35.52
N SER C 91 -22.82 -4.59 36.69
CA SER C 91 -23.75 -5.05 37.72
C SER C 91 -23.84 -3.95 38.76
N LEU C 92 -24.74 -4.11 39.73
CA LEU C 92 -24.87 -3.10 40.76
C LEU C 92 -23.58 -2.93 41.57
N GLU C 93 -22.84 -4.02 41.79
CA GLU C 93 -21.69 -3.98 42.71
C GLU C 93 -20.48 -3.38 42.04
N ALA C 94 -20.52 -3.31 40.71
CA ALA C 94 -19.49 -2.58 39.99
C ALA C 94 -19.75 -1.06 40.07
N ALA C 95 -20.97 -0.69 40.39
CA ALA C 95 -21.35 0.73 40.40
C ALA C 95 -20.77 1.46 41.62
N PRO C 96 -20.43 2.72 41.48
CA PRO C 96 -19.95 3.49 42.61
C PRO C 96 -21.00 3.65 43.68
N GLN C 97 -20.60 3.99 44.90
CA GLN C 97 -21.51 4.17 45.99
C GLN C 97 -22.56 5.23 45.75
N GLU C 98 -22.18 6.38 45.22
CA GLU C 98 -23.15 7.39 44.84
C GLU C 98 -24.25 6.78 44.03
N ILE C 99 -23.87 5.99 43.05
CA ILE C 99 -24.89 5.42 42.15
C ILE C 99 -25.76 4.43 42.91
N ARG C 100 -25.12 3.50 43.64
CA ARG C 100 -25.89 2.54 44.43
C ARG C 100 -26.85 3.27 45.37
N ASP C 101 -26.36 4.31 46.06
CA ASP C 101 -27.20 5.10 46.95
C ASP C 101 -28.38 5.75 46.25
N VAL C 102 -28.14 6.34 45.09
CA VAL C 102 -29.24 7.04 44.40
C VAL C 102 -30.29 6.05 43.97
N LEU C 103 -29.90 4.94 43.41
CA LEU C 103 -30.81 3.91 43.02
C LEU C 103 -31.60 3.36 44.20
N SER C 104 -30.89 3.06 45.27
CA SER C 104 -31.50 2.52 46.48
C SER C 104 -32.56 3.45 47.05
N LYS C 105 -32.22 4.73 47.23
CA LYS C 105 -33.16 5.70 47.80
C LYS C 105 -34.38 5.91 46.90
N ALA C 106 -34.23 5.64 45.61
CA ALA C 106 -35.31 5.86 44.63
C ALA C 106 -36.20 4.65 44.43
N GLY C 107 -35.85 3.53 45.03
CA GLY C 107 -36.62 2.31 44.88
C GLY C 107 -36.38 1.51 43.60
N ILE C 108 -35.21 1.69 43.00
CA ILE C 108 -34.91 1.06 41.73
C ILE C 108 -33.78 0.05 41.88
N ARG C 109 -34.05 -1.18 41.48
CA ARG C 109 -33.03 -2.23 41.48
C ARG C 109 -32.91 -2.80 40.08
N PRO C 110 -31.90 -2.35 39.32
CA PRO C 110 -31.63 -2.88 37.98
C PRO C 110 -31.24 -4.35 38.06
N LYS C 111 -31.83 -5.17 37.22
CA LYS C 111 -31.41 -6.55 37.13
C LYS C 111 -30.14 -6.66 36.29
N GLY C 112 -29.05 -7.18 36.82
CA GLY C 112 -27.87 -7.33 35.98
C GLY C 112 -27.23 -6.00 35.55
N ALA C 113 -26.92 -5.84 34.27
CA ALA C 113 -26.22 -4.64 33.81
C ALA C 113 -27.18 -3.49 33.52
N PHE C 114 -26.74 -2.25 33.65
CA PHE C 114 -27.58 -1.11 33.29
C PHE C 114 -26.74 0.10 32.87
N GLN C 115 -27.32 1.02 32.11
CA GLN C 115 -26.68 2.29 31.81
C GLN C 115 -27.19 3.42 32.70
N ILE C 116 -26.31 4.34 33.02
CA ILE C 116 -26.68 5.50 33.79
C ILE C 116 -26.30 6.71 32.99
N PHE C 117 -27.26 7.59 32.72
CA PHE C 117 -26.96 8.92 32.17
C PHE C 117 -27.00 9.91 33.29
N ARG C 118 -25.88 10.58 33.54
CA ARG C 118 -25.71 11.38 34.73
C ARG C 118 -25.42 12.83 34.38
N ALA C 119 -25.98 13.78 35.12
CA ALA C 119 -25.71 15.18 34.81
C ALA C 119 -24.39 15.51 35.44
N ASP C 120 -23.44 15.97 34.63
CA ASP C 120 -22.09 16.36 35.07
C ASP C 120 -22.10 17.43 36.16
N ASN C 121 -22.97 18.42 36.00
CA ASN C 121 -23.07 19.55 36.93
C ASN C 121 -24.55 19.73 37.23
N PRO C 122 -25.00 19.23 38.40
CA PRO C 122 -26.42 19.27 38.78
C PRO C 122 -27.01 20.68 38.71
N ARG C 123 -26.31 21.65 39.31
CA ARG C 123 -26.78 23.05 39.25
C ARG C 123 -27.02 23.54 37.82
N GLU C 124 -26.04 23.34 36.94
CA GLU C 124 -26.18 23.81 35.57
C GLU C 124 -27.21 23.02 34.82
N PHE C 125 -27.24 21.71 35.05
CA PHE C 125 -28.24 20.88 34.39
C PHE C 125 -29.62 21.38 34.83
N TYR C 126 -29.74 21.65 36.13
CA TYR C 126 -30.97 22.16 36.71
C TYR C 126 -31.42 23.45 36.02
N ASP C 127 -30.56 24.48 36.04
CA ASP C 127 -30.90 25.78 35.43
C ASP C 127 -31.14 25.68 33.94
N THR C 128 -30.50 24.72 33.29
CA THR C 128 -30.57 24.61 31.83
C THR C 128 -31.78 23.85 31.30
N TYR C 129 -32.06 22.67 31.88
CA TYR C 129 -33.14 21.83 31.37
C TYR C 129 -34.31 21.58 32.35
N VAL C 130 -34.03 21.56 33.64
CA VAL C 130 -35.05 21.15 34.61
C VAL C 130 -36.01 22.31 34.96
N LYS C 131 -35.44 23.38 35.54
CA LYS C 131 -36.19 24.59 35.92
C LYS C 131 -36.90 25.17 34.70
N THR C 132 -36.38 24.89 33.52
CA THR C 132 -36.93 25.43 32.29
C THR C 132 -37.86 24.43 31.66
N GLY C 133 -37.91 23.22 32.22
CA GLY C 133 -38.84 22.20 31.75
C GLY C 133 -38.63 21.74 30.31
N ILE C 134 -37.39 21.44 29.93
CA ILE C 134 -37.13 20.98 28.57
C ILE C 134 -36.91 19.48 28.53
N ASP C 135 -37.79 18.75 27.83
CA ASP C 135 -37.64 17.30 27.72
C ASP C 135 -36.36 16.88 26.96
N LEU C 136 -35.66 15.85 27.46
CA LEU C 136 -34.54 15.26 26.72
C LEU C 136 -34.91 13.96 25.99
N LYS C 137 -34.25 13.72 24.87
CA LYS C 137 -34.42 12.47 24.14
C LYS C 137 -33.07 11.78 24.06
N ILE C 138 -33.05 10.49 24.42
CA ILE C 138 -31.81 9.74 24.42
C ILE C 138 -32.02 8.58 23.47
N VAL C 139 -31.09 8.45 22.50
CA VAL C 139 -31.06 7.26 21.65
C VAL C 139 -29.90 6.38 22.12
N SER C 140 -30.18 5.11 22.35
CA SER C 140 -29.18 4.21 22.92
C SER C 140 -29.28 2.88 22.24
N PRO C 141 -28.60 2.75 21.10
CA PRO C 141 -28.72 1.58 20.24
C PRO C 141 -28.06 0.34 20.85
N MET C 142 -28.73 -0.81 20.77
CA MET C 142 -28.22 -2.06 21.31
C MET C 142 -28.41 -3.15 20.30
N VAL C 143 -27.33 -3.86 19.99
CA VAL C 143 -27.35 -4.95 19.01
C VAL C 143 -27.76 -6.27 19.65
N VAL C 144 -28.59 -7.05 18.95
CA VAL C 144 -28.95 -8.40 19.42
C VAL C 144 -27.75 -9.39 19.26
N LYS C 145 -27.44 -10.10 20.34
CA LYS C 145 -26.38 -11.12 20.33
C LYS C 145 -26.64 -12.22 19.32
N LYS C 146 -25.59 -12.60 18.60
CA LYS C 146 -25.65 -13.75 17.71
C LYS C 146 -26.22 -14.97 18.45
N GLN C 147 -25.85 -15.10 19.72
CA GLN C 147 -26.25 -16.28 20.49
C GLN C 147 -27.78 -16.39 20.60
N MET C 148 -28.48 -15.25 20.55
CA MET C 148 -29.94 -15.26 20.65
C MET C 148 -30.55 -15.89 19.41
N GLY C 149 -29.83 -15.79 18.29
CA GLY C 149 -30.28 -16.36 17.03
C GLY C 149 -30.19 -17.87 17.04
N GLN C 150 -29.36 -18.39 17.94
CA GLN C 150 -29.17 -19.83 18.01
C GLN C 150 -30.25 -20.41 18.90
N THR C 151 -30.66 -19.64 19.91
CA THR C 151 -31.62 -20.13 20.90
C THR C 151 -33.06 -19.68 20.65
N GLY C 152 -33.22 -18.48 20.10
CA GLY C 152 -34.52 -17.83 20.16
C GLY C 152 -34.72 -17.22 21.54
N GLY C 153 -35.77 -16.43 21.72
CA GLY C 153 -36.10 -15.93 23.04
C GLY C 153 -36.61 -14.50 23.05
N SER C 154 -37.19 -14.11 24.16
CA SER C 154 -37.62 -12.76 24.39
C SER C 154 -36.57 -12.00 25.16
N TYR C 155 -36.65 -10.71 25.00
CA TYR C 155 -35.96 -9.74 25.79
C TYR C 155 -36.84 -8.53 26.02
N GLU C 156 -36.58 -7.80 27.10
CA GLU C 156 -37.38 -6.62 27.43
C GLU C 156 -36.53 -5.55 28.10
N ASN C 157 -36.54 -4.33 27.56
CA ASN C 157 -35.79 -3.21 28.12
C ASN C 157 -36.69 -2.24 28.88
N GLN C 158 -36.11 -1.54 29.82
CA GLN C 158 -36.87 -0.58 30.62
C GLN C 158 -35.99 0.56 31.11
N ALA C 159 -36.57 1.75 31.18
CA ALA C 159 -35.86 2.93 31.64
C ALA C 159 -36.43 3.54 32.93
N TYR C 160 -35.67 4.41 33.56
CA TYR C 160 -36.16 5.14 34.73
C TYR C 160 -35.55 6.52 34.62
N GLN C 161 -36.22 7.52 35.16
CA GLN C 161 -35.58 8.81 35.42
C GLN C 161 -35.62 9.08 36.91
N ILE C 162 -34.59 9.74 37.43
CA ILE C 162 -34.51 10.08 38.83
C ILE C 162 -34.15 11.56 39.00
N ASP C 163 -35.13 12.36 39.39
CA ASP C 163 -34.95 13.81 39.57
C ASP C 163 -35.18 14.17 41.03
N PHE C 164 -34.24 14.90 41.62
CA PHE C 164 -34.35 15.31 43.01
C PHE C 164 -34.43 14.10 43.92
N GLY C 165 -33.96 12.96 43.44
CA GLY C 165 -33.95 11.74 44.23
C GLY C 165 -35.20 10.90 44.07
N ASN C 166 -36.18 11.44 43.33
CA ASN C 166 -37.43 10.75 43.04
C ASN C 166 -37.39 9.97 41.72
N GLY C 167 -37.72 8.69 41.78
CA GLY C 167 -37.66 7.81 40.61
C GLY C 167 -39.00 7.67 39.90
N TYR C 168 -38.95 7.60 38.56
CA TYR C 168 -40.14 7.37 37.76
C TYR C 168 -39.78 6.32 36.72
N ALA C 169 -40.64 5.31 36.54
CA ALA C 169 -40.33 4.19 35.67
C ALA C 169 -41.08 4.29 34.36
N SER C 170 -40.39 3.96 33.26
CA SER C 170 -41.02 4.01 31.95
C SER C 170 -41.84 2.74 31.72
N ASN C 171 -42.52 2.68 30.59
CA ASN C 171 -43.09 1.43 30.08
C ASN C 171 -42.00 0.44 29.66
N ILE C 172 -42.39 -0.82 29.55
CA ILE C 172 -41.46 -1.89 29.22
C ILE C 172 -41.67 -2.32 27.77
N VAL C 173 -40.62 -2.24 26.96
CA VAL C 173 -40.70 -2.67 25.56
C VAL C 173 -40.16 -4.07 25.36
N ILE C 174 -40.96 -4.92 24.71
CA ILE C 174 -40.63 -6.33 24.58
C ILE C 174 -40.39 -6.70 23.11
N ASN C 175 -39.40 -7.54 22.87
CA ASN C 175 -39.17 -8.06 21.52
C ASN C 175 -38.83 -9.53 21.61
N ASN C 176 -38.84 -10.24 20.47
CA ASN C 176 -38.37 -11.62 20.48
C ASN C 176 -37.43 -11.91 19.33
N VAL C 177 -36.62 -12.95 19.46
CA VAL C 177 -35.58 -13.25 18.49
C VAL C 177 -35.88 -14.60 17.85
N PRO C 178 -35.87 -14.64 16.51
CA PRO C 178 -36.15 -15.90 15.78
C PRO C 178 -34.97 -16.85 15.90
N LYS C 179 -35.23 -18.09 16.28
CA LYS C 179 -34.23 -19.15 16.21
C LYS C 179 -34.00 -19.50 14.75
N ILE C 180 -32.81 -19.21 14.24
CA ILE C 180 -32.48 -19.54 12.86
C ILE C 180 -31.85 -20.92 12.84
N ASN C 181 -32.53 -21.86 12.20
CA ASN C 181 -32.14 -23.25 12.29
C ASN C 181 -32.03 -23.91 10.91
N PRO C 182 -30.90 -23.68 10.22
CA PRO C 182 -30.68 -24.21 8.87
C PRO C 182 -30.60 -25.73 8.90
N LYS C 183 -31.12 -26.36 7.87
CA LYS C 183 -31.11 -27.79 7.73
C LYS C 183 -30.52 -28.29 6.42
N LYS C 184 -29.88 -29.46 6.47
CA LYS C 184 -29.20 -30.03 5.30
C LYS C 184 -29.64 -31.47 5.06
N ASP C 185 -30.33 -31.68 3.93
CA ASP C 185 -30.78 -33.00 3.55
C ASP C 185 -30.05 -33.50 2.33
N VAL C 186 -30.30 -34.75 1.99
CA VAL C 186 -29.81 -35.32 0.74
C VAL C 186 -30.99 -35.91 -0.04
N THR C 187 -31.07 -35.60 -1.33
CA THR C 187 -32.16 -36.08 -2.15
C THR C 187 -31.74 -36.49 -3.57
N LEU C 188 -32.66 -37.17 -4.24
CA LEU C 188 -32.45 -37.66 -5.60
C LEU C 188 -33.39 -36.95 -6.56
N THR C 189 -34.05 -35.91 -6.09
CA THR C 189 -35.09 -35.30 -6.86
C THR C 189 -35.18 -33.85 -6.56
N LEU C 190 -34.74 -32.98 -7.45
CA LEU C 190 -35.03 -31.57 -7.26
C LEU C 190 -36.53 -31.56 -7.25
N ASP C 191 -37.16 -31.55 -6.09
CA ASP C 191 -38.62 -31.59 -6.06
C ASP C 191 -39.15 -31.14 -4.72
N PRO C 192 -39.44 -29.86 -4.58
CA PRO C 192 -39.74 -29.24 -3.29
C PRO C 192 -40.79 -30.02 -2.51
N ALA C 193 -41.83 -30.50 -3.19
CA ALA C 193 -42.95 -31.18 -2.54
C ALA C 193 -42.62 -32.61 -2.07
N ASP C 194 -41.40 -33.06 -2.35
CA ASP C 194 -40.97 -34.42 -2.01
C ASP C 194 -40.25 -34.49 -0.66
N THR C 195 -40.83 -35.26 0.27
CA THR C 195 -40.36 -35.33 1.66
C THR C 195 -39.05 -36.12 1.88
N ASN C 196 -38.63 -36.89 0.89
CA ASN C 196 -37.55 -37.86 1.08
C ASN C 196 -36.21 -37.26 1.48
N ASN C 197 -35.45 -37.99 2.28
CA ASN C 197 -34.10 -37.60 2.70
C ASN C 197 -33.22 -38.83 2.91
N VAL C 198 -32.10 -38.87 2.21
CA VAL C 198 -31.23 -40.05 2.24
C VAL C 198 -29.94 -39.83 3.04
N ASP C 199 -29.99 -38.91 4.01
CA ASP C 199 -28.89 -38.73 4.95
C ASP C 199 -28.69 -40.05 5.71
N GLY C 200 -27.45 -40.47 5.82
CA GLY C 200 -27.12 -41.69 6.49
C GLY C 200 -27.29 -42.96 5.68
N GLN C 201 -27.67 -42.80 4.42
CA GLN C 201 -27.92 -43.90 3.53
C GLN C 201 -26.75 -44.08 2.62
N THR C 202 -26.95 -44.88 1.57
CA THR C 202 -25.88 -45.18 0.64
C THR C 202 -26.17 -44.70 -0.77
N ILE C 203 -25.14 -44.16 -1.40
CA ILE C 203 -25.26 -43.55 -2.73
C ILE C 203 -24.42 -44.28 -3.77
N PRO C 204 -25.06 -45.13 -4.60
CA PRO C 204 -24.39 -45.88 -5.66
C PRO C 204 -23.52 -44.98 -6.53
N LEU C 205 -22.25 -45.36 -6.72
CA LEU C 205 -21.27 -44.53 -7.43
C LEU C 205 -21.74 -44.08 -8.83
N ASN C 206 -21.47 -42.81 -9.12
CA ASN C 206 -21.89 -42.15 -10.37
C ASN C 206 -23.36 -41.73 -10.37
N THR C 207 -24.01 -41.86 -9.22
CA THR C 207 -25.34 -41.32 -9.06
C THR C 207 -25.26 -39.80 -9.05
N VAL C 208 -26.16 -39.17 -9.80
CA VAL C 208 -26.27 -37.72 -9.73
C VAL C 208 -27.42 -37.40 -8.77
N PHE C 209 -27.14 -36.52 -7.82
CA PHE C 209 -28.05 -36.25 -6.70
C PHE C 209 -27.97 -34.77 -6.26
N ASN C 210 -28.78 -34.41 -5.28
CA ASN C 210 -28.79 -33.04 -4.72
C ASN C 210 -28.56 -32.98 -3.23
N TYR C 211 -27.84 -31.95 -2.81
CA TYR C 211 -27.87 -31.56 -1.41
C TYR C 211 -28.97 -30.54 -1.27
N ARG C 212 -29.90 -30.77 -0.35
CA ARG C 212 -31.00 -29.86 -0.08
C ARG C 212 -30.63 -28.93 1.08
N LEU C 213 -30.24 -27.70 0.74
CA LEU C 213 -29.84 -26.74 1.74
C LEU C 213 -31.03 -25.85 2.16
N ILE C 214 -31.74 -26.27 3.21
CA ILE C 214 -32.92 -25.58 3.71
C ILE C 214 -32.57 -24.37 4.59
N GLY C 215 -33.00 -23.20 4.15
CA GLY C 215 -32.67 -21.96 4.84
C GLY C 215 -33.42 -21.81 6.16
N GLY C 216 -32.96 -20.89 7.01
CA GLY C 216 -33.63 -20.63 8.28
C GLY C 216 -34.89 -19.82 8.08
N ILE C 217 -35.86 -19.96 8.99
CA ILE C 217 -37.13 -19.25 8.88
C ILE C 217 -37.05 -17.85 9.44
N ILE C 218 -37.38 -16.87 8.61
CA ILE C 218 -37.49 -15.49 9.08
C ILE C 218 -38.96 -15.14 9.27
N PRO C 219 -39.41 -15.05 10.53
CA PRO C 219 -40.83 -14.89 10.87
C PRO C 219 -41.45 -13.63 10.31
N ALA C 220 -42.77 -13.61 10.14
CA ALA C 220 -43.50 -12.38 9.82
C ALA C 220 -43.29 -11.36 10.93
N ASN C 221 -43.58 -10.11 10.64
CA ASN C 221 -43.48 -9.07 11.65
C ASN C 221 -42.08 -8.93 12.22
N HIS C 222 -41.07 -8.87 11.34
CA HIS C 222 -39.71 -8.68 11.78
C HIS C 222 -39.33 -7.23 11.63
N SER C 223 -38.24 -6.82 12.25
CA SER C 223 -38.01 -5.41 12.43
C SER C 223 -37.15 -4.78 11.36
N GLU C 224 -36.48 -5.59 10.53
CA GLU C 224 -35.61 -4.96 9.53
C GLU C 224 -35.52 -5.63 8.15
N GLU C 225 -35.05 -4.86 7.19
CA GLU C 225 -34.84 -5.34 5.82
C GLU C 225 -33.91 -6.54 5.75
N LEU C 226 -34.28 -7.53 4.95
CA LEU C 226 -33.35 -8.61 4.63
C LEU C 226 -32.42 -8.06 3.57
N PHE C 227 -31.11 -8.16 3.79
CA PHE C 227 -30.15 -7.74 2.76
C PHE C 227 -29.16 -8.83 2.35
N GLU C 228 -29.10 -9.90 3.13
CA GLU C 228 -28.28 -11.02 2.79
C GLU C 228 -28.91 -12.32 3.25
N TYR C 229 -28.91 -13.32 2.38
CA TYR C 229 -29.42 -14.63 2.72
C TYR C 229 -28.73 -15.62 1.78
N ASN C 230 -27.60 -16.16 2.26
CA ASN C 230 -26.66 -16.99 1.49
C ASN C 230 -26.64 -18.44 1.93
N PHE C 231 -26.35 -19.33 0.99
CA PHE C 231 -26.14 -20.74 1.27
C PHE C 231 -24.70 -21.03 0.89
N TYR C 232 -23.80 -21.02 1.88
CA TYR C 232 -22.40 -21.36 1.65
C TYR C 232 -22.13 -22.83 1.94
N ASP C 233 -21.47 -23.48 1.01
CA ASP C 233 -21.24 -24.90 1.14
C ASP C 233 -19.88 -25.30 0.61
N ASP C 234 -18.97 -25.61 1.54
CA ASP C 234 -17.66 -26.19 1.25
C ASP C 234 -17.83 -27.70 1.35
N TYR C 235 -18.03 -28.35 0.20
CA TYR C 235 -18.39 -29.77 0.15
C TYR C 235 -17.14 -30.66 0.02
N ASP C 236 -17.32 -31.96 0.18
CA ASP C 236 -16.18 -32.89 0.09
C ASP C 236 -15.79 -33.16 -1.36
N GLN C 237 -14.92 -32.32 -1.91
CA GLN C 237 -14.60 -32.38 -3.34
C GLN C 237 -13.97 -33.71 -3.75
N THR C 238 -13.22 -34.32 -2.84
CA THR C 238 -12.61 -35.62 -3.12
C THR C 238 -13.66 -36.71 -3.42
N GLY C 239 -14.89 -36.49 -2.97
CA GLY C 239 -15.96 -37.45 -3.21
C GLY C 239 -17.18 -36.90 -3.92
N ASP C 240 -17.29 -35.57 -3.98
CA ASP C 240 -18.48 -34.92 -4.55
C ASP C 240 -18.13 -33.89 -5.63
N HIS C 241 -18.80 -34.02 -6.77
CA HIS C 241 -18.55 -33.15 -7.91
C HIS C 241 -19.78 -32.29 -8.21
N TYR C 242 -19.64 -30.98 -8.06
CA TYR C 242 -20.74 -30.06 -8.39
C TYR C 242 -20.88 -29.93 -9.90
N THR C 243 -22.09 -30.20 -10.39
CA THR C 243 -22.38 -30.26 -11.82
C THR C 243 -22.63 -28.89 -12.43
N GLY C 244 -22.53 -27.85 -11.61
CA GLY C 244 -22.78 -26.49 -12.09
C GLY C 244 -24.26 -26.15 -12.16
N GLN C 245 -25.12 -27.12 -11.89
CA GLN C 245 -26.57 -26.89 -11.89
C GLN C 245 -27.17 -26.86 -10.47
N TYR C 246 -27.80 -25.74 -10.13
CA TYR C 246 -28.55 -25.62 -8.88
C TYR C 246 -29.87 -24.88 -9.12
N LYS C 247 -30.83 -25.11 -8.21
CA LYS C 247 -32.13 -24.43 -8.18
C LYS C 247 -32.44 -23.91 -6.77
N VAL C 248 -33.05 -22.73 -6.67
CA VAL C 248 -33.56 -22.23 -5.39
C VAL C 248 -35.11 -22.14 -5.37
N PHE C 249 -35.74 -22.50 -4.26
CA PHE C 249 -37.21 -22.46 -4.10
C PHE C 249 -37.70 -21.69 -2.86
N ALA C 250 -38.86 -21.03 -2.97
CA ALA C 250 -39.45 -20.41 -1.78
C ALA C 250 -40.02 -21.52 -0.92
N LYS C 251 -40.03 -21.32 0.40
CA LYS C 251 -40.51 -22.38 1.30
C LYS C 251 -41.64 -21.93 2.23
N VAL C 252 -42.05 -20.68 2.07
CA VAL C 252 -43.21 -20.14 2.75
C VAL C 252 -43.72 -19.11 1.77
N ASP C 253 -44.97 -18.70 1.88
CA ASP C 253 -45.48 -17.62 1.06
C ASP C 253 -44.72 -16.36 1.44
N ILE C 254 -44.36 -15.55 0.45
CA ILE C 254 -43.58 -14.36 0.67
C ILE C 254 -44.36 -13.20 0.12
N ILE C 255 -44.35 -12.08 0.83
CA ILE C 255 -45.04 -10.88 0.35
C ILE C 255 -44.05 -9.76 0.13
N LEU C 256 -44.06 -9.19 -1.07
CA LEU C 256 -43.19 -8.06 -1.37
C LEU C 256 -43.75 -6.73 -0.89
N LYS C 257 -42.92 -5.70 -0.87
CA LYS C 257 -43.35 -4.37 -0.46
C LYS C 257 -44.46 -3.81 -1.37
N ASN C 258 -44.45 -4.19 -2.64
CA ASN C 258 -45.46 -3.70 -3.58
C ASN C 258 -46.76 -4.50 -3.53
N GLY C 259 -46.85 -5.47 -2.63
CA GLY C 259 -48.01 -6.33 -2.53
C GLY C 259 -47.94 -7.67 -3.27
N VAL C 260 -47.00 -7.83 -4.18
CA VAL C 260 -46.87 -9.06 -4.97
C VAL C 260 -46.66 -10.28 -4.07
N ILE C 261 -47.35 -11.36 -4.37
CA ILE C 261 -47.24 -12.57 -3.55
C ILE C 261 -46.45 -13.61 -4.31
N ILE C 262 -45.54 -14.28 -3.62
CA ILE C 262 -44.81 -15.39 -4.22
C ILE C 262 -45.13 -16.58 -3.35
N LYS C 263 -45.74 -17.61 -3.91
CA LYS C 263 -46.21 -18.69 -3.06
C LYS C 263 -45.11 -19.68 -2.73
N SER C 264 -45.29 -20.34 -1.59
CA SER C 264 -44.42 -21.44 -1.22
C SER C 264 -44.31 -22.40 -2.39
N GLY C 265 -43.08 -22.78 -2.74
CA GLY C 265 -42.87 -23.73 -3.82
C GLY C 265 -42.31 -23.05 -5.05
N THR C 266 -42.63 -21.78 -5.24
CA THR C 266 -42.12 -21.05 -6.41
C THR C 266 -40.58 -21.09 -6.48
N GLU C 267 -40.05 -21.33 -7.68
CA GLU C 267 -38.62 -21.36 -7.90
C GLU C 267 -38.15 -19.93 -7.91
N LEU C 268 -37.11 -19.65 -7.12
CA LEU C 268 -36.59 -18.29 -6.97
C LEU C 268 -35.19 -18.18 -7.58
N THR C 269 -34.79 -19.20 -8.33
CA THR C 269 -33.45 -19.26 -8.87
C THR C 269 -33.02 -17.98 -9.55
N GLN C 270 -33.97 -17.28 -10.19
CA GLN C 270 -33.58 -16.10 -10.94
C GLN C 270 -33.28 -14.89 -10.08
N TYR C 271 -33.46 -15.00 -8.76
CA TYR C 271 -33.12 -13.87 -7.87
C TYR C 271 -31.73 -14.11 -7.19
N THR C 272 -30.99 -15.08 -7.74
CA THR C 272 -29.73 -15.50 -7.15
C THR C 272 -28.61 -15.63 -8.17
N THR C 273 -27.40 -15.69 -7.63
CA THR C 273 -26.19 -16.05 -8.37
C THR C 273 -25.44 -17.07 -7.53
N ALA C 274 -24.52 -17.82 -8.13
CA ALA C 274 -23.72 -18.79 -7.38
C ALA C 274 -22.24 -18.54 -7.53
N GLU C 275 -21.59 -18.20 -6.42
CA GLU C 275 -20.16 -17.98 -6.45
C GLU C 275 -19.40 -19.31 -6.26
N VAL C 276 -18.55 -19.65 -7.22
CA VAL C 276 -17.82 -20.90 -7.16
C VAL C 276 -16.30 -20.78 -6.99
N ASP C 277 -15.80 -21.48 -5.99
CA ASP C 277 -14.40 -21.51 -5.69
C ASP C 277 -13.99 -22.94 -6.02
N THR C 278 -13.52 -23.11 -7.25
CA THR C 278 -13.25 -24.41 -7.81
C THR C 278 -11.98 -25.05 -7.19
N THR C 279 -11.02 -24.20 -6.84
CA THR C 279 -9.80 -24.65 -6.19
C THR C 279 -10.12 -25.19 -4.81
N LYS C 280 -10.84 -24.41 -4.03
CA LYS C 280 -11.24 -24.81 -2.68
C LYS C 280 -12.37 -25.85 -2.69
N GLY C 281 -13.04 -25.99 -3.84
CA GLY C 281 -14.17 -26.89 -3.96
C GLY C 281 -15.41 -26.47 -3.18
N ALA C 282 -15.84 -25.22 -3.37
CA ALA C 282 -16.97 -24.67 -2.64
C ALA C 282 -17.91 -23.85 -3.55
N ILE C 283 -19.11 -23.59 -3.04
CA ILE C 283 -20.11 -22.78 -3.72
C ILE C 283 -20.94 -21.95 -2.74
N THR C 284 -21.03 -20.66 -3.00
CA THR C 284 -21.91 -19.83 -2.20
C THR C 284 -23.07 -19.38 -3.07
N ILE C 285 -24.26 -19.90 -2.81
CA ILE C 285 -25.48 -19.42 -3.48
C ILE C 285 -25.99 -18.14 -2.80
N LYS C 286 -26.04 -17.04 -3.54
CA LYS C 286 -26.36 -15.72 -2.97
C LYS C 286 -27.62 -15.07 -3.54
N PHE C 287 -28.53 -14.67 -2.66
CA PHE C 287 -29.66 -13.86 -3.09
C PHE C 287 -29.21 -12.46 -3.41
N LYS C 288 -29.62 -11.99 -4.58
CA LYS C 288 -29.37 -10.60 -4.94
C LYS C 288 -29.99 -9.75 -3.84
N GLU C 289 -29.28 -8.69 -3.46
CA GLU C 289 -29.71 -7.86 -2.34
C GLU C 289 -31.00 -7.13 -2.67
N ALA C 290 -31.07 -6.60 -3.90
CA ALA C 290 -32.25 -5.90 -4.38
C ALA C 290 -33.54 -6.71 -4.22
N PHE C 291 -33.50 -8.00 -4.49
CA PHE C 291 -34.67 -8.84 -4.26
C PHE C 291 -34.98 -8.97 -2.77
N LEU C 292 -33.95 -9.27 -1.98
CA LEU C 292 -34.16 -9.44 -0.54
C LEU C 292 -34.80 -8.19 0.07
N ARG C 293 -34.27 -7.04 -0.30
CA ARG C 293 -34.76 -5.78 0.24
C ARG C 293 -36.14 -5.40 -0.29
N SER C 294 -36.64 -6.13 -1.29
CA SER C 294 -37.96 -5.88 -1.86
C SER C 294 -39.04 -6.61 -1.07
N VAL C 295 -38.62 -7.57 -0.25
CA VAL C 295 -39.53 -8.30 0.62
C VAL C 295 -40.04 -7.44 1.79
N SER C 296 -41.34 -7.48 2.07
CA SER C 296 -41.89 -6.66 3.16
C SER C 296 -41.32 -7.09 4.50
N ILE C 297 -41.02 -6.15 5.38
CA ILE C 297 -40.53 -6.54 6.71
C ILE C 297 -41.63 -7.27 7.49
N ASP C 298 -42.85 -7.26 6.96
CA ASP C 298 -43.97 -7.94 7.61
C ASP C 298 -44.06 -9.37 7.16
N SER C 299 -43.40 -9.70 6.05
CA SER C 299 -43.55 -11.02 5.48
C SER C 299 -42.64 -12.02 6.16
N ALA C 300 -43.10 -13.27 6.22
CA ALA C 300 -42.21 -14.37 6.54
C ALA C 300 -41.27 -14.52 5.35
N PHE C 301 -40.21 -15.30 5.52
CA PHE C 301 -39.30 -15.56 4.42
C PHE C 301 -38.48 -16.79 4.70
N GLN C 302 -38.35 -17.63 3.70
CA GLN C 302 -37.51 -18.79 3.82
C GLN C 302 -37.35 -19.31 2.41
N ALA C 303 -36.13 -19.72 2.09
CA ALA C 303 -35.88 -20.40 0.83
C ALA C 303 -34.96 -21.58 1.07
N GLU C 304 -34.77 -22.40 0.03
CA GLU C 304 -33.93 -23.58 0.10
C GLU C 304 -33.27 -23.79 -1.25
N SER C 305 -31.97 -24.10 -1.22
CA SER C 305 -31.26 -24.40 -2.44
C SER C 305 -31.14 -25.91 -2.65
N TYR C 306 -31.16 -26.31 -3.92
CA TYR C 306 -30.74 -27.66 -4.32
C TYR C 306 -29.48 -27.46 -5.14
N ILE C 307 -28.37 -28.02 -4.69
CA ILE C 307 -27.16 -28.00 -5.50
C ILE C 307 -26.97 -29.40 -6.04
N GLN C 308 -26.78 -29.51 -7.34
CA GLN C 308 -26.64 -30.83 -7.95
C GLN C 308 -25.18 -31.27 -7.92
N MET C 309 -24.98 -32.51 -7.45
CA MET C 309 -23.65 -33.10 -7.24
C MET C 309 -23.54 -34.42 -7.96
N LYS C 310 -22.33 -34.96 -8.06
CA LYS C 310 -22.12 -36.28 -8.62
C LYS C 310 -21.25 -37.09 -7.67
N ARG C 311 -21.77 -38.25 -7.24
CA ARG C 311 -20.98 -39.15 -6.42
C ARG C 311 -19.92 -39.80 -7.29
N ILE C 312 -18.66 -39.45 -7.06
CA ILE C 312 -17.57 -39.87 -7.94
C ILE C 312 -16.41 -40.55 -7.24
N ALA C 313 -16.68 -41.23 -6.14
CA ALA C 313 -15.62 -41.94 -5.45
C ALA C 313 -16.13 -43.01 -4.50
N VAL C 314 -15.19 -43.75 -3.93
CA VAL C 314 -15.51 -44.74 -2.91
C VAL C 314 -15.26 -44.15 -1.53
N GLY C 315 -16.16 -44.46 -0.60
CA GLY C 315 -16.00 -44.00 0.77
C GLY C 315 -17.24 -43.38 1.40
N THR C 316 -17.01 -42.67 2.50
CA THR C 316 -18.09 -42.06 3.26
C THR C 316 -17.78 -40.58 3.42
N PHE C 317 -18.68 -39.74 2.91
CA PHE C 317 -18.44 -38.31 2.84
C PHE C 317 -19.44 -37.48 3.65
N GLU C 318 -18.96 -36.36 4.21
CA GLU C 318 -19.80 -35.45 4.99
C GLU C 318 -19.97 -34.08 4.33
N ASN C 319 -21.15 -33.47 4.49
CA ASN C 319 -21.43 -32.11 4.02
C ASN C 319 -22.21 -31.33 5.06
N THR C 320 -21.89 -30.06 5.15
CA THR C 320 -22.53 -29.15 6.08
C THR C 320 -22.56 -27.77 5.44
N TYR C 321 -23.63 -27.00 5.65
CA TYR C 321 -23.66 -25.67 5.05
C TYR C 321 -23.94 -24.55 6.04
N ILE C 322 -23.44 -23.37 5.69
CA ILE C 322 -23.58 -22.18 6.48
C ILE C 322 -24.64 -21.27 5.83
N ASN C 323 -25.73 -21.02 6.57
CA ASN C 323 -26.75 -20.09 6.12
C ASN C 323 -26.47 -18.76 6.78
N THR C 324 -26.01 -17.80 5.99
CA THR C 324 -25.72 -16.45 6.49
C THR C 324 -26.89 -15.48 6.27
N VAL C 325 -27.47 -15.00 7.37
CA VAL C 325 -28.61 -14.08 7.29
C VAL C 325 -28.25 -12.73 7.82
N ASN C 326 -28.24 -11.72 6.95
CA ASN C 326 -27.92 -10.37 7.38
C ASN C 326 -26.64 -10.40 8.22
N GLY C 327 -25.66 -11.18 7.77
CA GLY C 327 -24.31 -11.01 8.25
C GLY C 327 -23.98 -11.92 9.41
N VAL C 328 -24.92 -12.78 9.77
CA VAL C 328 -24.70 -13.68 10.88
C VAL C 328 -24.76 -15.11 10.35
N THR C 329 -23.75 -15.90 10.69
CA THR C 329 -23.62 -17.24 10.16
C THR C 329 -24.31 -18.25 11.05
N TYR C 330 -25.11 -19.13 10.45
CA TYR C 330 -25.74 -20.21 11.18
C TYR C 330 -25.44 -21.52 10.48
N SER C 331 -24.87 -22.45 11.23
CA SER C 331 -24.47 -23.73 10.70
C SER C 331 -25.65 -24.68 10.72
N SER C 332 -25.76 -25.53 9.70
CA SER C 332 -26.82 -26.53 9.63
C SER C 332 -26.30 -27.81 10.25
N ASN C 333 -27.16 -28.81 10.33
CA ASN C 333 -26.71 -30.14 10.71
C ASN C 333 -25.70 -30.65 9.69
N THR C 334 -24.94 -31.66 10.05
CA THR C 334 -24.03 -32.30 9.10
C THR C 334 -24.62 -33.60 8.58
N VAL C 335 -24.57 -33.81 7.27
CA VAL C 335 -24.87 -35.08 6.66
C VAL C 335 -23.64 -35.86 6.24
N LYS C 336 -23.91 -37.12 5.90
CA LYS C 336 -22.90 -38.07 5.51
C LYS C 336 -23.60 -39.28 4.97
N THR C 337 -23.02 -39.81 3.90
CA THR C 337 -23.56 -40.94 3.15
C THR C 337 -22.48 -41.97 2.89
N ASN D 1 18.65 27.52 -0.34
CA ASN D 1 19.14 28.80 -0.84
C ASN D 1 18.09 29.60 -1.62
N TYR D 2 17.40 28.94 -2.55
CA TYR D 2 16.70 29.61 -3.66
C TYR D 2 15.17 29.53 -3.54
N ILE D 3 14.42 30.54 -3.98
CA ILE D 3 12.97 30.46 -3.85
C ILE D 3 12.41 29.55 -4.95
N LYS D 4 11.70 28.51 -4.55
CA LYS D 4 11.24 27.50 -5.50
C LYS D 4 9.97 26.78 -5.03
N PRO D 5 8.79 27.18 -5.56
CA PRO D 5 7.59 26.40 -5.25
C PRO D 5 7.84 25.05 -5.89
N THR D 6 7.47 23.96 -5.24
CA THR D 6 7.73 22.62 -5.72
C THR D 6 6.44 21.82 -5.82
N LYS D 7 6.37 20.95 -6.83
CA LYS D 7 5.22 20.07 -7.03
C LYS D 7 5.65 18.62 -7.23
N VAL D 8 5.15 17.75 -6.36
CA VAL D 8 5.42 16.33 -6.38
C VAL D 8 4.09 15.55 -6.47
N ASN D 9 4.10 14.40 -7.11
CA ASN D 9 2.90 13.57 -7.20
C ASN D 9 3.08 12.37 -6.27
N LYS D 10 2.02 12.01 -5.56
CA LYS D 10 2.00 10.89 -4.63
C LYS D 10 0.73 10.02 -4.76
N ASN D 11 0.83 8.72 -4.46
CA ASN D 11 -0.36 7.86 -4.37
C ASN D 11 -1.00 7.99 -3.00
N GLU D 12 -2.06 7.23 -2.74
CA GLU D 12 -2.80 7.38 -1.49
C GLU D 12 -1.92 7.03 -0.29
N ASN D 13 -0.88 6.25 -0.53
CA ASN D 13 0.02 5.85 0.55
C ASN D 13 1.20 6.79 0.68
N GLY D 14 1.09 7.95 0.05
CA GLY D 14 2.15 8.94 0.13
C GLY D 14 3.45 8.54 -0.55
N VAL D 15 3.42 7.50 -1.36
CA VAL D 15 4.61 7.17 -2.14
C VAL D 15 4.77 8.15 -3.29
N VAL D 16 6.00 8.60 -3.56
CA VAL D 16 6.28 9.51 -4.68
C VAL D 16 6.07 8.83 -6.03
N ILE D 17 5.28 9.40 -6.91
CA ILE D 17 4.92 8.70 -8.11
C ILE D 17 5.28 9.47 -9.37
N ASP D 18 5.99 10.55 -9.25
CA ASP D 18 6.56 11.21 -10.41
C ASP D 18 7.04 10.20 -11.47
N ASP D 19 6.71 10.48 -12.73
CA ASP D 19 7.07 9.68 -13.89
C ASP D 19 6.43 8.27 -13.97
N LYS D 20 5.67 7.90 -12.97
CA LYS D 20 5.01 6.62 -12.98
C LYS D 20 3.87 6.52 -13.99
N THR D 21 3.60 5.30 -14.41
CA THR D 21 2.36 4.99 -15.11
C THR D 21 1.20 5.03 -14.09
N VAL D 22 0.09 5.68 -14.46
CA VAL D 22 -1.03 5.89 -13.55
C VAL D 22 -2.30 5.44 -14.25
N LEU D 23 -3.02 4.49 -13.65
CA LEU D 23 -4.17 3.90 -14.31
C LEU D 23 -5.36 4.85 -14.30
N ALA D 24 -6.16 4.80 -15.35
CA ALA D 24 -7.39 5.56 -15.35
C ALA D 24 -8.18 5.23 -14.08
N GLY D 25 -8.79 6.25 -13.47
CA GLY D 25 -9.49 6.07 -12.21
C GLY D 25 -8.63 6.21 -10.95
N SER D 26 -7.30 6.17 -11.09
CA SER D 26 -6.40 6.43 -9.94
C SER D 26 -6.41 7.93 -9.62
N THR D 27 -6.06 8.27 -8.39
CA THR D 27 -5.97 9.64 -7.97
C THR D 27 -4.53 10.08 -7.87
N ASN D 28 -4.25 11.28 -8.40
CA ASN D 28 -2.95 11.93 -8.21
C ASN D 28 -3.00 12.83 -6.98
N TYR D 29 -2.36 12.41 -5.89
CA TYR D 29 -2.37 13.23 -4.66
C TYR D 29 -1.25 14.29 -4.69
N TYR D 30 -1.38 15.24 -5.61
CA TYR D 30 -0.36 16.24 -5.84
C TYR D 30 -0.11 17.04 -4.56
N GLU D 31 1.15 17.21 -4.19
CA GLU D 31 1.47 18.10 -3.09
C GLU D 31 2.25 19.26 -3.63
N LEU D 32 1.73 20.45 -3.39
CA LEU D 32 2.34 21.67 -3.86
C LEU D 32 2.94 22.39 -2.64
N THR D 33 4.21 22.76 -2.73
CA THR D 33 4.79 23.54 -1.65
C THR D 33 4.85 25.03 -2.00
N TRP D 34 4.39 25.85 -1.06
CA TRP D 34 4.46 27.29 -1.16
C TRP D 34 5.72 27.68 -0.37
N ASP D 35 6.78 28.04 -1.09
CA ASP D 35 8.07 28.24 -0.47
C ASP D 35 8.13 29.65 0.11
N LEU D 36 7.96 29.80 1.41
CA LEU D 36 7.96 31.15 2.01
C LEU D 36 9.19 31.39 2.87
N ASP D 37 10.03 30.38 3.00
CA ASP D 37 11.15 30.46 3.94
C ASP D 37 12.23 31.49 3.58
N GLN D 38 12.11 32.15 2.43
CA GLN D 38 13.10 33.13 2.02
C GLN D 38 12.68 34.51 2.51
N TYR D 39 11.49 34.60 3.10
CA TYR D 39 10.95 35.89 3.52
C TYR D 39 11.11 36.10 5.05
N LYS D 40 11.94 35.27 5.69
CA LYS D 40 12.05 35.30 7.14
C LYS D 40 12.54 36.67 7.57
N ASN D 41 11.92 37.20 8.61
CA ASN D 41 12.20 38.53 9.13
C ASN D 41 11.99 39.66 8.13
N ASP D 42 11.06 39.45 7.19
CA ASP D 42 10.69 40.50 6.25
C ASP D 42 9.95 41.64 6.91
N ARG D 43 10.10 42.84 6.37
CA ARG D 43 9.50 44.03 6.97
C ARG D 43 8.92 44.97 5.93
N SER D 44 8.23 44.40 4.95
CA SER D 44 7.66 45.18 3.85
C SER D 44 6.56 46.10 4.32
N SER D 45 6.20 47.04 3.46
CA SER D 45 5.22 48.07 3.76
C SER D 45 3.79 47.61 3.47
N ALA D 46 2.82 48.38 3.95
CA ALA D 46 1.41 48.03 3.79
C ALA D 46 1.10 47.89 2.32
N ASP D 47 1.60 48.83 1.51
CA ASP D 47 1.30 48.81 0.10
C ASP D 47 1.75 47.51 -0.57
N THR D 48 2.93 47.01 -0.22
CA THR D 48 3.36 45.81 -0.92
C THR D 48 2.65 44.57 -0.35
N ILE D 49 2.40 44.52 0.94
CA ILE D 49 1.69 43.38 1.51
C ILE D 49 0.29 43.23 0.87
N GLN D 50 -0.37 44.35 0.63
CA GLN D 50 -1.72 44.33 0.07
C GLN D 50 -1.79 43.75 -1.34
N LYS D 51 -0.64 43.58 -1.98
CA LYS D 51 -0.57 42.96 -3.31
C LYS D 51 -0.92 41.49 -3.27
N GLY D 52 -0.87 40.92 -2.08
CA GLY D 52 -1.48 39.64 -1.84
C GLY D 52 -0.63 38.43 -2.14
N PHE D 53 -1.27 37.27 -2.00
CA PHE D 53 -0.59 36.00 -2.00
C PHE D 53 -1.55 34.96 -2.62
N TYR D 54 -1.16 34.43 -3.79
CA TYR D 54 -1.96 33.45 -4.52
C TYR D 54 -1.08 32.27 -4.87
N TYR D 55 -1.69 31.12 -5.11
CA TYR D 55 -1.00 29.95 -5.62
C TYR D 55 -1.85 29.39 -6.75
N VAL D 56 -1.18 28.91 -7.79
CA VAL D 56 -1.88 28.48 -9.00
C VAL D 56 -1.52 27.04 -9.31
N ASP D 57 -2.52 26.20 -9.60
CA ASP D 57 -2.19 24.92 -10.23
C ASP D 57 -2.76 24.87 -11.63
N ASP D 58 -1.88 24.82 -12.61
CA ASP D 58 -2.28 24.72 -14.00
C ASP D 58 -2.37 23.21 -14.28
N TYR D 59 -3.57 22.62 -14.15
CA TYR D 59 -3.67 21.15 -14.23
C TYR D 59 -4.14 20.69 -15.61
N PRO D 60 -3.83 19.45 -16.01
CA PRO D 60 -4.27 19.13 -17.37
C PRO D 60 -5.74 18.67 -17.44
N GLU D 61 -6.68 19.56 -17.76
CA GLU D 61 -8.12 19.22 -17.63
C GLU D 61 -8.64 18.24 -18.68
N GLU D 62 -7.87 18.02 -19.75
CA GLU D 62 -8.21 17.01 -20.73
C GLU D 62 -7.92 15.59 -20.21
N ALA D 63 -7.12 15.50 -19.16
CA ALA D 63 -6.74 14.18 -18.58
C ALA D 63 -7.27 13.93 -17.17
N LEU D 64 -7.46 14.98 -16.38
CA LEU D 64 -7.77 14.83 -14.96
C LEU D 64 -9.01 15.60 -14.55
N GLU D 65 -9.63 15.15 -13.47
CA GLU D 65 -10.72 15.88 -12.85
C GLU D 65 -10.38 16.15 -11.40
N LEU D 66 -10.71 17.36 -10.95
CA LEU D 66 -10.46 17.79 -9.60
C LEU D 66 -11.33 17.02 -8.64
N ARG D 67 -10.74 16.72 -7.50
CA ARG D 67 -11.42 16.26 -6.34
C ARG D 67 -11.23 17.36 -5.31
N GLN D 68 -11.93 18.45 -5.51
CA GLN D 68 -11.70 19.67 -4.79
C GLN D 68 -12.11 19.63 -3.37
N ASP D 69 -12.96 18.69 -3.04
CA ASP D 69 -13.38 18.47 -1.67
C ASP D 69 -12.32 17.69 -0.89
N LEU D 70 -11.29 17.23 -1.57
CA LEU D 70 -10.21 16.54 -0.88
C LEU D 70 -9.01 17.46 -0.67
N VAL D 71 -9.17 18.74 -1.04
CA VAL D 71 -8.09 19.73 -0.94
C VAL D 71 -7.76 20.00 0.53
N LYS D 72 -6.48 19.87 0.87
CA LYS D 72 -6.00 20.17 2.21
C LYS D 72 -4.81 21.14 2.15
N ILE D 73 -4.79 22.10 3.06
CA ILE D 73 -3.69 23.00 3.19
C ILE D 73 -3.18 22.95 4.63
N THR D 74 -1.92 22.59 4.81
CA THR D 74 -1.31 22.59 6.15
C THR D 74 -0.03 23.43 6.14
N ASP D 75 0.42 23.90 7.29
CA ASP D 75 1.64 24.71 7.36
C ASP D 75 2.79 23.85 7.87
N ALA D 76 4.01 24.35 7.74
CA ALA D 76 5.21 23.57 8.06
C ALA D 76 5.28 23.17 9.51
N ASN D 77 4.53 23.86 10.37
CA ASN D 77 4.42 23.47 11.76
C ASN D 77 3.36 22.36 12.00
N GLY D 78 2.56 22.04 10.97
CA GLY D 78 1.55 20.99 11.08
C GLY D 78 0.16 21.58 11.35
N ASN D 79 0.09 22.89 11.56
CA ASN D 79 -1.18 23.55 11.74
C ASN D 79 -1.99 23.61 10.45
N GLU D 80 -3.30 23.42 10.54
CA GLU D 80 -4.11 23.57 9.36
C GLU D 80 -4.05 25.03 8.98
N VAL D 81 -4.18 25.30 7.70
CA VAL D 81 -4.21 26.68 7.26
C VAL D 81 -5.66 27.09 7.01
N THR D 82 -6.06 28.21 7.60
CA THR D 82 -7.35 28.80 7.29
C THR D 82 -7.12 30.11 6.54
N GLY D 83 -8.16 30.70 5.97
CA GLY D 83 -8.00 31.99 5.35
C GLY D 83 -7.43 31.96 3.94
N VAL D 84 -7.21 30.75 3.42
CA VAL D 84 -6.80 30.61 2.02
C VAL D 84 -7.93 29.89 1.28
N SER D 85 -8.62 30.57 0.37
CA SER D 85 -9.73 29.92 -0.36
C SER D 85 -9.28 29.32 -1.69
N VAL D 86 -10.04 28.37 -2.20
CA VAL D 86 -9.73 27.75 -3.49
C VAL D 86 -10.89 27.95 -4.48
N ASP D 87 -10.54 28.27 -5.72
CA ASP D 87 -11.50 28.51 -6.78
C ASP D 87 -10.95 27.82 -8.00
N ASN D 88 -11.82 27.20 -8.78
CA ASN D 88 -11.38 26.51 -9.98
C ASN D 88 -11.95 27.24 -11.19
N TYR D 89 -11.12 27.50 -12.19
CA TYR D 89 -11.59 28.24 -13.37
C TYR D 89 -11.46 27.36 -14.59
N THR D 90 -12.51 27.33 -15.41
CA THR D 90 -12.53 26.46 -16.59
C THR D 90 -11.71 27.04 -17.70
N SER D 91 -11.39 28.33 -17.59
CA SER D 91 -10.46 29.00 -18.49
C SER D 91 -10.19 30.40 -17.96
N LEU D 92 -9.25 31.12 -18.56
CA LEU D 92 -9.02 32.53 -18.20
C LEU D 92 -10.28 33.37 -18.33
N GLU D 93 -10.97 33.19 -19.45
CA GLU D 93 -12.16 33.97 -19.78
C GLU D 93 -13.17 33.96 -18.63
N ALA D 94 -13.31 32.81 -18.00
CA ALA D 94 -14.27 32.67 -16.92
C ALA D 94 -13.79 33.25 -15.58
N ALA D 95 -12.51 33.63 -15.51
CA ALA D 95 -11.91 34.08 -14.27
C ALA D 95 -12.18 35.57 -14.07
N PRO D 96 -12.52 36.03 -12.88
CA PRO D 96 -12.77 37.47 -12.72
C PRO D 96 -11.54 38.32 -13.05
N GLN D 97 -11.79 39.56 -13.37
CA GLN D 97 -10.76 40.49 -13.77
C GLN D 97 -9.61 40.58 -12.77
N GLU D 98 -9.91 40.62 -11.49
CA GLU D 98 -8.90 40.55 -10.47
C GLU D 98 -7.94 39.45 -10.78
N ILE D 99 -8.45 38.27 -11.05
CA ILE D 99 -7.59 37.11 -11.23
C ILE D 99 -6.77 37.23 -12.51
N ARG D 100 -7.42 37.68 -13.58
CA ARG D 100 -6.71 37.87 -14.83
C ARG D 100 -5.58 38.90 -14.67
N ASP D 101 -5.83 39.95 -13.91
CA ASP D 101 -4.78 40.98 -13.72
C ASP D 101 -3.61 40.44 -12.92
N VAL D 102 -3.90 39.74 -11.82
CA VAL D 102 -2.84 39.17 -11.01
C VAL D 102 -1.94 38.30 -11.87
N LEU D 103 -2.56 37.42 -12.66
CA LEU D 103 -1.82 36.48 -13.49
C LEU D 103 -0.96 37.16 -14.55
N SER D 104 -1.52 38.12 -15.27
CA SER D 104 -0.78 38.74 -16.36
C SER D 104 0.33 39.64 -15.82
N LYS D 105 0.10 40.28 -14.68
CA LYS D 105 1.14 41.10 -14.06
C LYS D 105 2.26 40.21 -13.52
N ALA D 106 1.93 38.98 -13.21
CA ALA D 106 2.94 38.06 -12.70
C ALA D 106 3.60 37.27 -13.83
N GLY D 107 3.20 37.54 -15.06
CA GLY D 107 3.74 36.81 -16.21
C GLY D 107 3.40 35.31 -16.22
N ILE D 108 2.19 34.96 -15.79
CA ILE D 108 1.72 33.57 -15.81
C ILE D 108 0.50 33.45 -16.71
N ARG D 109 0.59 32.58 -17.69
CA ARG D 109 -0.54 32.32 -18.57
C ARG D 109 -0.91 30.84 -18.57
N PRO D 110 -1.93 30.47 -17.78
CA PRO D 110 -2.38 29.08 -17.66
C PRO D 110 -2.89 28.55 -18.99
N LYS D 111 -2.63 27.29 -19.29
CA LYS D 111 -3.23 26.63 -20.45
C LYS D 111 -4.57 26.03 -20.02
N GLY D 112 -5.67 26.41 -20.66
CA GLY D 112 -6.96 25.84 -20.29
C GLY D 112 -7.36 26.08 -18.84
N ALA D 113 -7.76 25.03 -18.13
CA ALA D 113 -8.30 25.23 -16.78
C ALA D 113 -7.21 25.24 -15.70
N PHE D 114 -7.45 25.92 -14.58
CA PHE D 114 -6.47 26.05 -13.52
C PHE D 114 -7.17 26.29 -12.20
N GLN D 115 -6.53 25.95 -11.08
CA GLN D 115 -7.01 26.34 -9.75
C GLN D 115 -6.21 27.52 -9.23
N ILE D 116 -6.90 28.35 -8.45
CA ILE D 116 -6.28 29.46 -7.75
C ILE D 116 -6.55 29.33 -6.24
N PHE D 117 -5.49 29.36 -5.42
CA PHE D 117 -5.60 29.40 -3.97
C PHE D 117 -5.25 30.81 -3.58
N ARG D 118 -6.12 31.48 -2.85
CA ARG D 118 -6.01 32.90 -2.61
C ARG D 118 -6.07 33.25 -1.12
N ALA D 119 -5.09 33.99 -0.60
CA ALA D 119 -5.19 34.43 0.79
C ALA D 119 -6.32 35.46 0.91
N ASP D 120 -7.34 35.13 1.71
CA ASP D 120 -8.52 36.00 1.88
C ASP D 120 -8.15 37.31 2.56
N ASN D 121 -7.20 37.24 3.49
CA ASN D 121 -6.67 38.41 4.19
C ASN D 121 -5.12 38.52 4.10
N PRO D 122 -4.63 39.38 3.20
CA PRO D 122 -3.21 39.49 2.86
C PRO D 122 -2.34 39.83 4.08
N ARG D 123 -2.80 40.75 4.92
CA ARG D 123 -2.09 41.12 6.13
C ARG D 123 -2.04 39.95 7.10
N GLU D 124 -3.16 39.26 7.29
CA GLU D 124 -3.16 38.06 8.14
C GLU D 124 -2.22 36.98 7.63
N PHE D 125 -2.29 36.65 6.34
CA PHE D 125 -1.42 35.61 5.74
C PHE D 125 0.05 36.01 5.92
N TYR D 126 0.34 37.27 5.61
CA TYR D 126 1.68 37.83 5.76
C TYR D 126 2.15 37.67 7.18
N ASP D 127 1.31 38.08 8.14
CA ASP D 127 1.71 38.07 9.54
C ASP D 127 1.94 36.68 10.07
N THR D 128 1.17 35.72 9.55
CA THR D 128 1.21 34.35 10.07
C THR D 128 2.32 33.49 9.45
N TYR D 129 2.55 33.64 8.14
CA TYR D 129 3.42 32.72 7.41
C TYR D 129 4.55 33.39 6.65
N VAL D 130 4.35 34.61 6.18
CA VAL D 130 5.34 35.19 5.28
C VAL D 130 6.53 35.67 6.11
N LYS D 131 6.33 36.68 6.96
CA LYS D 131 7.43 37.25 7.76
C LYS D 131 8.09 36.24 8.69
N THR D 132 7.44 35.10 8.90
CA THR D 132 8.01 34.01 9.68
C THR D 132 8.59 32.88 8.79
N GLY D 133 8.50 33.03 7.49
CA GLY D 133 9.01 32.00 6.58
C GLY D 133 8.51 30.60 6.86
N ILE D 134 7.19 30.44 7.00
CA ILE D 134 6.60 29.13 7.23
C ILE D 134 6.07 28.57 5.93
N ASP D 135 6.75 27.56 5.39
CA ASP D 135 6.29 26.98 4.13
C ASP D 135 4.89 26.38 4.31
N LEU D 136 4.06 26.44 3.28
CA LEU D 136 2.76 25.77 3.30
C LEU D 136 2.74 24.55 2.38
N LYS D 137 1.90 23.57 2.72
CA LYS D 137 1.70 22.39 1.87
C LYS D 137 0.27 22.33 1.37
N ILE D 138 0.10 22.38 0.05
CA ILE D 138 -1.23 22.22 -0.53
C ILE D 138 -1.38 20.84 -1.16
N VAL D 139 -2.34 20.05 -0.68
CA VAL D 139 -2.67 18.79 -1.34
C VAL D 139 -3.89 18.97 -2.22
N SER D 140 -3.76 18.66 -3.51
CA SER D 140 -4.87 18.88 -4.43
C SER D 140 -5.08 17.63 -5.27
N PRO D 141 -5.89 16.69 -4.76
CA PRO D 141 -6.05 15.42 -5.47
C PRO D 141 -6.86 15.55 -6.78
N MET D 142 -6.44 14.82 -7.81
CA MET D 142 -7.06 14.87 -9.13
C MET D 142 -7.09 13.46 -9.72
N VAL D 143 -8.26 13.03 -10.17
CA VAL D 143 -8.41 11.67 -10.68
C VAL D 143 -8.19 11.62 -12.19
N VAL D 144 -7.54 10.56 -12.67
CA VAL D 144 -7.40 10.36 -14.11
C VAL D 144 -8.74 9.94 -14.76
N LYS D 145 -9.20 10.70 -15.76
CA LYS D 145 -10.45 10.42 -16.49
C LYS D 145 -10.41 9.02 -17.09
N LYS D 146 -11.53 8.30 -17.02
CA LYS D 146 -11.64 6.98 -17.66
C LYS D 146 -11.19 6.99 -19.13
N GLN D 147 -11.49 8.06 -19.84
CA GLN D 147 -11.15 8.21 -21.25
C GLN D 147 -9.65 8.01 -21.52
N MET D 148 -8.81 8.48 -20.60
CA MET D 148 -7.37 8.33 -20.76
C MET D 148 -6.99 6.83 -20.78
N GLY D 149 -7.79 6.02 -20.10
CA GLY D 149 -7.51 4.60 -20.06
C GLY D 149 -7.87 3.97 -21.39
N GLN D 150 -8.76 4.59 -22.13
CA GLN D 150 -9.13 4.10 -23.43
C GLN D 150 -8.13 4.48 -24.51
N THR D 151 -7.45 5.60 -24.37
CA THR D 151 -6.50 6.04 -25.40
C THR D 151 -5.05 5.86 -24.99
N GLY D 152 -4.78 5.85 -23.69
CA GLY D 152 -3.43 6.01 -23.21
C GLY D 152 -3.06 7.48 -23.37
N GLY D 153 -1.89 7.89 -22.86
CA GLY D 153 -1.43 9.25 -23.05
C GLY D 153 -0.64 9.79 -21.88
N SER D 154 -0.02 10.94 -22.05
CA SER D 154 0.75 11.58 -21.00
C SER D 154 0.00 12.79 -20.50
N TYR D 155 0.27 13.19 -19.25
CA TYR D 155 -0.26 14.46 -18.78
C TYR D 155 0.77 15.09 -17.87
N GLU D 156 0.76 16.40 -17.84
CA GLU D 156 1.59 17.15 -16.95
C GLU D 156 0.89 18.24 -16.14
N ASN D 157 1.40 18.42 -14.95
CA ASN D 157 0.96 19.38 -14.00
C ASN D 157 2.03 20.36 -13.58
N GLN D 158 1.68 21.62 -13.42
CA GLN D 158 2.61 22.67 -12.98
C GLN D 158 1.92 23.68 -12.07
N ALA D 159 2.63 24.17 -11.04
CA ALA D 159 2.08 25.22 -10.17
C ALA D 159 2.92 26.49 -10.22
N TYR D 160 2.39 27.57 -9.62
CA TYR D 160 3.09 28.86 -9.50
C TYR D 160 2.70 29.42 -8.15
N GLN D 161 3.64 30.08 -7.46
CA GLN D 161 3.25 30.94 -6.34
C GLN D 161 3.43 32.38 -6.74
N ILE D 162 2.55 33.23 -6.22
CA ILE D 162 2.54 34.64 -6.52
C ILE D 162 2.57 35.41 -5.21
N ASP D 163 3.74 35.92 -4.87
CA ASP D 163 3.93 36.65 -3.62
C ASP D 163 4.11 38.11 -3.95
N PHE D 164 3.26 38.97 -3.38
CA PHE D 164 3.37 40.41 -3.61
C PHE D 164 3.21 40.71 -5.10
N GLY D 165 2.60 39.77 -5.81
CA GLY D 165 2.27 39.98 -7.20
C GLY D 165 3.38 39.50 -8.13
N ASN D 166 4.47 39.00 -7.55
CA ASN D 166 5.57 38.39 -8.30
C ASN D 166 5.36 36.89 -8.49
N GLY D 167 5.52 36.38 -9.71
CA GLY D 167 5.30 34.95 -9.97
C GLY D 167 6.56 34.10 -9.97
N TYR D 168 6.46 32.92 -9.38
CA TYR D 168 7.56 31.96 -9.37
C TYR D 168 6.95 30.60 -9.75
N ALA D 169 7.57 29.91 -10.69
CA ALA D 169 6.98 28.70 -11.29
C ALA D 169 7.58 27.45 -10.68
N SER D 170 6.78 26.39 -10.52
CA SER D 170 7.30 25.16 -9.95
C SER D 170 7.90 24.31 -11.05
N ASN D 171 8.53 23.20 -10.65
CA ASN D 171 8.89 22.15 -11.59
C ASN D 171 7.61 21.53 -12.17
N ILE D 172 7.76 20.81 -13.27
CA ILE D 172 6.65 20.20 -13.97
C ILE D 172 6.64 18.71 -13.68
N VAL D 173 5.50 18.17 -13.28
CA VAL D 173 5.43 16.75 -12.97
C VAL D 173 4.64 16.01 -14.06
N ILE D 174 5.29 15.02 -14.67
CA ILE D 174 4.73 14.29 -15.81
C ILE D 174 4.35 12.86 -15.39
N ASN D 175 3.22 12.36 -15.90
CA ASN D 175 2.85 10.96 -15.74
C ASN D 175 2.24 10.45 -17.04
N ASN D 176 2.08 9.14 -17.17
CA ASN D 176 1.34 8.62 -18.31
C ASN D 176 0.29 7.57 -17.93
N VAL D 177 -0.65 7.31 -18.83
CA VAL D 177 -1.76 6.39 -18.57
C VAL D 177 -1.66 5.26 -19.59
N PRO D 178 -1.73 4.01 -19.12
CA PRO D 178 -1.66 2.86 -20.03
C PRO D 178 -3.02 2.67 -20.70
N LYS D 179 -3.01 2.39 -21.99
CA LYS D 179 -4.19 2.01 -22.72
C LYS D 179 -4.51 0.57 -22.31
N ILE D 180 -5.65 0.38 -21.67
CA ILE D 180 -6.08 -0.97 -21.31
C ILE D 180 -6.91 -1.51 -22.46
N ASN D 181 -6.37 -2.48 -23.18
CA ASN D 181 -7.03 -3.05 -24.35
C ASN D 181 -7.36 -4.54 -24.22
N PRO D 182 -8.46 -4.88 -23.56
CA PRO D 182 -8.90 -6.27 -23.43
C PRO D 182 -9.23 -6.94 -24.76
N LYS D 183 -8.78 -8.18 -24.91
CA LYS D 183 -8.98 -9.02 -26.10
C LYS D 183 -9.71 -10.34 -25.87
N LYS D 184 -10.62 -10.66 -26.76
CA LYS D 184 -11.34 -11.92 -26.75
C LYS D 184 -10.94 -12.76 -27.94
N ASP D 185 -10.44 -13.94 -27.66
CA ASP D 185 -10.16 -14.92 -28.70
C ASP D 185 -11.06 -16.14 -28.52
N VAL D 186 -11.03 -17.03 -29.51
CA VAL D 186 -11.70 -18.32 -29.43
C VAL D 186 -10.71 -19.44 -29.70
N THR D 187 -10.62 -20.42 -28.81
CA THR D 187 -9.67 -21.50 -29.02
C THR D 187 -10.33 -22.86 -28.88
N LEU D 188 -9.65 -23.86 -29.42
CA LEU D 188 -10.08 -25.25 -29.32
C LEU D 188 -9.31 -25.87 -28.19
N THR D 189 -8.15 -25.28 -27.92
CA THR D 189 -7.22 -25.85 -26.98
C THR D 189 -7.08 -24.95 -25.75
N LEU D 190 -6.69 -25.56 -24.63
CA LEU D 190 -6.51 -24.82 -23.38
C LEU D 190 -5.05 -24.47 -23.18
N ASP D 191 -4.33 -24.32 -24.29
CA ASP D 191 -2.87 -24.16 -24.29
C ASP D 191 -2.45 -22.70 -24.48
N PRO D 192 -2.02 -22.03 -23.39
CA PRO D 192 -1.64 -20.61 -23.45
C PRO D 192 -0.49 -20.37 -24.42
N ALA D 193 0.37 -21.36 -24.63
CA ALA D 193 1.43 -21.26 -25.62
C ALA D 193 0.87 -21.28 -27.04
N ASP D 194 -0.20 -22.04 -27.23
CA ASP D 194 -0.84 -22.10 -28.53
C ASP D 194 -1.52 -20.77 -28.84
N THR D 195 -1.11 -20.14 -29.94
CA THR D 195 -1.59 -18.81 -30.30
C THR D 195 -2.80 -18.83 -31.24
N ASN D 196 -3.33 -20.00 -31.54
CA ASN D 196 -4.42 -20.11 -32.50
C ASN D 196 -5.66 -19.35 -32.02
N ASN D 197 -6.36 -18.72 -32.98
CA ASN D 197 -7.59 -17.98 -32.72
C ASN D 197 -8.58 -18.37 -33.82
N VAL D 198 -9.78 -18.77 -33.41
CA VAL D 198 -10.77 -19.35 -34.32
C VAL D 198 -11.93 -18.38 -34.58
N ASP D 199 -11.80 -17.16 -34.06
CA ASP D 199 -12.76 -16.08 -34.28
C ASP D 199 -13.07 -15.88 -35.77
N GLY D 200 -14.34 -15.81 -36.14
CA GLY D 200 -14.75 -15.79 -37.52
C GLY D 200 -15.06 -17.15 -38.14
N GLN D 201 -14.14 -18.09 -37.97
CA GLN D 201 -14.26 -19.43 -38.47
C GLN D 201 -15.51 -20.13 -37.98
N THR D 202 -15.66 -21.38 -38.34
CA THR D 202 -16.87 -22.11 -38.02
C THR D 202 -16.57 -23.20 -37.02
N ILE D 203 -17.47 -23.40 -36.08
CA ILE D 203 -17.30 -24.42 -35.05
C ILE D 203 -18.32 -25.54 -35.18
N PRO D 204 -17.84 -26.75 -35.35
CA PRO D 204 -18.71 -27.90 -35.57
C PRO D 204 -19.53 -28.10 -34.36
N LEU D 205 -20.78 -28.45 -34.55
CA LEU D 205 -21.74 -28.60 -33.46
C LEU D 205 -21.35 -29.58 -32.39
N ASN D 206 -21.66 -29.21 -31.15
CA ASN D 206 -21.29 -29.95 -29.96
C ASN D 206 -19.81 -29.94 -29.58
N THR D 207 -18.98 -29.24 -30.35
CA THR D 207 -17.57 -29.10 -30.00
C THR D 207 -17.43 -28.48 -28.61
N VAL D 208 -16.49 -28.99 -27.83
CA VAL D 208 -16.13 -28.34 -26.59
C VAL D 208 -14.99 -27.39 -26.91
N PHE D 209 -15.19 -26.09 -26.67
CA PHE D 209 -14.15 -25.09 -26.94
C PHE D 209 -13.94 -24.09 -25.77
N ASN D 210 -13.13 -23.06 -25.98
CA ASN D 210 -12.93 -22.04 -24.94
C ASN D 210 -12.99 -20.62 -25.48
N TYR D 211 -13.57 -19.72 -24.69
CA TYR D 211 -13.34 -18.30 -24.91
C TYR D 211 -12.09 -17.94 -24.12
N ARG D 212 -11.21 -17.19 -24.75
CA ARG D 212 -9.94 -16.81 -24.17
C ARG D 212 -10.08 -15.33 -23.89
N LEU D 213 -10.27 -14.99 -22.63
CA LEU D 213 -10.54 -13.61 -22.26
C LEU D 213 -9.22 -12.99 -21.79
N ILE D 214 -8.58 -12.22 -22.66
CA ILE D 214 -7.24 -11.69 -22.42
C ILE D 214 -7.28 -10.34 -21.72
N GLY D 215 -6.71 -10.28 -20.52
CA GLY D 215 -6.78 -9.08 -19.69
C GLY D 215 -5.96 -7.92 -20.23
N GLY D 216 -6.24 -6.72 -19.72
CA GLY D 216 -5.49 -5.56 -20.14
C GLY D 216 -4.11 -5.62 -19.50
N ILE D 217 -3.15 -4.95 -20.11
CA ILE D 217 -1.80 -4.94 -19.58
C ILE D 217 -1.59 -3.76 -18.68
N ILE D 218 -1.17 -4.06 -17.47
CA ILE D 218 -0.80 -3.05 -16.51
C ILE D 218 0.72 -3.03 -16.41
N PRO D 219 1.34 -1.95 -16.89
CA PRO D 219 2.81 -1.91 -17.05
C PRO D 219 3.54 -1.86 -15.71
N ALA D 220 4.82 -2.22 -15.76
CA ALA D 220 5.72 -2.03 -14.64
C ALA D 220 5.74 -0.55 -14.22
N ASN D 221 6.27 -0.28 -13.04
CA ASN D 221 6.42 1.09 -12.55
C ASN D 221 5.10 1.86 -12.55
N HIS D 222 4.03 1.23 -12.04
CA HIS D 222 2.75 1.92 -11.94
C HIS D 222 2.51 2.48 -10.54
N SER D 223 1.45 3.26 -10.38
CA SER D 223 1.38 4.19 -9.24
C SER D 223 0.58 3.68 -8.06
N GLU D 224 -0.32 2.74 -8.30
CA GLU D 224 -1.19 2.25 -7.21
C GLU D 224 -1.29 0.74 -7.12
N GLU D 225 -1.77 0.28 -5.98
CA GLU D 225 -2.00 -1.13 -5.78
C GLU D 225 -3.15 -1.59 -6.68
N LEU D 226 -3.06 -2.82 -7.17
CA LEU D 226 -4.17 -3.46 -7.83
C LEU D 226 -5.12 -3.98 -6.74
N PHE D 227 -6.42 -3.73 -6.91
CA PHE D 227 -7.37 -4.27 -5.96
C PHE D 227 -8.53 -4.92 -6.69
N GLU D 228 -8.63 -4.73 -8.00
CA GLU D 228 -9.66 -5.44 -8.76
C GLU D 228 -9.20 -5.75 -10.16
N TYR D 229 -9.45 -6.97 -10.61
CA TYR D 229 -9.15 -7.37 -11.97
C TYR D 229 -10.09 -8.53 -12.31
N ASN D 230 -11.25 -8.20 -12.89
CA ASN D 230 -12.31 -9.18 -13.21
C ASN D 230 -12.46 -9.41 -14.72
N PHE D 231 -13.09 -10.52 -15.08
CA PHE D 231 -13.42 -10.82 -16.48
C PHE D 231 -14.92 -11.06 -16.47
N TYR D 232 -15.70 -10.15 -17.02
CA TYR D 232 -17.14 -10.33 -17.00
C TYR D 232 -17.61 -10.73 -18.38
N ASP D 233 -18.40 -11.79 -18.45
CA ASP D 233 -18.82 -12.31 -19.76
C ASP D 233 -20.28 -12.75 -19.74
N ASP D 234 -21.13 -11.91 -20.32
CA ASP D 234 -22.53 -12.22 -20.52
C ASP D 234 -22.61 -12.80 -21.92
N TYR D 235 -22.46 -14.11 -22.03
CA TYR D 235 -22.33 -14.78 -23.33
C TYR D 235 -23.73 -15.13 -23.85
N ASP D 236 -23.79 -15.70 -25.05
CA ASP D 236 -25.08 -16.02 -25.67
C ASP D 236 -25.43 -17.50 -25.47
N GLN D 237 -26.21 -17.82 -24.43
CA GLN D 237 -26.43 -19.23 -24.10
C GLN D 237 -27.28 -20.01 -25.11
N THR D 238 -27.78 -19.32 -26.13
CA THR D 238 -28.51 -19.96 -27.22
C THR D 238 -27.62 -20.89 -28.04
N GLY D 239 -26.35 -20.54 -28.14
CA GLY D 239 -25.40 -21.36 -28.86
C GLY D 239 -24.25 -21.77 -27.97
N ASP D 240 -24.05 -21.05 -26.87
CA ASP D 240 -22.91 -21.28 -26.00
C ASP D 240 -23.34 -21.71 -24.62
N HIS D 241 -22.93 -22.92 -24.24
CA HIS D 241 -23.22 -23.46 -22.91
C HIS D 241 -21.95 -23.54 -22.07
N TYR D 242 -21.92 -22.80 -20.95
CA TYR D 242 -20.77 -22.82 -20.04
C TYR D 242 -20.69 -24.17 -19.32
N THR D 243 -19.60 -24.90 -19.53
CA THR D 243 -19.50 -26.25 -18.99
C THR D 243 -19.18 -26.25 -17.51
N GLY D 244 -19.08 -25.07 -16.91
CA GLY D 244 -18.78 -24.99 -15.49
C GLY D 244 -17.30 -25.01 -15.15
N GLN D 245 -16.44 -25.04 -16.17
CA GLN D 245 -15.00 -25.03 -15.88
C GLN D 245 -14.18 -23.94 -16.58
N TYR D 246 -13.32 -23.30 -15.79
CA TYR D 246 -12.51 -22.20 -16.29
C TYR D 246 -11.10 -22.27 -15.68
N LYS D 247 -10.14 -21.64 -16.37
CA LYS D 247 -8.76 -21.53 -15.90
C LYS D 247 -8.24 -20.12 -16.14
N VAL D 248 -7.26 -19.70 -15.32
CA VAL D 248 -6.66 -18.38 -15.45
C VAL D 248 -5.13 -18.48 -15.41
N PHE D 249 -4.47 -17.79 -16.34
CA PHE D 249 -3.01 -17.82 -16.44
C PHE D 249 -2.38 -16.44 -16.42
N ALA D 250 -1.22 -16.32 -15.78
CA ALA D 250 -0.45 -15.09 -15.88
C ALA D 250 0.02 -14.97 -17.34
N LYS D 251 0.10 -13.74 -17.86
CA LYS D 251 0.54 -13.55 -19.25
C LYS D 251 1.82 -12.69 -19.38
N VAL D 252 2.32 -12.20 -18.23
CA VAL D 252 3.63 -11.60 -18.16
C VAL D 252 4.25 -12.13 -16.88
N ASP D 253 5.55 -11.94 -16.70
CA ASP D 253 6.18 -12.18 -15.40
C ASP D 253 5.65 -11.19 -14.35
N ILE D 254 5.34 -11.70 -13.17
CA ILE D 254 4.76 -10.88 -12.10
C ILE D 254 5.66 -10.96 -10.90
N ILE D 255 5.88 -9.82 -10.25
CA ILE D 255 6.67 -9.82 -9.00
C ILE D 255 5.85 -9.33 -7.81
N LEU D 256 5.89 -10.10 -6.74
CA LEU D 256 5.17 -9.78 -5.52
C LEU D 256 5.98 -8.88 -4.60
N LYS D 257 5.28 -8.26 -3.66
CA LYS D 257 5.90 -7.36 -2.70
C LYS D 257 7.03 -8.07 -1.98
N ASN D 258 6.83 -9.35 -1.66
CA ASN D 258 7.84 -10.11 -0.89
C ASN D 258 8.99 -10.58 -1.79
N GLY D 259 8.97 -10.19 -3.05
CA GLY D 259 10.03 -10.54 -3.98
C GLY D 259 9.83 -11.86 -4.72
N VAL D 260 8.81 -12.63 -4.33
CA VAL D 260 8.47 -13.86 -5.06
C VAL D 260 8.08 -13.53 -6.51
N ILE D 261 8.56 -14.33 -7.45
CA ILE D 261 8.30 -14.17 -8.88
C ILE D 261 7.32 -15.25 -9.34
N ILE D 262 6.39 -14.89 -10.20
CA ILE D 262 5.46 -15.84 -10.81
C ILE D 262 5.67 -15.68 -12.30
N LYS D 263 6.14 -16.73 -12.99
CA LYS D 263 6.48 -16.63 -14.41
C LYS D 263 5.23 -16.55 -15.24
N SER D 264 5.33 -15.85 -16.35
CA SER D 264 4.32 -15.84 -17.38
C SER D 264 3.97 -17.28 -17.71
N GLY D 265 2.69 -17.56 -17.89
CA GLY D 265 2.22 -18.88 -18.25
C GLY D 265 1.79 -19.69 -17.03
N THR D 266 2.23 -19.27 -15.86
CA THR D 266 1.82 -19.94 -14.63
C THR D 266 0.30 -19.83 -14.42
N GLU D 267 -0.35 -20.94 -14.07
CA GLU D 267 -1.79 -20.92 -13.79
C GLU D 267 -2.09 -20.19 -12.49
N LEU D 268 -3.03 -19.25 -12.56
CA LEU D 268 -3.40 -18.39 -11.43
C LEU D 268 -4.80 -18.71 -10.87
N THR D 269 -5.44 -19.72 -11.43
CA THR D 269 -6.80 -20.09 -11.02
C THR D 269 -7.01 -20.10 -9.51
N GLN D 270 -5.95 -20.43 -8.77
CA GLN D 270 -6.03 -20.57 -7.31
C GLN D 270 -6.33 -19.26 -6.61
N TYR D 271 -6.03 -18.17 -7.29
CA TYR D 271 -6.25 -16.82 -6.74
C TYR D 271 -7.58 -16.21 -7.22
N THR D 272 -8.50 -17.03 -7.69
CA THR D 272 -9.74 -16.51 -8.27
C THR D 272 -10.98 -17.28 -7.81
N THR D 273 -12.14 -16.65 -7.98
CA THR D 273 -13.41 -17.34 -7.85
C THR D 273 -14.22 -16.97 -9.07
N ALA D 274 -15.30 -17.69 -9.31
CA ALA D 274 -16.19 -17.38 -10.43
C ALA D 274 -17.64 -17.33 -9.97
N GLU D 275 -18.32 -16.25 -10.32
CA GLU D 275 -19.71 -16.08 -9.95
C GLU D 275 -20.59 -16.31 -11.16
N VAL D 276 -21.38 -17.38 -11.16
CA VAL D 276 -22.21 -17.65 -12.31
C VAL D 276 -23.64 -17.16 -12.10
N ASP D 277 -24.16 -16.49 -13.13
CA ASP D 277 -25.56 -16.12 -13.19
C ASP D 277 -26.18 -16.98 -14.27
N THR D 278 -26.71 -18.13 -13.84
CA THR D 278 -27.17 -19.18 -14.71
C THR D 278 -28.48 -18.78 -15.41
N THR D 279 -29.24 -17.92 -14.78
CA THR D 279 -30.50 -17.45 -15.36
C THR D 279 -30.20 -16.52 -16.51
N LYS D 280 -29.28 -15.61 -16.26
CA LYS D 280 -28.95 -14.55 -17.21
C LYS D 280 -27.96 -15.01 -18.28
N GLY D 281 -27.37 -16.19 -18.07
CA GLY D 281 -26.35 -16.75 -18.96
C GLY D 281 -24.99 -16.05 -18.95
N ALA D 282 -24.46 -15.79 -17.75
CA ALA D 282 -23.25 -15.00 -17.60
C ALA D 282 -22.33 -15.53 -16.51
N ILE D 283 -21.07 -15.09 -16.54
CA ILE D 283 -20.05 -15.44 -15.54
C ILE D 283 -19.05 -14.30 -15.27
N THR D 284 -18.70 -14.08 -14.01
CA THR D 284 -17.62 -13.16 -13.71
C THR D 284 -16.51 -13.90 -12.98
N ILE D 285 -15.33 -13.87 -13.58
CA ILE D 285 -14.14 -14.43 -12.95
C ILE D 285 -13.44 -13.28 -12.21
N LYS D 286 -13.19 -13.45 -10.91
CA LYS D 286 -12.71 -12.36 -10.07
C LYS D 286 -11.41 -12.75 -9.36
N PHE D 287 -10.38 -11.92 -9.44
CA PHE D 287 -9.16 -12.15 -8.67
C PHE D 287 -9.44 -11.76 -7.25
N LYS D 288 -9.01 -12.60 -6.33
CA LYS D 288 -9.08 -12.25 -4.92
C LYS D 288 -8.29 -10.98 -4.67
N GLU D 289 -8.88 -10.04 -3.94
CA GLU D 289 -8.25 -8.75 -3.69
C GLU D 289 -6.90 -8.86 -2.96
N ALA D 290 -6.78 -9.82 -2.06
CA ALA D 290 -5.56 -9.96 -1.27
C ALA D 290 -4.40 -10.37 -2.17
N PHE D 291 -4.65 -11.26 -3.12
CA PHE D 291 -3.65 -11.54 -4.13
C PHE D 291 -3.24 -10.31 -4.96
N LEU D 292 -4.23 -9.59 -5.50
CA LEU D 292 -3.91 -8.44 -6.32
C LEU D 292 -3.05 -7.45 -5.55
N ARG D 293 -3.45 -7.15 -4.32
CA ARG D 293 -2.75 -6.18 -3.50
C ARG D 293 -1.38 -6.67 -3.04
N SER D 294 -1.11 -7.97 -3.15
CA SER D 294 0.21 -8.49 -2.81
C SER D 294 1.18 -8.31 -3.98
N VAL D 295 0.67 -8.00 -5.16
CA VAL D 295 1.53 -7.71 -6.30
C VAL D 295 2.25 -6.38 -6.09
N SER D 296 3.53 -6.30 -6.50
CA SER D 296 4.30 -5.07 -6.30
C SER D 296 3.86 -3.96 -7.26
N ILE D 297 3.80 -2.72 -6.80
CA ILE D 297 3.45 -1.64 -7.72
C ILE D 297 4.48 -1.47 -8.84
N ASP D 298 5.69 -2.02 -8.67
CA ASP D 298 6.70 -1.94 -9.74
C ASP D 298 6.54 -3.01 -10.79
N SER D 299 5.75 -4.04 -10.49
CA SER D 299 5.58 -5.17 -11.42
C SER D 299 4.61 -4.87 -12.53
N ALA D 300 4.81 -5.50 -13.69
CA ALA D 300 3.78 -5.55 -14.70
C ALA D 300 2.77 -6.58 -14.21
N PHE D 301 1.57 -6.54 -14.77
CA PHE D 301 0.53 -7.50 -14.43
C PHE D 301 -0.39 -7.64 -15.61
N GLN D 302 -0.70 -8.89 -15.94
CA GLN D 302 -1.66 -9.26 -16.97
C GLN D 302 -2.03 -10.71 -16.77
N ALA D 303 -3.31 -11.01 -16.93
CA ALA D 303 -3.79 -12.39 -16.82
C ALA D 303 -4.86 -12.59 -17.87
N GLU D 304 -5.19 -13.85 -18.12
CA GLU D 304 -6.18 -14.21 -19.09
C GLU D 304 -6.96 -15.42 -18.60
N SER D 305 -8.24 -15.47 -18.97
CA SER D 305 -9.12 -16.51 -18.48
C SER D 305 -9.60 -17.33 -19.66
N TYR D 306 -9.68 -18.64 -19.46
CA TYR D 306 -10.29 -19.50 -20.46
C TYR D 306 -11.59 -19.97 -19.85
N ILE D 307 -12.72 -19.73 -20.51
CA ILE D 307 -13.95 -20.35 -20.06
C ILE D 307 -14.34 -21.42 -21.08
N GLN D 308 -14.52 -22.65 -20.61
CA GLN D 308 -14.88 -23.78 -21.47
C GLN D 308 -16.38 -23.79 -21.81
N MET D 309 -16.67 -23.75 -23.10
CA MET D 309 -18.04 -23.71 -23.61
C MET D 309 -18.29 -24.93 -24.50
N LYS D 310 -19.56 -25.27 -24.66
CA LYS D 310 -19.97 -26.27 -25.66
C LYS D 310 -20.92 -25.59 -26.63
N ARG D 311 -20.60 -25.68 -27.92
CA ARG D 311 -21.49 -25.14 -28.96
C ARG D 311 -22.69 -26.08 -29.13
N ILE D 312 -23.84 -25.65 -28.68
CA ILE D 312 -25.02 -26.46 -28.65
C ILE D 312 -26.08 -25.96 -29.61
N ALA D 313 -25.67 -25.63 -30.82
CA ALA D 313 -26.61 -25.22 -31.84
C ALA D 313 -26.01 -24.57 -33.06
N VAL D 314 -26.78 -24.57 -34.12
CA VAL D 314 -26.43 -23.96 -35.37
C VAL D 314 -26.91 -22.53 -35.38
N GLY D 315 -26.18 -21.70 -36.10
CA GLY D 315 -26.45 -20.28 -36.15
C GLY D 315 -25.18 -19.47 -36.06
N THR D 316 -25.35 -18.17 -35.87
CA THR D 316 -24.22 -17.26 -35.76
C THR D 316 -24.22 -16.68 -34.36
N PHE D 317 -23.10 -16.80 -33.67
CA PHE D 317 -23.03 -16.39 -32.27
C PHE D 317 -21.85 -15.45 -31.97
N GLU D 318 -22.15 -14.37 -31.27
CA GLU D 318 -21.18 -13.37 -30.87
C GLU D 318 -20.87 -13.36 -29.38
N ASN D 319 -19.85 -12.89 -28.86
CA ASN D 319 -19.44 -12.75 -27.47
C ASN D 319 -18.48 -11.63 -27.27
N THR D 320 -18.47 -10.97 -26.27
CA THR D 320 -17.65 -9.85 -25.83
C THR D 320 -17.49 -9.98 -24.32
N TYR D 321 -16.40 -9.46 -23.77
CA TYR D 321 -16.26 -9.43 -22.31
C TYR D 321 -15.70 -8.12 -21.81
N ILE D 322 -15.91 -7.88 -20.54
CA ILE D 322 -15.53 -6.63 -19.90
C ILE D 322 -14.44 -6.94 -18.88
N ASN D 323 -13.29 -6.30 -19.05
CA ASN D 323 -12.20 -6.38 -18.08
C ASN D 323 -12.35 -5.16 -17.17
N THR D 324 -12.60 -5.39 -15.88
CA THR D 324 -12.73 -4.31 -14.91
C THR D 324 -11.46 -4.24 -14.07
N VAL D 325 -10.78 -3.09 -14.11
CA VAL D 325 -9.52 -2.92 -13.41
C VAL D 325 -9.61 -1.74 -12.46
N ASN D 326 -9.51 -2.01 -11.18
CA ASN D 326 -9.64 -0.96 -10.19
C ASN D 326 -10.85 -0.08 -10.51
N GLY D 327 -12.00 -0.72 -10.73
CA GLY D 327 -13.28 -0.03 -10.74
C GLY D 327 -13.68 0.52 -12.09
N VAL D 328 -12.81 0.35 -13.08
CA VAL D 328 -13.05 0.93 -14.39
C VAL D 328 -13.24 -0.17 -15.43
N THR D 329 -14.33 -0.10 -16.20
CA THR D 329 -14.66 -1.16 -17.15
C THR D 329 -14.07 -0.88 -18.52
N TYR D 330 -13.51 -1.92 -19.12
CA TYR D 330 -12.96 -1.83 -20.46
C TYR D 330 -13.48 -3.02 -21.26
N SER D 331 -14.04 -2.76 -22.44
CA SER D 331 -14.63 -3.81 -23.25
C SER D 331 -13.67 -4.36 -24.28
N SER D 332 -13.71 -5.67 -24.48
CA SER D 332 -12.90 -6.32 -25.49
C SER D 332 -13.55 -6.15 -26.85
N ASN D 333 -12.86 -6.60 -27.89
CA ASN D 333 -13.45 -6.77 -29.20
C ASN D 333 -14.55 -7.82 -29.14
N THR D 334 -15.43 -7.81 -30.13
CA THR D 334 -16.53 -8.78 -30.19
C THR D 334 -16.17 -9.88 -31.19
N VAL D 335 -16.09 -11.12 -30.71
CA VAL D 335 -15.87 -12.28 -31.57
C VAL D 335 -17.19 -12.82 -32.15
N LYS D 336 -17.08 -13.57 -33.26
CA LYS D 336 -18.25 -14.17 -33.90
C LYS D 336 -17.84 -15.44 -34.62
N THR D 337 -18.53 -16.54 -34.30
CA THR D 337 -18.35 -17.81 -35.00
C THR D 337 -19.68 -18.31 -35.55
N THR D 338 -19.62 -19.30 -36.45
CA THR D 338 -20.82 -19.94 -37.01
C THR D 338 -20.81 -21.47 -36.87
N THR D 339 -22.00 -22.04 -36.64
CA THR D 339 -22.14 -23.50 -36.63
C THR D 339 -23.23 -23.99 -37.59
N ASN E 1 44.88 15.95 -15.13
CA ASN E 1 45.10 15.45 -13.79
C ASN E 1 45.21 13.93 -13.70
N TYR E 2 44.29 13.33 -12.99
CA TYR E 2 44.38 11.97 -12.54
C TYR E 2 44.86 10.96 -13.61
N ILE E 3 45.76 10.07 -13.22
CA ILE E 3 46.20 9.00 -14.11
C ILE E 3 45.04 8.09 -14.39
N LYS E 4 44.60 8.06 -15.62
CA LYS E 4 43.34 7.39 -15.94
C LYS E 4 43.30 6.87 -17.38
N PRO E 5 43.51 5.55 -17.56
CA PRO E 5 43.36 5.00 -18.90
C PRO E 5 41.87 5.01 -19.20
N THR E 6 41.51 5.25 -20.44
CA THR E 6 40.12 5.25 -20.89
C THR E 6 39.86 4.38 -22.14
N LYS E 7 38.62 3.93 -22.26
CA LYS E 7 38.15 3.12 -23.37
C LYS E 7 36.78 3.58 -23.89
N VAL E 8 36.72 3.83 -25.19
CA VAL E 8 35.55 4.26 -25.92
C VAL E 8 35.33 3.35 -27.14
N ASN E 9 34.09 3.07 -27.47
CA ASN E 9 33.81 2.22 -28.64
C ASN E 9 33.35 3.11 -29.77
N LYS E 10 33.84 2.86 -30.95
CA LYS E 10 33.46 3.60 -32.11
C LYS E 10 33.08 2.69 -33.30
N ASN E 11 32.16 3.10 -34.16
CA ASN E 11 31.91 2.44 -35.43
C ASN E 11 33.02 2.68 -36.45
N GLU E 12 32.82 2.26 -37.70
CA GLU E 12 33.86 2.39 -38.69
C GLU E 12 34.07 3.84 -39.05
N ASN E 13 33.08 4.67 -38.80
CA ASN E 13 33.19 6.07 -39.19
C ASN E 13 33.56 7.02 -38.06
N GLY E 14 33.98 6.48 -36.90
CA GLY E 14 34.45 7.31 -35.80
C GLY E 14 33.36 7.75 -34.83
N VAL E 15 32.11 7.46 -35.14
CA VAL E 15 31.03 7.76 -34.21
C VAL E 15 31.19 6.95 -32.92
N VAL E 16 30.97 7.60 -31.76
CA VAL E 16 31.00 6.87 -30.51
C VAL E 16 29.79 5.98 -30.44
N ILE E 17 29.99 4.72 -30.05
CA ILE E 17 28.85 3.80 -30.04
C ILE E 17 28.61 3.14 -28.69
N ASP E 18 29.23 3.67 -27.64
CA ASP E 18 29.06 3.17 -26.31
C ASP E 18 27.58 2.98 -26.09
N ASP E 19 27.18 1.89 -25.50
CA ASP E 19 25.78 1.64 -25.21
C ASP E 19 24.83 1.44 -26.41
N LYS E 20 25.31 1.49 -27.63
CA LYS E 20 24.46 1.18 -28.76
C LYS E 20 24.24 -0.32 -28.95
N THR E 21 23.17 -0.70 -29.64
CA THR E 21 22.99 -2.10 -30.02
C THR E 21 23.89 -2.34 -31.21
N VAL E 22 24.63 -3.44 -31.19
CA VAL E 22 25.57 -3.74 -32.26
C VAL E 22 25.21 -5.08 -32.90
N LEU E 23 24.97 -5.08 -34.21
CA LEU E 23 24.60 -6.29 -34.94
C LEU E 23 25.74 -7.28 -35.04
N ALA E 24 25.40 -8.57 -34.98
CA ALA E 24 26.41 -9.61 -35.18
C ALA E 24 27.13 -9.33 -36.51
N GLY E 25 28.45 -9.47 -36.49
CA GLY E 25 29.24 -9.23 -37.68
C GLY E 25 29.80 -7.82 -37.78
N SER E 26 29.28 -6.90 -36.96
CA SER E 26 29.80 -5.55 -36.92
C SER E 26 31.13 -5.52 -36.20
N THR E 27 31.98 -4.56 -36.55
CA THR E 27 33.21 -4.37 -35.81
C THR E 27 33.08 -3.28 -34.70
N ASN E 28 33.67 -3.57 -33.54
CA ASN E 28 33.78 -2.60 -32.46
C ASN E 28 35.17 -2.03 -32.57
N TYR E 29 35.30 -0.78 -33.04
CA TYR E 29 36.61 -0.13 -33.15
C TYR E 29 37.03 0.50 -31.81
N TYR E 30 37.29 -0.34 -30.82
CA TYR E 30 37.63 0.10 -29.46
C TYR E 30 38.85 1.01 -29.46
N GLU E 31 38.77 2.13 -28.75
CA GLU E 31 39.92 3.03 -28.65
C GLU E 31 40.38 3.08 -27.20
N LEU E 32 41.64 2.76 -26.96
CA LEU E 32 42.22 2.69 -25.63
C LEU E 32 43.30 3.74 -25.46
N THR E 33 43.15 4.62 -24.49
CA THR E 33 44.22 5.56 -24.18
C THR E 33 45.11 5.09 -23.05
N TRP E 34 46.42 5.17 -23.28
CA TRP E 34 47.40 4.84 -22.28
C TRP E 34 47.91 6.16 -21.72
N ASP E 35 47.54 6.48 -20.47
CA ASP E 35 47.76 7.81 -19.88
C ASP E 35 49.11 7.97 -19.24
N LEU E 36 50.01 8.62 -19.95
CA LEU E 36 51.35 8.73 -19.47
C LEU E 36 51.67 10.21 -19.17
N ASP E 37 50.70 11.09 -19.39
CA ASP E 37 50.98 12.51 -19.33
C ASP E 37 51.33 13.00 -17.91
N GLN E 38 51.27 12.12 -16.92
CA GLN E 38 51.57 12.50 -15.55
C GLN E 38 52.92 12.07 -15.04
N TYR E 39 53.76 11.49 -15.91
CA TYR E 39 55.05 10.95 -15.48
C TYR E 39 56.31 11.78 -15.81
N LYS E 40 56.18 13.01 -16.30
CA LYS E 40 57.40 13.71 -16.74
C LYS E 40 58.34 14.13 -15.60
N ASN E 41 57.94 13.85 -14.35
CA ASN E 41 58.79 14.08 -13.18
C ASN E 41 59.31 12.77 -12.61
N ASP E 42 58.96 11.66 -13.21
CA ASP E 42 59.33 10.41 -12.63
C ASP E 42 60.83 10.26 -12.43
N ARG E 43 61.24 9.53 -11.42
CA ARG E 43 62.64 9.27 -11.24
C ARG E 43 62.85 7.91 -10.64
N SER E 44 62.15 6.91 -11.13
CA SER E 44 62.48 5.53 -10.87
C SER E 44 63.85 5.31 -11.52
N SER E 45 64.72 4.48 -11.00
CA SER E 45 64.44 3.30 -10.29
C SER E 45 64.76 2.32 -11.41
N ALA E 46 66.01 2.05 -11.71
CA ALA E 46 66.30 1.25 -12.91
C ALA E 46 65.79 -0.17 -12.86
N ASP E 47 65.83 -0.76 -11.70
CA ASP E 47 65.27 -2.10 -11.57
C ASP E 47 63.76 -2.03 -11.76
N THR E 48 63.18 -0.92 -11.34
CA THR E 48 61.75 -0.73 -11.43
C THR E 48 61.30 -0.53 -12.87
N ILE E 49 61.99 0.36 -13.57
CA ILE E 49 61.71 0.58 -14.98
C ILE E 49 61.83 -0.77 -15.67
N GLN E 50 62.82 -1.55 -15.26
CA GLN E 50 63.06 -2.86 -15.86
C GLN E 50 61.90 -3.85 -15.72
N LYS E 51 60.98 -3.59 -14.79
CA LYS E 51 59.75 -4.36 -14.68
C LYS E 51 59.01 -4.32 -16.02
N GLY E 52 58.87 -3.12 -16.55
CA GLY E 52 58.36 -2.91 -17.89
C GLY E 52 57.11 -2.08 -17.87
N PHE E 53 56.48 -1.95 -19.03
CA PHE E 53 55.23 -1.23 -19.15
C PHE E 53 54.22 -2.03 -19.98
N TYR E 54 53.01 -2.22 -19.44
CA TYR E 54 52.00 -3.05 -20.07
C TYR E 54 50.68 -2.35 -20.20
N TYR E 55 49.95 -2.69 -21.24
CA TYR E 55 48.56 -2.30 -21.33
C TYR E 55 47.74 -3.58 -21.55
N VAL E 56 46.55 -3.63 -20.96
CA VAL E 56 45.74 -4.82 -20.94
C VAL E 56 44.34 -4.51 -21.44
N ASP E 57 43.85 -5.29 -22.40
CA ASP E 57 42.43 -5.25 -22.69
C ASP E 57 41.80 -6.59 -22.36
N ASP E 58 40.84 -6.54 -21.44
CA ASP E 58 40.13 -7.72 -21.01
C ASP E 58 38.86 -7.73 -21.85
N TYR E 59 38.88 -8.43 -22.99
CA TYR E 59 37.74 -8.38 -23.91
C TYR E 59 36.77 -9.57 -23.70
N PRO E 60 35.49 -9.41 -24.06
CA PRO E 60 34.53 -10.51 -23.84
C PRO E 60 34.65 -11.62 -24.88
N GLU E 61 35.50 -12.61 -24.67
CA GLU E 61 35.79 -13.57 -25.75
C GLU E 61 34.60 -14.48 -26.10
N GLU E 62 33.54 -14.46 -25.29
CA GLU E 62 32.35 -15.27 -25.59
C GLU E 62 31.50 -14.57 -26.65
N ALA E 63 31.72 -13.27 -26.81
CA ALA E 63 30.93 -12.47 -27.74
C ALA E 63 31.73 -11.93 -28.94
N LEU E 64 33.01 -11.63 -28.74
CA LEU E 64 33.78 -10.93 -29.77
C LEU E 64 35.00 -11.69 -30.19
N GLU E 65 35.43 -11.46 -31.43
CA GLU E 65 36.67 -12.05 -31.91
C GLU E 65 37.63 -10.98 -32.35
N LEU E 66 38.89 -11.19 -32.12
CA LEU E 66 39.88 -10.24 -32.42
C LEU E 66 40.11 -10.08 -33.93
N ARG E 67 40.32 -8.84 -34.34
CA ARG E 67 40.89 -8.53 -35.59
C ARG E 67 42.24 -7.97 -35.38
N GLN E 68 43.19 -8.83 -35.14
CA GLN E 68 44.52 -8.50 -34.70
C GLN E 68 45.34 -7.78 -35.74
N ASP E 69 44.99 -7.95 -36.97
CA ASP E 69 45.75 -7.35 -38.06
C ASP E 69 45.32 -5.90 -38.26
N LEU E 70 44.29 -5.49 -37.53
CA LEU E 70 43.78 -4.13 -37.64
C LEU E 70 44.17 -3.27 -36.43
N VAL E 71 45.00 -3.81 -35.55
CA VAL E 71 45.41 -3.11 -34.35
C VAL E 71 46.31 -1.95 -34.76
N LYS E 72 46.05 -0.76 -34.23
CA LYS E 72 46.98 0.37 -34.48
C LYS E 72 47.31 1.15 -33.21
N ILE E 73 48.59 1.51 -33.10
CA ILE E 73 49.07 2.21 -31.92
C ILE E 73 49.72 3.53 -32.34
N THR E 74 49.13 4.64 -31.94
CA THR E 74 49.67 5.94 -32.32
C THR E 74 49.84 6.80 -31.07
N ASP E 75 50.65 7.86 -31.13
CA ASP E 75 50.86 8.71 -29.94
C ASP E 75 50.08 10.03 -29.95
N ALA E 76 50.33 10.86 -28.93
CA ALA E 76 49.58 12.11 -28.78
C ALA E 76 49.70 12.94 -30.05
N ASN E 77 50.92 13.08 -30.51
CA ASN E 77 51.20 13.80 -31.72
C ASN E 77 51.31 12.88 -32.88
N GLY E 78 50.20 12.34 -33.36
CA GLY E 78 50.17 11.32 -34.41
C GLY E 78 51.24 10.26 -34.42
N ASN E 79 52.36 10.52 -35.04
CA ASN E 79 53.44 9.60 -34.93
C ASN E 79 53.00 8.17 -34.56
N GLU E 80 52.82 7.31 -35.54
CA GLU E 80 52.61 5.91 -35.28
C GLU E 80 53.70 5.46 -34.31
N VAL E 81 53.37 4.58 -33.39
CA VAL E 81 54.27 4.18 -32.31
C VAL E 81 55.11 2.95 -32.66
N THR E 82 56.24 2.76 -31.99
CA THR E 82 56.97 1.53 -32.17
C THR E 82 57.58 1.03 -30.87
N GLY E 83 57.88 -0.25 -30.83
CA GLY E 83 58.48 -0.84 -29.64
C GLY E 83 57.45 -1.54 -28.80
N VAL E 84 56.20 -1.49 -29.22
CA VAL E 84 55.15 -2.14 -28.46
C VAL E 84 54.62 -3.33 -29.27
N SER E 85 54.75 -4.54 -28.73
CA SER E 85 54.18 -5.71 -29.38
C SER E 85 52.89 -6.16 -28.67
N VAL E 86 51.96 -6.75 -29.43
CA VAL E 86 50.66 -7.16 -28.90
C VAL E 86 50.56 -8.69 -28.83
N ASP E 87 50.26 -9.22 -27.64
CA ASP E 87 50.15 -10.66 -27.44
C ASP E 87 48.77 -10.98 -26.97
N ASN E 88 48.13 -11.94 -27.64
CA ASN E 88 46.76 -12.28 -27.30
C ASN E 88 46.75 -13.58 -26.51
N TYR E 89 46.06 -13.59 -25.36
CA TYR E 89 46.05 -14.77 -24.50
C TYR E 89 44.67 -15.41 -24.33
N THR E 90 44.58 -16.71 -24.55
CA THR E 90 43.27 -17.37 -24.52
C THR E 90 42.84 -17.51 -23.08
N SER E 91 43.80 -17.58 -22.16
CA SER E 91 43.48 -17.65 -20.74
C SER E 91 44.67 -17.23 -19.89
N LEU E 92 44.46 -17.05 -18.60
CA LEU E 92 45.53 -16.66 -17.70
C LEU E 92 46.58 -17.78 -17.62
N GLU E 93 46.12 -19.02 -17.68
CA GLU E 93 47.00 -20.17 -17.58
C GLU E 93 47.92 -20.29 -18.78
N ALA E 94 47.46 -19.82 -19.94
CA ALA E 94 48.30 -19.88 -21.16
C ALA E 94 49.38 -18.78 -21.22
N ALA E 95 49.29 -17.80 -20.32
CA ALA E 95 50.18 -16.64 -20.34
C ALA E 95 51.47 -16.98 -19.62
N PRO E 96 52.59 -16.51 -20.08
CA PRO E 96 53.82 -16.78 -19.36
C PRO E 96 53.84 -16.24 -17.92
N GLN E 97 54.80 -16.71 -17.16
CA GLN E 97 54.96 -16.35 -15.78
C GLN E 97 55.22 -14.89 -15.59
N GLU E 98 56.07 -14.31 -16.39
CA GLU E 98 56.27 -12.88 -16.34
C GLU E 98 54.95 -12.13 -16.35
N ILE E 99 54.04 -12.53 -17.20
CA ILE E 99 52.78 -11.80 -17.33
C ILE E 99 51.83 -12.05 -16.14
N ARG E 100 51.72 -13.31 -15.70
CA ARG E 100 50.87 -13.57 -14.55
C ARG E 100 51.36 -12.80 -13.32
N ASP E 101 52.68 -12.70 -13.13
CA ASP E 101 53.27 -11.97 -12.01
C ASP E 101 52.93 -10.48 -12.07
N VAL E 102 53.12 -9.87 -13.25
CA VAL E 102 52.84 -8.45 -13.37
C VAL E 102 51.35 -8.17 -13.16
N LEU E 103 50.48 -9.02 -13.70
CA LEU E 103 49.04 -8.88 -13.47
C LEU E 103 48.71 -9.07 -11.99
N SER E 104 49.21 -10.14 -11.38
CA SER E 104 48.89 -10.37 -9.96
C SER E 104 49.44 -9.28 -9.02
N LYS E 105 50.64 -8.79 -9.28
CA LYS E 105 51.22 -7.73 -8.44
C LYS E 105 50.49 -6.40 -8.59
N ALA E 106 49.84 -6.18 -9.72
CA ALA E 106 49.02 -4.98 -9.89
C ALA E 106 47.58 -5.21 -9.46
N GLY E 107 47.28 -6.42 -8.99
CA GLY E 107 45.94 -6.75 -8.57
C GLY E 107 44.91 -6.71 -9.69
N ILE E 108 45.27 -7.27 -10.84
CA ILE E 108 44.37 -7.34 -11.97
C ILE E 108 44.19 -8.80 -12.30
N ARG E 109 42.95 -9.24 -12.41
CA ARG E 109 42.68 -10.60 -12.84
C ARG E 109 41.67 -10.60 -13.96
N PRO E 110 42.16 -10.76 -15.19
CA PRO E 110 41.32 -10.78 -16.38
C PRO E 110 40.42 -12.00 -16.36
N LYS E 111 39.21 -11.84 -16.85
CA LYS E 111 38.27 -12.94 -17.01
C LYS E 111 38.49 -13.56 -18.38
N GLY E 112 38.74 -14.86 -18.45
CA GLY E 112 38.84 -15.47 -19.77
C GLY E 112 40.04 -14.97 -20.55
N ALA E 113 39.85 -14.55 -21.80
CA ALA E 113 40.95 -14.18 -22.67
C ALA E 113 41.24 -12.69 -22.53
N PHE E 114 42.45 -12.26 -22.87
CA PHE E 114 42.79 -10.85 -22.78
C PHE E 114 43.96 -10.57 -23.69
N GLN E 115 44.11 -9.31 -24.08
CA GLN E 115 45.28 -8.86 -24.83
C GLN E 115 46.26 -8.14 -23.93
N ILE E 116 47.53 -8.32 -24.20
CA ILE E 116 48.58 -7.57 -23.54
C ILE E 116 49.35 -6.77 -24.59
N PHE E 117 49.49 -5.46 -24.35
CA PHE E 117 50.36 -4.63 -25.17
C PHE E 117 51.57 -4.33 -24.32
N ARG E 118 52.71 -4.82 -24.76
CA ARG E 118 53.90 -4.86 -23.94
C ARG E 118 55.05 -4.06 -24.56
N ALA E 119 55.69 -3.18 -23.78
CA ALA E 119 56.87 -2.48 -24.29
C ALA E 119 58.04 -3.45 -24.55
N ASP E 120 58.50 -3.52 -25.78
CA ASP E 120 59.63 -4.37 -26.17
C ASP E 120 60.92 -4.11 -25.36
N ASN E 121 61.22 -2.84 -25.11
CA ASN E 121 62.39 -2.45 -24.33
C ASN E 121 61.97 -1.38 -23.36
N PRO E 122 61.91 -1.73 -22.07
CA PRO E 122 61.42 -0.86 -21.00
C PRO E 122 62.16 0.48 -20.98
N ARG E 123 63.50 0.43 -20.98
CA ARG E 123 64.30 1.65 -21.00
C ARG E 123 63.90 2.57 -22.15
N GLU E 124 63.92 2.05 -23.37
CA GLU E 124 63.62 2.91 -24.51
C GLU E 124 62.18 3.40 -24.46
N PHE E 125 61.26 2.53 -24.05
CA PHE E 125 59.86 2.95 -23.94
C PHE E 125 59.78 4.06 -22.88
N TYR E 126 60.44 3.84 -21.76
CA TYR E 126 60.52 4.85 -20.71
C TYR E 126 60.99 6.19 -21.24
N ASP E 127 62.18 6.18 -21.87
CA ASP E 127 62.82 7.41 -22.38
C ASP E 127 62.02 8.11 -23.46
N THR E 128 61.24 7.35 -24.22
CA THR E 128 60.57 7.90 -25.41
C THR E 128 59.16 8.45 -25.15
N TYR E 129 58.35 7.71 -24.39
CA TYR E 129 56.96 8.11 -24.16
C TYR E 129 56.64 8.34 -22.67
N VAL E 130 57.23 7.57 -21.78
CA VAL E 130 56.88 7.68 -20.37
C VAL E 130 57.47 8.95 -19.74
N LYS E 131 58.80 9.03 -19.65
CA LYS E 131 59.45 10.21 -19.11
C LYS E 131 59.02 11.52 -19.81
N THR E 132 58.44 11.42 -21.00
CA THR E 132 58.08 12.61 -21.76
C THR E 132 56.60 12.91 -21.69
N GLY E 133 55.82 12.06 -21.03
CA GLY E 133 54.39 12.31 -20.93
C GLY E 133 53.63 12.30 -22.24
N ILE E 134 54.05 11.46 -23.19
CA ILE E 134 53.28 11.31 -24.43
C ILE E 134 52.27 10.17 -24.32
N ASP E 135 50.99 10.53 -24.37
CA ASP E 135 49.91 9.59 -24.26
C ASP E 135 49.85 8.71 -25.51
N LEU E 136 49.66 7.40 -25.33
CA LEU E 136 49.51 6.52 -26.48
C LEU E 136 48.03 6.22 -26.74
N LYS E 137 47.71 5.92 -27.99
CA LYS E 137 46.34 5.57 -28.33
C LYS E 137 46.35 4.22 -29.08
N ILE E 138 45.52 3.29 -28.62
CA ILE E 138 45.48 1.96 -29.23
C ILE E 138 44.10 1.75 -29.79
N VAL E 139 44.02 1.36 -31.06
CA VAL E 139 42.74 0.92 -31.63
C VAL E 139 42.84 -0.59 -31.74
N SER E 140 41.87 -1.29 -31.16
CA SER E 140 41.90 -2.75 -31.17
C SER E 140 40.53 -3.27 -31.63
N PRO E 141 40.34 -3.39 -32.94
CA PRO E 141 39.02 -3.68 -33.51
C PRO E 141 38.58 -5.11 -33.19
N MET E 142 37.32 -5.31 -32.81
CA MET E 142 36.83 -6.63 -32.42
C MET E 142 35.44 -6.86 -32.99
N VAL E 143 35.26 -8.00 -33.67
CA VAL E 143 34.00 -8.30 -34.38
C VAL E 143 33.01 -9.11 -33.55
N VAL E 144 31.73 -8.73 -33.60
CA VAL E 144 30.70 -9.46 -32.86
C VAL E 144 30.42 -10.82 -33.54
N LYS E 145 30.50 -11.91 -32.80
CA LYS E 145 30.29 -13.26 -33.33
C LYS E 145 28.88 -13.40 -33.85
N LYS E 146 28.74 -14.10 -34.98
CA LYS E 146 27.42 -14.44 -35.52
C LYS E 146 26.48 -15.02 -34.45
N GLN E 147 27.02 -15.93 -33.64
CA GLN E 147 26.27 -16.56 -32.56
C GLN E 147 25.56 -15.55 -31.65
N MET E 148 26.16 -14.37 -31.40
CA MET E 148 25.50 -13.36 -30.57
C MET E 148 24.17 -12.89 -31.22
N GLY E 149 24.09 -12.97 -32.54
CA GLY E 149 22.89 -12.56 -33.26
C GLY E 149 21.79 -13.60 -33.19
N GLN E 150 22.17 -14.85 -32.92
CA GLN E 150 21.20 -15.91 -32.73
C GLN E 150 20.59 -15.84 -31.35
N THR E 151 21.40 -15.45 -30.36
CA THR E 151 21.01 -15.53 -28.96
C THR E 151 20.55 -14.18 -28.42
N GLY E 152 21.14 -13.12 -28.94
CA GLY E 152 21.03 -11.81 -28.33
C GLY E 152 21.98 -11.82 -27.14
N GLY E 153 22.20 -10.67 -26.52
CA GLY E 153 23.04 -10.64 -25.34
C GLY E 153 23.77 -9.33 -25.22
N SER E 154 24.35 -9.09 -24.04
CA SER E 154 25.19 -7.92 -23.79
C SER E 154 26.64 -8.35 -23.65
N TYR E 155 27.55 -7.44 -23.83
CA TYR E 155 28.96 -7.68 -23.67
C TYR E 155 29.65 -6.41 -23.20
N GLU E 156 30.69 -6.57 -22.41
CA GLU E 156 31.44 -5.44 -21.96
C GLU E 156 32.91 -5.62 -22.10
N ASN E 157 33.58 -4.51 -22.26
CA ASN E 157 35.00 -4.41 -22.44
C ASN E 157 35.63 -3.48 -21.44
N GLN E 158 36.80 -3.79 -20.98
CA GLN E 158 37.56 -3.00 -20.02
C GLN E 158 39.07 -3.10 -20.21
N ALA E 159 39.78 -2.01 -19.98
CA ALA E 159 41.24 -1.97 -20.16
C ALA E 159 41.96 -1.58 -18.87
N TYR E 160 43.27 -1.78 -18.85
CA TYR E 160 44.09 -1.41 -17.71
C TYR E 160 45.42 -0.96 -18.27
N GLN E 161 46.09 -0.08 -17.55
CA GLN E 161 47.51 0.16 -17.82
C GLN E 161 48.29 -0.17 -16.55
N ILE E 162 49.54 -0.57 -16.72
CA ILE E 162 50.38 -1.00 -15.61
C ILE E 162 51.77 -0.39 -15.82
N ASP E 163 52.11 0.62 -15.03
CA ASP E 163 53.36 1.34 -15.23
C ASP E 163 54.14 1.21 -13.95
N PHE E 164 55.40 0.82 -14.03
CA PHE E 164 56.23 0.68 -12.83
C PHE E 164 55.60 -0.34 -11.89
N GLY E 165 54.83 -1.29 -12.43
CA GLY E 165 54.20 -2.28 -11.57
C GLY E 165 52.84 -1.85 -11.01
N ASN E 166 52.53 -0.57 -11.17
CA ASN E 166 51.28 0.02 -10.70
C ASN E 166 50.12 -0.09 -11.74
N GLY E 167 49.02 -0.73 -11.36
CA GLY E 167 47.86 -0.85 -12.26
C GLY E 167 46.82 0.25 -12.11
N TYR E 168 46.29 0.71 -13.25
CA TYR E 168 45.16 1.64 -13.28
C TYR E 168 44.10 1.06 -14.25
N ALA E 169 42.84 1.12 -13.86
CA ALA E 169 41.71 0.47 -14.55
C ALA E 169 40.90 1.47 -15.34
N SER E 170 40.44 1.09 -16.52
CA SER E 170 39.68 2.01 -17.35
C SER E 170 38.21 1.92 -16.99
N ASN E 171 37.41 2.81 -17.58
CA ASN E 171 35.97 2.62 -17.57
C ASN E 171 35.58 1.38 -18.37
N ILE E 172 34.37 0.90 -18.10
CA ILE E 172 33.80 -0.27 -18.74
C ILE E 172 32.81 0.14 -19.83
N VAL E 173 33.04 -0.33 -21.05
CA VAL E 173 32.13 0.00 -22.13
C VAL E 173 31.20 -1.18 -22.43
N ILE E 174 29.89 -0.92 -22.40
CA ILE E 174 28.91 -1.97 -22.55
C ILE E 174 28.16 -1.81 -23.88
N ASN E 175 27.80 -2.92 -24.50
CA ASN E 175 26.92 -2.91 -25.67
C ASN E 175 26.06 -4.14 -25.63
N ASN E 176 25.08 -4.18 -26.53
CA ASN E 176 24.17 -5.31 -26.59
C ASN E 176 23.95 -5.73 -28.05
N VAL E 177 23.54 -6.98 -28.25
CA VAL E 177 23.42 -7.52 -29.60
C VAL E 177 21.98 -7.97 -29.82
N PRO E 178 21.37 -7.52 -30.92
CA PRO E 178 19.96 -7.85 -31.12
C PRO E 178 19.81 -9.27 -31.66
N LYS E 179 18.84 -9.99 -31.14
CA LYS E 179 18.56 -11.30 -31.64
C LYS E 179 17.77 -11.14 -32.94
N ILE E 180 18.30 -11.64 -34.05
CA ILE E 180 17.60 -11.53 -35.34
C ILE E 180 16.80 -12.79 -35.54
N ASN E 181 15.48 -12.68 -35.54
CA ASN E 181 14.61 -13.86 -35.63
C ASN E 181 13.63 -13.83 -36.82
N PRO E 182 14.12 -14.19 -38.01
CA PRO E 182 13.29 -14.15 -39.22
C PRO E 182 12.15 -15.15 -39.12
N LYS E 183 10.99 -14.84 -39.67
CA LYS E 183 9.84 -15.73 -39.65
C LYS E 183 9.18 -15.97 -41.02
N LYS E 184 8.73 -17.20 -41.26
CA LYS E 184 8.07 -17.53 -42.51
C LYS E 184 6.63 -17.99 -42.29
N ASP E 185 5.69 -17.27 -42.89
CA ASP E 185 4.28 -17.62 -42.80
C ASP E 185 3.72 -17.94 -44.19
N VAL E 186 2.49 -18.45 -44.22
CA VAL E 186 1.78 -18.76 -45.46
C VAL E 186 0.45 -18.00 -45.45
N THR E 187 0.18 -17.25 -46.51
CA THR E 187 -1.01 -16.42 -46.57
C THR E 187 -1.77 -16.61 -47.88
N LEU E 188 -3.04 -16.21 -47.86
CA LEU E 188 -3.90 -16.31 -49.03
C LEU E 188 -4.20 -14.90 -49.47
N THR E 189 -3.67 -13.96 -48.73
CA THR E 189 -3.91 -12.58 -49.02
C THR E 189 -2.64 -11.83 -48.89
N LEU E 190 -2.53 -10.73 -49.62
CA LEU E 190 -1.51 -9.76 -49.37
C LEU E 190 -1.90 -9.00 -48.14
N ASP E 191 -2.05 -7.72 -48.22
CA ASP E 191 -2.46 -7.02 -47.01
C ASP E 191 -1.76 -7.49 -45.77
N PRO E 192 -0.70 -6.79 -45.45
CA PRO E 192 0.06 -7.02 -44.24
C PRO E 192 -0.79 -6.89 -42.98
N ALA E 193 -1.92 -6.22 -43.06
CA ALA E 193 -2.75 -6.06 -41.90
C ALA E 193 -3.44 -7.33 -41.63
N ASP E 194 -3.17 -8.33 -42.45
CA ASP E 194 -3.81 -9.61 -42.29
C ASP E 194 -3.02 -10.64 -41.46
N THR E 195 -3.26 -10.61 -40.17
CA THR E 195 -3.59 -11.71 -39.33
C THR E 195 -3.07 -13.03 -39.82
N ASN E 196 -3.94 -13.67 -40.59
CA ASN E 196 -3.91 -15.06 -41.05
C ASN E 196 -2.56 -15.72 -41.40
N ASN E 197 -2.40 -16.97 -41.01
CA ASN E 197 -1.30 -17.82 -41.38
C ASN E 197 -1.78 -19.25 -41.55
N VAL E 198 -1.78 -19.73 -42.78
CA VAL E 198 -2.21 -21.07 -43.20
C VAL E 198 -1.10 -22.12 -43.07
N ASP E 199 -0.07 -21.83 -42.26
CA ASP E 199 1.00 -22.80 -42.05
C ASP E 199 0.38 -24.09 -41.49
N GLY E 200 0.82 -25.22 -42.03
CA GLY E 200 0.39 -26.52 -41.55
C GLY E 200 -0.93 -27.00 -42.14
N GLN E 201 -1.71 -26.07 -42.68
CA GLN E 201 -3.01 -26.40 -43.25
C GLN E 201 -2.89 -26.97 -44.68
N THR E 202 -3.98 -27.00 -45.43
CA THR E 202 -3.95 -27.58 -46.77
C THR E 202 -4.31 -26.59 -47.86
N ILE E 203 -3.56 -26.65 -48.97
CA ILE E 203 -3.71 -25.73 -50.09
C ILE E 203 -4.33 -26.42 -51.30
N PRO E 204 -5.53 -25.98 -51.69
CA PRO E 204 -6.25 -26.65 -52.78
C PRO E 204 -5.48 -26.50 -54.07
N LEU E 205 -5.25 -27.59 -54.79
CA LEU E 205 -4.46 -27.57 -56.02
C LEU E 205 -4.79 -26.39 -56.94
N ASN E 206 -3.74 -25.75 -57.43
CA ASN E 206 -3.84 -24.64 -58.38
C ASN E 206 -4.24 -23.29 -57.78
N THR E 207 -4.32 -23.20 -56.46
CA THR E 207 -4.59 -21.91 -55.84
C THR E 207 -3.33 -21.04 -55.84
N VAL E 208 -3.54 -19.75 -55.98
CA VAL E 208 -2.46 -18.78 -55.94
C VAL E 208 -2.31 -18.32 -54.49
N PHE E 209 -1.14 -18.53 -53.91
CA PHE E 209 -0.91 -18.12 -52.52
C PHE E 209 0.42 -17.34 -52.39
N ASN E 210 0.70 -16.82 -51.20
CA ASN E 210 1.98 -16.13 -50.96
C ASN E 210 2.78 -16.73 -49.81
N TYR E 211 4.10 -16.82 -49.95
CA TYR E 211 4.92 -17.06 -48.76
C TYR E 211 5.26 -15.70 -48.13
N ARG E 212 4.96 -15.54 -46.85
CA ARG E 212 5.25 -14.30 -46.16
C ARG E 212 6.58 -14.43 -45.44
N LEU E 213 7.61 -13.74 -45.96
CA LEU E 213 8.97 -13.81 -45.39
C LEU E 213 9.22 -12.60 -44.52
N ILE E 214 9.12 -12.79 -43.21
CA ILE E 214 9.24 -11.71 -42.24
C ILE E 214 10.69 -11.54 -41.80
N GLY E 215 11.21 -10.34 -41.97
CA GLY E 215 12.63 -10.12 -41.72
C GLY E 215 12.95 -9.92 -40.24
N GLY E 216 14.22 -10.05 -39.89
CA GLY E 216 14.65 -9.80 -38.53
C GLY E 216 14.51 -8.34 -38.15
N ILE E 217 14.35 -8.08 -36.86
CA ILE E 217 14.18 -6.73 -36.37
C ILE E 217 15.52 -6.09 -36.07
N ILE E 218 15.77 -4.95 -36.69
CA ILE E 218 16.95 -4.18 -36.41
C ILE E 218 16.49 -3.05 -35.50
N PRO E 219 16.87 -3.09 -34.22
CA PRO E 219 16.33 -2.11 -33.26
C PRO E 219 16.89 -0.71 -33.47
N ALA E 220 16.19 0.30 -32.92
CA ALA E 220 16.68 1.68 -32.89
C ALA E 220 18.04 1.79 -32.18
N ASN E 221 18.71 2.93 -32.35
CA ASN E 221 19.99 3.16 -31.67
C ASN E 221 21.02 2.07 -31.92
N HIS E 222 21.15 1.64 -33.18
CA HIS E 222 22.18 0.66 -33.54
C HIS E 222 23.44 1.36 -33.97
N SER E 223 24.48 0.58 -34.19
CA SER E 223 25.82 1.15 -34.22
C SER E 223 26.33 1.37 -35.61
N GLU E 224 25.75 0.72 -36.61
CA GLU E 224 26.30 0.85 -37.96
C GLU E 224 25.30 0.97 -39.11
N GLU E 225 25.80 1.36 -40.28
CA GLU E 225 24.90 1.47 -41.42
C GLU E 225 24.42 0.08 -41.89
N LEU E 226 23.16 0.00 -42.29
CA LEU E 226 22.67 -1.18 -42.99
C LEU E 226 23.17 -1.09 -44.41
N PHE E 227 23.79 -2.14 -44.90
CA PHE E 227 24.19 -2.23 -46.30
C PHE E 227 23.62 -3.45 -47.03
N GLU E 228 23.08 -4.42 -46.30
CA GLU E 228 22.54 -5.60 -46.97
C GLU E 228 21.39 -6.13 -46.15
N TYR E 229 20.28 -6.49 -46.80
CA TYR E 229 19.13 -7.05 -46.09
C TYR E 229 18.34 -7.81 -47.14
N ASN E 230 18.59 -9.12 -47.21
CA ASN E 230 18.12 -9.98 -48.31
C ASN E 230 17.12 -11.01 -47.82
N PHE E 231 16.23 -11.47 -48.69
CA PHE E 231 15.36 -12.60 -48.36
C PHE E 231 15.66 -13.67 -49.41
N TYR E 232 16.35 -14.74 -49.02
CA TYR E 232 16.72 -15.78 -49.97
C TYR E 232 15.81 -16.96 -49.75
N ASP E 233 15.13 -17.39 -50.80
CA ASP E 233 14.20 -18.50 -50.68
C ASP E 233 14.36 -19.50 -51.83
N ASP E 234 14.92 -20.65 -51.48
CA ASP E 234 15.04 -21.80 -52.37
C ASP E 234 13.82 -22.68 -52.06
N TYR E 235 12.72 -22.47 -52.78
CA TYR E 235 11.45 -23.14 -52.54
C TYR E 235 11.43 -24.49 -53.28
N ASP E 236 10.39 -25.29 -53.06
CA ASP E 236 10.29 -26.61 -53.71
C ASP E 236 9.49 -26.49 -54.99
N GLN E 237 10.19 -26.42 -56.12
CA GLN E 237 9.50 -26.17 -57.38
C GLN E 237 8.63 -27.36 -57.83
N THR E 238 8.81 -28.51 -57.17
CA THR E 238 7.95 -29.69 -57.30
C THR E 238 6.50 -29.37 -56.97
N GLY E 239 6.29 -28.49 -56.00
CA GLY E 239 4.94 -28.14 -55.59
C GLY E 239 4.63 -26.68 -55.79
N ASP E 240 5.62 -25.83 -55.57
CA ASP E 240 5.41 -24.38 -55.62
C ASP E 240 6.04 -23.77 -56.86
N HIS E 241 5.23 -23.04 -57.61
CA HIS E 241 5.77 -22.33 -58.76
C HIS E 241 5.69 -20.82 -58.54
N TYR E 242 6.85 -20.17 -58.58
CA TYR E 242 6.88 -18.74 -58.30
C TYR E 242 6.26 -18.08 -59.51
N THR E 243 5.37 -17.11 -59.29
CA THR E 243 4.65 -16.51 -60.41
C THR E 243 5.31 -15.27 -61.00
N GLY E 244 6.39 -14.80 -60.39
CA GLY E 244 7.08 -13.64 -60.90
C GLY E 244 6.59 -12.35 -60.23
N GLN E 245 5.72 -12.51 -59.23
CA GLN E 245 5.14 -11.37 -58.52
C GLN E 245 5.56 -11.40 -57.06
N TYR E 246 6.05 -10.27 -56.56
CA TYR E 246 6.37 -10.14 -55.14
C TYR E 246 6.27 -8.68 -54.75
N LYS E 247 6.02 -8.45 -53.47
CA LYS E 247 6.01 -7.11 -52.89
C LYS E 247 6.73 -7.13 -51.56
N VAL E 248 7.27 -5.98 -51.16
CA VAL E 248 7.93 -5.84 -49.87
C VAL E 248 7.29 -4.70 -49.06
N PHE E 249 7.13 -4.89 -47.75
CA PHE E 249 6.54 -3.85 -46.88
C PHE E 249 7.39 -3.52 -45.64
N ALA E 250 7.39 -2.26 -45.25
CA ALA E 250 7.98 -1.89 -43.96
C ALA E 250 7.12 -2.49 -42.85
N LYS E 251 7.75 -2.97 -41.79
CA LYS E 251 7.00 -3.59 -40.72
C LYS E 251 7.15 -2.81 -39.41
N VAL E 252 7.99 -1.76 -39.46
CA VAL E 252 8.08 -0.74 -38.41
C VAL E 252 8.22 0.63 -39.06
N ASP E 253 7.98 1.69 -38.31
CA ASP E 253 8.25 3.02 -38.79
C ASP E 253 9.76 3.13 -39.00
N ILE E 254 10.17 3.72 -40.12
CA ILE E 254 11.57 3.84 -40.45
C ILE E 254 11.90 5.30 -40.61
N ILE E 255 13.09 5.73 -40.18
CA ILE E 255 13.46 7.11 -40.40
C ILE E 255 14.74 7.18 -41.16
N LEU E 256 14.80 8.05 -42.15
CA LEU E 256 15.98 8.17 -42.98
C LEU E 256 16.96 9.21 -42.45
N LYS E 257 18.18 9.19 -42.95
CA LYS E 257 19.19 10.17 -42.55
C LYS E 257 18.70 11.61 -42.79
N ASN E 258 17.88 11.81 -43.81
CA ASN E 258 17.45 13.16 -44.13
C ASN E 258 16.19 13.57 -43.37
N GLY E 259 15.76 12.73 -42.43
CA GLY E 259 14.56 13.01 -41.65
C GLY E 259 13.26 12.47 -42.23
N VAL E 260 13.28 12.06 -43.50
CA VAL E 260 12.07 11.50 -44.14
C VAL E 260 11.59 10.30 -43.32
N ILE E 261 10.29 10.20 -43.08
CA ILE E 261 9.76 9.10 -42.33
C ILE E 261 9.01 8.18 -43.27
N ILE E 262 9.15 6.87 -43.08
CA ILE E 262 8.33 5.91 -43.82
C ILE E 262 7.53 5.10 -42.82
N LYS E 263 6.20 5.13 -42.89
CA LYS E 263 5.38 4.46 -41.90
C LYS E 263 5.37 2.94 -42.07
N SER E 264 5.26 2.24 -40.95
CA SER E 264 5.01 0.81 -40.97
C SER E 264 3.84 0.53 -41.92
N GLY E 265 3.95 -0.51 -42.73
CA GLY E 265 2.89 -0.84 -43.65
C GLY E 265 3.16 -0.36 -45.05
N THR E 266 3.91 0.73 -45.18
CA THR E 266 4.25 1.28 -46.49
C THR E 266 4.93 0.22 -47.39
N GLU E 267 4.60 0.22 -48.68
CA GLU E 267 5.21 -0.71 -49.62
C GLU E 267 6.59 -0.23 -49.99
N LEU E 268 7.59 -1.08 -49.77
CA LEU E 268 8.98 -0.72 -50.04
C LEU E 268 9.51 -1.39 -51.31
N THR E 269 8.63 -1.99 -52.09
CA THR E 269 9.05 -2.76 -53.28
C THR E 269 9.96 -1.98 -54.21
N GLN E 270 9.70 -0.68 -54.34
CA GLN E 270 10.51 0.15 -55.22
C GLN E 270 11.98 0.20 -54.84
N TYR E 271 12.32 -0.18 -53.62
CA TYR E 271 13.70 -0.14 -53.14
C TYR E 271 14.38 -1.52 -53.23
N THR E 272 13.78 -2.41 -54.01
CA THR E 272 14.32 -3.76 -54.11
C THR E 272 14.41 -4.32 -55.53
N THR E 273 15.22 -5.37 -55.67
CA THR E 273 15.26 -6.17 -56.89
C THR E 273 15.16 -7.63 -56.46
N ALA E 274 14.90 -8.53 -57.40
CA ALA E 274 14.83 -9.96 -57.12
C ALA E 274 15.73 -10.70 -58.09
N GLU E 275 16.64 -11.50 -57.54
CA GLU E 275 17.48 -12.36 -58.35
C GLU E 275 16.83 -13.73 -58.45
N VAL E 276 16.41 -14.09 -59.65
CA VAL E 276 15.67 -15.32 -59.86
C VAL E 276 16.54 -16.41 -60.47
N ASP E 277 16.53 -17.59 -59.86
CA ASP E 277 17.23 -18.74 -60.43
C ASP E 277 16.17 -19.78 -60.67
N THR E 278 15.74 -19.83 -61.93
CA THR E 278 14.54 -20.54 -62.30
C THR E 278 14.81 -22.05 -62.36
N THR E 279 16.02 -22.39 -62.80
CA THR E 279 16.47 -23.77 -62.82
C THR E 279 16.60 -24.36 -61.41
N LYS E 280 17.29 -23.65 -60.54
CA LYS E 280 17.48 -24.05 -59.15
C LYS E 280 16.18 -23.93 -58.41
N GLY E 281 15.27 -23.11 -58.94
CA GLY E 281 13.99 -22.87 -58.28
C GLY E 281 14.15 -22.01 -57.03
N ALA E 282 14.73 -20.82 -57.19
CA ALA E 282 15.02 -19.95 -56.04
C ALA E 282 14.88 -18.46 -56.37
N ILE E 283 14.71 -17.65 -55.33
CA ILE E 283 14.58 -16.21 -55.50
C ILE E 283 15.24 -15.49 -54.34
N THR E 284 16.06 -14.50 -54.66
CA THR E 284 16.61 -13.61 -53.66
C THR E 284 16.10 -12.18 -53.81
N ILE E 285 15.20 -11.77 -52.93
CA ILE E 285 14.74 -10.38 -52.90
C ILE E 285 15.80 -9.58 -52.16
N LYS E 286 16.36 -8.53 -52.79
CA LYS E 286 17.44 -7.74 -52.18
C LYS E 286 17.07 -6.27 -52.07
N PHE E 287 17.20 -5.66 -50.89
CA PHE E 287 17.11 -4.20 -50.80
C PHE E 287 18.33 -3.59 -51.46
N LYS E 288 18.12 -2.55 -52.26
CA LYS E 288 19.24 -1.80 -52.85
C LYS E 288 20.09 -1.20 -51.74
N GLU E 289 21.41 -1.24 -51.90
CA GLU E 289 22.29 -0.87 -50.80
C GLU E 289 22.16 0.65 -50.50
N ALA E 290 21.96 1.44 -51.56
CA ALA E 290 21.79 2.89 -51.42
C ALA E 290 20.62 3.23 -50.50
N PHE E 291 19.45 2.64 -50.73
CA PHE E 291 18.33 2.82 -49.79
C PHE E 291 18.68 2.40 -48.34
N LEU E 292 19.25 1.21 -48.16
CA LEU E 292 19.64 0.76 -46.83
C LEU E 292 20.58 1.74 -46.12
N ARG E 293 21.60 2.18 -46.83
CA ARG E 293 22.54 3.17 -46.30
C ARG E 293 21.92 4.54 -45.99
N SER E 294 20.76 4.82 -46.59
CA SER E 294 20.06 6.08 -46.34
C SER E 294 19.29 6.06 -45.02
N VAL E 295 19.01 4.85 -44.51
CA VAL E 295 18.31 4.73 -43.22
C VAL E 295 19.21 5.24 -42.09
N SER E 296 18.65 5.98 -41.14
CA SER E 296 19.46 6.49 -40.01
C SER E 296 19.93 5.33 -39.11
N ILE E 297 21.12 5.44 -38.53
CA ILE E 297 21.57 4.40 -37.62
C ILE E 297 20.79 4.45 -36.31
N ASP E 298 20.10 5.56 -36.06
CA ASP E 298 19.20 5.68 -34.90
C ASP E 298 17.86 5.00 -35.10
N SER E 299 17.50 4.79 -36.35
CA SER E 299 16.18 4.26 -36.65
C SER E 299 16.06 2.75 -36.43
N ALA E 300 14.85 2.30 -36.13
CA ALA E 300 14.59 0.86 -36.19
C ALA E 300 14.41 0.49 -37.65
N PHE E 301 14.48 -0.80 -37.98
CA PHE E 301 14.27 -1.26 -39.34
C PHE E 301 13.74 -2.68 -39.37
N GLN E 302 12.74 -2.91 -40.20
CA GLN E 302 12.27 -4.27 -40.40
C GLN E 302 11.39 -4.31 -41.62
N ALA E 303 11.49 -5.36 -42.42
CA ALA E 303 10.64 -5.49 -43.59
C ALA E 303 10.22 -6.93 -43.83
N GLU E 304 9.18 -7.12 -44.62
CA GLU E 304 8.67 -8.45 -44.93
C GLU E 304 8.38 -8.54 -46.43
N SER E 305 8.68 -9.68 -47.01
CA SER E 305 8.43 -9.87 -48.43
C SER E 305 7.31 -10.87 -48.60
N TYR E 306 6.48 -10.66 -49.61
CA TYR E 306 5.46 -11.61 -50.01
C TYR E 306 5.86 -12.09 -51.39
N ILE E 307 6.15 -13.37 -51.53
CA ILE E 307 6.36 -13.94 -52.86
C ILE E 307 5.13 -14.74 -53.28
N GLN E 308 4.56 -14.36 -54.43
CA GLN E 308 3.37 -15.05 -54.94
C GLN E 308 3.69 -16.38 -55.61
N MET E 309 3.13 -17.47 -55.08
CA MET E 309 3.33 -18.82 -55.63
C MET E 309 2.01 -19.45 -56.13
N LYS E 310 2.11 -20.43 -57.03
CA LYS E 310 0.97 -21.27 -57.39
C LYS E 310 1.28 -22.71 -56.97
N ARG E 311 0.33 -23.33 -56.26
CA ARG E 311 0.46 -24.74 -55.85
C ARG E 311 0.13 -25.65 -57.04
N ILE E 312 1.16 -26.19 -57.67
CA ILE E 312 1.00 -26.84 -58.98
C ILE E 312 0.99 -28.36 -58.96
N ALA E 313 1.12 -28.94 -57.77
CA ALA E 313 1.06 -30.38 -57.66
C ALA E 313 0.43 -30.81 -56.35
N VAL E 314 0.38 -32.12 -56.16
CA VAL E 314 -0.25 -32.73 -55.01
C VAL E 314 0.82 -33.23 -54.06
N GLY E 315 0.54 -33.19 -52.76
CA GLY E 315 1.49 -33.71 -51.78
C GLY E 315 1.73 -32.80 -50.60
N THR E 316 2.91 -32.92 -50.01
CA THR E 316 3.31 -32.09 -48.87
C THR E 316 4.64 -31.39 -49.15
N PHE E 317 4.61 -30.07 -49.17
CA PHE E 317 5.79 -29.29 -49.50
C PHE E 317 6.18 -28.33 -48.36
N GLU E 318 7.45 -28.32 -48.01
CA GLU E 318 8.00 -27.37 -47.05
C GLU E 318 8.62 -26.11 -47.70
N ASN E 319 8.81 -25.07 -46.90
CA ASN E 319 9.62 -23.88 -47.22
C ASN E 319 10.34 -23.24 -46.03
N THR E 320 11.52 -22.74 -46.33
CA THR E 320 12.36 -22.01 -45.42
C THR E 320 13.05 -20.88 -46.14
N TYR E 321 13.30 -19.75 -45.49
CA TYR E 321 14.06 -18.72 -46.16
C TYR E 321 15.19 -18.18 -45.26
N ILE E 322 16.20 -17.61 -45.88
CA ILE E 322 17.34 -17.07 -45.18
C ILE E 322 17.31 -15.55 -45.29
N ASN E 323 17.26 -14.88 -44.13
CA ASN E 323 17.32 -13.42 -44.05
C ASN E 323 18.79 -13.10 -43.86
N THR E 324 19.41 -12.43 -44.82
CA THR E 324 20.82 -12.07 -44.67
C THR E 324 20.94 -10.59 -44.24
N VAL E 325 21.46 -10.33 -43.05
CA VAL E 325 21.66 -8.95 -42.57
C VAL E 325 23.14 -8.57 -42.44
N ASN E 326 23.58 -7.59 -43.23
CA ASN E 326 24.99 -7.21 -43.25
C ASN E 326 25.94 -8.45 -43.30
N GLY E 327 25.73 -9.32 -44.28
CA GLY E 327 26.65 -10.42 -44.51
C GLY E 327 26.52 -11.57 -43.53
N VAL E 328 25.55 -11.49 -42.63
CA VAL E 328 25.30 -12.57 -41.67
C VAL E 328 23.96 -13.23 -41.93
N THR E 329 23.93 -14.56 -42.04
CA THR E 329 22.69 -15.28 -42.41
C THR E 329 21.91 -15.73 -41.19
N TYR E 330 20.59 -15.54 -41.20
CA TYR E 330 19.74 -16.10 -40.18
C TYR E 330 18.58 -16.88 -40.85
N SER E 331 18.37 -18.11 -40.42
CA SER E 331 17.31 -18.94 -41.01
C SER E 331 15.98 -18.75 -40.30
N SER E 332 14.88 -18.80 -41.05
CA SER E 332 13.55 -18.79 -40.47
C SER E 332 13.16 -20.20 -40.08
N ASN E 333 11.99 -20.34 -39.47
CA ASN E 333 11.37 -21.66 -39.28
C ASN E 333 11.06 -22.31 -40.64
N THR E 334 10.63 -23.57 -40.62
CA THR E 334 10.16 -24.19 -41.86
C THR E 334 8.63 -24.37 -41.89
N VAL E 335 7.98 -23.86 -42.93
CA VAL E 335 6.54 -24.11 -43.06
C VAL E 335 6.29 -25.40 -43.83
N LYS E 336 5.09 -25.95 -43.69
CA LYS E 336 4.70 -27.21 -44.33
C LYS E 336 3.20 -27.18 -44.65
N THR E 337 2.85 -27.39 -45.91
CA THR E 337 1.45 -27.48 -46.34
C THR E 337 1.16 -28.79 -47.11
N THR E 338 -0.12 -29.03 -47.42
CA THR E 338 -0.56 -30.24 -48.13
C THR E 338 -1.53 -29.94 -49.27
N THR E 339 -1.52 -30.78 -50.31
CA THR E 339 -2.45 -30.59 -51.43
C THR E 339 -2.97 -31.91 -52.00
N TYR F 2 9.42 -11.27 2.89
CA TYR F 2 10.48 -11.10 1.90
C TYR F 2 11.26 -12.42 1.71
N ILE F 3 11.17 -12.99 0.54
CA ILE F 3 11.80 -14.25 0.27
C ILE F 3 13.28 -14.04 0.08
N LYS F 4 14.06 -14.85 0.74
CA LYS F 4 15.47 -14.64 0.82
C LYS F 4 16.24 -15.81 1.43
N PRO F 5 16.82 -16.64 0.58
CA PRO F 5 17.75 -17.67 1.03
C PRO F 5 18.91 -17.03 1.75
N THR F 6 19.36 -17.60 2.82
CA THR F 6 20.45 -17.01 3.56
C THR F 6 21.56 -18.00 3.74
N LYS F 7 22.77 -17.50 3.90
CA LYS F 7 23.94 -18.36 4.09
C LYS F 7 24.83 -17.83 5.22
N VAL F 8 25.09 -18.67 6.18
CA VAL F 8 25.92 -18.26 7.33
C VAL F 8 27.07 -19.27 7.53
N ASN F 9 28.21 -18.79 8.01
CA ASN F 9 29.35 -19.68 8.22
C ASN F 9 29.51 -19.95 9.73
N LYS F 10 29.59 -21.21 10.11
CA LYS F 10 29.81 -21.56 11.49
C LYS F 10 31.04 -22.46 11.68
N ASN F 11 31.68 -22.34 12.84
CA ASN F 11 32.71 -23.29 13.22
C ASN F 11 32.13 -24.60 13.74
N GLU F 12 33.03 -25.49 14.11
CA GLU F 12 32.73 -26.83 14.59
C GLU F 12 31.72 -26.76 15.73
N ASN F 13 31.84 -25.72 16.53
CA ASN F 13 30.98 -25.53 17.71
C ASN F 13 29.76 -24.66 17.45
N GLY F 14 29.43 -24.43 16.18
CA GLY F 14 28.21 -23.68 15.89
C GLY F 14 28.32 -22.20 16.14
N VAL F 15 29.53 -21.72 16.44
CA VAL F 15 29.74 -20.29 16.54
C VAL F 15 29.79 -19.65 15.15
N VAL F 16 29.15 -18.49 15.00
CA VAL F 16 29.15 -17.78 13.73
C VAL F 16 30.52 -17.21 13.43
N ILE F 17 31.03 -17.44 12.24
CA ILE F 17 32.39 -17.00 11.92
C ILE F 17 32.48 -16.21 10.63
N ASP F 18 31.36 -15.65 10.15
CA ASP F 18 31.42 -14.77 9.00
C ASP F 18 32.54 -13.77 9.26
N ASP F 19 33.36 -13.48 8.25
CA ASP F 19 34.39 -12.43 8.35
C ASP F 19 35.58 -12.70 9.28
N LYS F 20 35.59 -13.85 9.93
CA LYS F 20 36.73 -14.22 10.77
C LYS F 20 37.88 -14.75 9.92
N THR F 21 39.08 -14.71 10.48
CA THR F 21 40.24 -15.33 9.83
C THR F 21 40.17 -16.84 10.13
N VAL F 22 40.31 -17.65 9.09
CA VAL F 22 40.12 -19.08 9.19
C VAL F 22 41.40 -19.75 8.73
N LEU F 23 41.95 -20.62 9.57
CA LEU F 23 43.22 -21.28 9.30
C LEU F 23 43.13 -22.35 8.21
N ALA F 24 44.15 -22.42 7.36
CA ALA F 24 44.24 -23.54 6.45
C ALA F 24 43.95 -24.83 7.24
N GLY F 25 43.21 -25.75 6.65
CA GLY F 25 42.89 -26.99 7.33
C GLY F 25 41.65 -26.90 8.21
N SER F 26 41.22 -25.69 8.58
CA SER F 26 39.96 -25.53 9.29
C SER F 26 38.77 -25.82 8.39
N THR F 27 37.66 -26.22 8.99
CA THR F 27 36.45 -26.48 8.24
C THR F 27 35.45 -25.32 8.39
N ASN F 28 34.84 -24.92 7.27
CA ASN F 28 33.73 -23.96 7.25
C ASN F 28 32.43 -24.72 7.23
N TYR F 29 31.69 -24.69 8.32
CA TYR F 29 30.42 -25.44 8.37
C TYR F 29 29.25 -24.58 7.85
N TYR F 30 29.25 -24.31 6.55
CA TYR F 30 28.31 -23.40 5.93
C TYR F 30 26.88 -23.85 6.21
N GLU F 31 26.05 -22.94 6.69
CA GLU F 31 24.64 -23.27 6.90
C GLU F 31 23.81 -22.52 5.87
N LEU F 32 23.07 -23.24 5.03
CA LEU F 32 22.30 -22.61 3.99
C LEU F 32 20.84 -22.74 4.32
N THR F 33 20.11 -21.63 4.34
CA THR F 33 18.67 -21.70 4.56
C THR F 33 17.92 -21.71 3.23
N TRP F 34 16.99 -22.64 3.09
CA TRP F 34 16.09 -22.68 1.93
C TRP F 34 14.77 -22.04 2.41
N ASP F 35 14.53 -20.80 1.99
CA ASP F 35 13.40 -19.99 2.53
C ASP F 35 12.10 -20.33 1.81
N LEU F 36 11.29 -21.20 2.40
CA LEU F 36 10.02 -21.57 1.78
C LEU F 36 8.82 -20.98 2.54
N ASP F 37 9.06 -20.19 3.57
CA ASP F 37 7.93 -19.78 4.40
C ASP F 37 6.94 -18.82 3.71
N GLN F 38 7.31 -18.29 2.55
CA GLN F 38 6.42 -17.41 1.80
C GLN F 38 5.42 -18.21 1.00
N TYR F 39 5.59 -19.53 0.98
CA TYR F 39 4.78 -20.36 0.12
C TYR F 39 3.61 -21.04 0.85
N LYS F 40 3.46 -20.75 2.12
CA LYS F 40 2.37 -21.33 2.89
C LYS F 40 1.02 -21.28 2.24
N ASN F 41 0.35 -22.40 2.26
CA ASN F 41 -0.95 -22.56 1.64
C ASN F 41 -1.03 -22.34 0.17
N ASP F 42 0.10 -22.37 -0.50
CA ASP F 42 0.15 -22.33 -1.93
C ASP F 42 -0.65 -23.47 -2.54
N ARG F 43 -1.23 -23.25 -3.69
CA ARG F 43 -2.04 -24.23 -4.37
C ARG F 43 -1.86 -24.22 -5.89
N SER F 44 -0.62 -24.30 -6.37
CA SER F 44 -0.25 -24.24 -7.76
C SER F 44 -0.58 -25.47 -8.56
N SER F 45 -0.55 -25.35 -9.88
CA SER F 45 -0.93 -26.46 -10.75
C SER F 45 0.18 -27.50 -10.76
N ALA F 46 -0.11 -28.64 -11.37
CA ALA F 46 0.89 -29.70 -11.45
C ALA F 46 2.03 -29.30 -12.41
N ASP F 47 1.71 -28.48 -13.40
CA ASP F 47 2.71 -27.99 -14.33
C ASP F 47 3.75 -27.09 -13.69
N THR F 48 3.29 -26.20 -12.83
CA THR F 48 4.18 -25.32 -12.07
C THR F 48 5.02 -26.13 -11.09
N ILE F 49 4.38 -27.01 -10.35
CA ILE F 49 5.07 -27.85 -9.38
C ILE F 49 6.19 -28.66 -10.06
N GLN F 50 5.96 -29.08 -11.30
CA GLN F 50 6.90 -29.93 -12.04
C GLN F 50 8.17 -29.21 -12.42
N LYS F 51 8.17 -27.90 -12.25
CA LYS F 51 9.37 -27.13 -12.57
C LYS F 51 10.42 -27.35 -11.50
N GLY F 52 10.04 -28.05 -10.44
CA GLY F 52 10.98 -28.56 -9.46
C GLY F 52 11.60 -27.56 -8.52
N PHE F 53 12.51 -28.07 -7.70
CA PHE F 53 13.11 -27.32 -6.61
C PHE F 53 14.57 -27.71 -6.47
N TYR F 54 15.46 -26.72 -6.64
CA TYR F 54 16.91 -26.91 -6.63
C TYR F 54 17.48 -25.85 -5.71
N TYR F 55 18.60 -26.18 -5.07
CA TYR F 55 19.38 -25.24 -4.26
C TYR F 55 20.84 -25.32 -4.72
N VAL F 56 21.51 -24.18 -4.75
CA VAL F 56 22.82 -24.08 -5.37
C VAL F 56 23.79 -23.45 -4.39
N ASP F 57 25.01 -23.99 -4.29
CA ASP F 57 26.07 -23.30 -3.59
C ASP F 57 27.25 -23.07 -4.53
N ASP F 58 27.48 -21.81 -4.88
CA ASP F 58 28.64 -21.42 -5.68
C ASP F 58 29.81 -21.25 -4.71
N TYR F 59 30.60 -22.30 -4.54
CA TYR F 59 31.69 -22.29 -3.57
C TYR F 59 33.01 -21.97 -4.25
N PRO F 60 33.97 -21.39 -3.52
CA PRO F 60 35.22 -20.97 -4.11
C PRO F 60 36.24 -22.12 -4.23
N GLU F 61 36.20 -22.86 -5.34
CA GLU F 61 36.96 -24.11 -5.43
C GLU F 61 38.49 -23.92 -5.44
N GLU F 62 38.94 -22.70 -5.65
CA GLU F 62 40.37 -22.42 -5.63
C GLU F 62 40.84 -22.34 -4.19
N ALA F 63 39.89 -22.24 -3.27
CA ALA F 63 40.23 -22.06 -1.86
C ALA F 63 39.81 -23.21 -0.93
N LEU F 64 38.70 -23.86 -1.25
CA LEU F 64 38.10 -24.84 -0.34
C LEU F 64 37.87 -26.17 -1.01
N GLU F 65 37.84 -27.23 -0.20
CA GLU F 65 37.45 -28.53 -0.69
C GLU F 65 36.22 -29.02 0.02
N LEU F 66 35.33 -29.65 -0.70
CA LEU F 66 34.14 -30.22 -0.19
C LEU F 66 34.41 -31.42 0.68
N ARG F 67 33.71 -31.46 1.81
CA ARG F 67 33.59 -32.64 2.59
C ARG F 67 32.17 -33.03 2.40
N GLN F 68 31.90 -33.63 1.28
CA GLN F 68 30.58 -33.85 0.82
C GLN F 68 29.87 -34.92 1.57
N ASP F 69 30.61 -35.70 2.32
CA ASP F 69 30.03 -36.76 3.12
C ASP F 69 29.51 -36.21 4.45
N LEU F 70 29.82 -34.96 4.75
CA LEU F 70 29.37 -34.33 5.99
C LEU F 70 28.16 -33.44 5.76
N VAL F 71 27.65 -33.45 4.54
CA VAL F 71 26.49 -32.67 4.17
C VAL F 71 25.27 -33.16 4.94
N LYS F 72 24.52 -32.23 5.51
CA LYS F 72 23.25 -32.58 6.15
C LYS F 72 22.12 -31.64 5.77
N ILE F 73 20.94 -32.22 5.62
CA ILE F 73 19.77 -31.47 5.25
C ILE F 73 18.70 -31.77 6.29
N THR F 74 18.33 -30.73 7.04
CA THR F 74 17.30 -30.84 8.08
C THR F 74 16.20 -29.79 7.83
N ASP F 75 14.97 -30.09 8.25
CA ASP F 75 13.88 -29.13 8.12
C ASP F 75 13.81 -28.22 9.35
N ALA F 76 12.75 -27.45 9.41
CA ALA F 76 12.49 -26.52 10.48
C ALA F 76 11.94 -27.36 11.61
N ASN F 77 10.87 -28.08 11.31
CA ASN F 77 10.34 -29.10 12.18
C ASN F 77 11.40 -29.97 12.82
N GLY F 78 12.14 -30.73 12.03
CA GLY F 78 13.20 -31.52 12.58
C GLY F 78 12.95 -32.98 12.63
N ASN F 79 13.71 -33.65 11.80
CA ASN F 79 14.70 -32.92 11.09
C ASN F 79 14.90 -33.46 9.70
N GLU F 80 15.84 -34.39 9.57
CA GLU F 80 16.20 -35.01 8.31
C GLU F 80 15.21 -34.92 7.19
N VAL F 81 15.66 -34.32 6.11
CA VAL F 81 14.97 -34.32 4.87
C VAL F 81 15.42 -35.51 4.06
N THR F 82 14.49 -36.21 3.49
CA THR F 82 14.81 -37.20 2.49
C THR F 82 14.38 -36.65 1.13
N GLY F 83 14.83 -37.33 0.08
CA GLY F 83 14.36 -37.00 -1.26
C GLY F 83 15.08 -35.83 -1.90
N VAL F 84 16.19 -35.40 -1.31
CA VAL F 84 17.04 -34.37 -1.91
C VAL F 84 18.44 -34.89 -2.20
N SER F 85 18.84 -34.98 -3.46
CA SER F 85 20.21 -35.38 -3.82
C SER F 85 21.17 -34.21 -3.78
N VAL F 86 22.43 -34.45 -3.43
CA VAL F 86 23.44 -33.42 -3.62
C VAL F 86 24.45 -33.88 -4.68
N ASP F 87 24.62 -33.08 -5.74
CA ASP F 87 25.53 -33.37 -6.84
C ASP F 87 26.58 -32.24 -6.92
N ASN F 88 27.84 -32.60 -7.13
CA ASN F 88 28.91 -31.60 -7.14
C ASN F 88 29.46 -31.46 -8.56
N TYR F 89 29.50 -30.24 -9.09
CA TYR F 89 29.98 -30.06 -10.45
C TYR F 89 31.25 -29.25 -10.48
N THR F 90 32.24 -29.74 -11.21
CA THR F 90 33.55 -29.09 -11.30
C THR F 90 33.50 -27.85 -12.16
N SER F 91 32.58 -27.83 -13.12
CA SER F 91 32.33 -26.65 -13.95
C SER F 91 30.94 -26.77 -14.55
N LEU F 92 30.46 -25.67 -15.12
CA LEU F 92 29.18 -25.64 -15.79
C LEU F 92 29.21 -26.57 -16.99
N GLU F 93 30.34 -26.59 -17.67
CA GLU F 93 30.55 -27.44 -18.84
C GLU F 93 30.23 -28.88 -18.51
N ALA F 94 30.54 -29.30 -17.29
CA ALA F 94 30.40 -30.71 -16.93
C ALA F 94 29.01 -31.04 -16.45
N ALA F 95 28.21 -30.04 -16.13
CA ALA F 95 26.85 -30.24 -15.69
C ALA F 95 26.00 -30.71 -16.87
N PRO F 96 25.08 -31.61 -16.61
CA PRO F 96 24.09 -32.04 -17.57
C PRO F 96 23.20 -30.90 -18.07
N GLN F 97 22.61 -31.07 -19.23
CA GLN F 97 21.76 -30.05 -19.84
C GLN F 97 20.61 -29.56 -18.96
N GLU F 98 19.93 -30.46 -18.27
CA GLU F 98 18.89 -30.11 -17.34
C GLU F 98 19.38 -29.07 -16.35
N ILE F 99 20.58 -29.21 -15.84
CA ILE F 99 21.10 -28.27 -14.84
C ILE F 99 21.43 -26.94 -15.49
N ARG F 100 22.21 -26.97 -16.58
CA ARG F 100 22.54 -25.74 -17.28
C ARG F 100 21.31 -24.94 -17.69
N ASP F 101 20.26 -25.64 -18.13
CA ASP F 101 19.00 -24.99 -18.50
C ASP F 101 18.27 -24.39 -17.29
N VAL F 102 18.21 -25.14 -16.20
CA VAL F 102 17.59 -24.62 -14.97
C VAL F 102 18.32 -23.37 -14.48
N LEU F 103 19.66 -23.42 -14.45
CA LEU F 103 20.47 -22.28 -14.03
C LEU F 103 20.26 -21.12 -15.01
N SER F 104 20.24 -21.45 -16.30
CA SER F 104 20.09 -20.47 -17.37
C SER F 104 18.77 -19.71 -17.25
N LYS F 105 17.67 -20.45 -17.13
CA LYS F 105 16.33 -19.85 -16.96
C LYS F 105 16.17 -19.14 -15.62
N ALA F 106 17.05 -19.40 -14.65
CA ALA F 106 16.91 -18.74 -13.36
C ALA F 106 17.85 -17.56 -13.26
N GLY F 107 18.61 -17.34 -14.33
CA GLY F 107 19.52 -16.20 -14.40
C GLY F 107 20.68 -16.31 -13.43
N ILE F 108 21.13 -17.55 -13.18
CA ILE F 108 22.23 -17.83 -12.26
C ILE F 108 23.37 -18.38 -13.08
N ARG F 109 24.56 -17.79 -12.93
CA ARG F 109 25.74 -18.34 -13.59
C ARG F 109 26.85 -18.54 -12.55
N PRO F 110 27.06 -19.80 -12.12
CA PRO F 110 28.06 -20.01 -11.06
C PRO F 110 29.43 -19.75 -11.63
N LYS F 111 30.40 -19.40 -10.78
CA LYS F 111 31.80 -19.26 -11.23
C LYS F 111 32.60 -20.52 -10.93
N GLY F 112 33.18 -21.17 -11.93
CA GLY F 112 33.92 -22.39 -11.68
C GLY F 112 33.02 -23.50 -11.13
N ALA F 113 33.40 -24.08 -10.00
CA ALA F 113 32.69 -25.26 -9.45
C ALA F 113 31.50 -24.89 -8.57
N PHE F 114 30.50 -25.77 -8.49
CA PHE F 114 29.32 -25.46 -7.72
C PHE F 114 28.59 -26.73 -7.28
N GLN F 115 27.78 -26.62 -6.22
CA GLN F 115 26.99 -27.74 -5.70
C GLN F 115 25.53 -27.53 -6.06
N ILE F 116 24.86 -28.60 -6.44
CA ILE F 116 23.43 -28.53 -6.66
C ILE F 116 22.73 -29.49 -5.71
N PHE F 117 21.73 -29.01 -4.97
CA PHE F 117 20.88 -29.88 -4.16
C PHE F 117 19.53 -29.93 -4.86
N ARG F 118 19.09 -31.12 -5.19
CA ARG F 118 17.91 -31.24 -6.00
C ARG F 118 16.81 -32.08 -5.34
N ALA F 119 15.56 -31.61 -5.39
CA ALA F 119 14.45 -32.46 -4.97
C ALA F 119 14.24 -33.60 -5.98
N ASP F 120 14.40 -34.85 -5.53
CA ASP F 120 14.23 -36.02 -6.40
C ASP F 120 12.79 -36.11 -6.91
N ASN F 121 11.84 -35.81 -6.03
CA ASN F 121 10.45 -35.82 -6.45
C ASN F 121 9.78 -34.48 -6.13
N PRO F 122 9.59 -33.63 -7.15
CA PRO F 122 8.99 -32.29 -7.05
C PRO F 122 7.69 -32.30 -6.24
N ARG F 123 6.72 -33.09 -6.70
CA ARG F 123 5.44 -33.22 -6.03
C ARG F 123 5.59 -33.53 -4.54
N GLU F 124 6.44 -34.50 -4.21
CA GLU F 124 6.58 -34.90 -2.82
C GLU F 124 7.23 -33.80 -1.99
N PHE F 125 8.34 -33.26 -2.51
CA PHE F 125 9.01 -32.11 -1.89
C PHE F 125 8.01 -30.96 -1.75
N TYR F 126 7.23 -30.71 -2.80
CA TYR F 126 6.25 -29.64 -2.73
C TYR F 126 5.22 -29.90 -1.63
N ASP F 127 4.60 -31.09 -1.65
CA ASP F 127 3.58 -31.44 -0.67
C ASP F 127 4.10 -31.32 0.76
N THR F 128 5.35 -31.73 0.98
CA THR F 128 5.92 -31.79 2.33
C THR F 128 6.44 -30.48 2.95
N TYR F 129 7.12 -29.66 2.15
CA TYR F 129 7.83 -28.50 2.69
C TYR F 129 7.39 -27.17 2.06
N VAL F 130 6.88 -27.21 0.83
CA VAL F 130 6.61 -25.98 0.10
C VAL F 130 5.23 -25.39 0.45
N LYS F 131 4.17 -26.14 0.18
CA LYS F 131 2.84 -25.69 0.55
C LYS F 131 2.63 -25.57 2.08
N THR F 132 3.57 -26.06 2.88
CA THR F 132 3.49 -25.96 4.34
C THR F 132 4.44 -24.89 4.88
N GLY F 133 5.24 -24.29 4.00
CA GLY F 133 6.16 -23.24 4.42
C GLY F 133 7.17 -23.69 5.46
N ILE F 134 7.75 -24.86 5.26
CA ILE F 134 8.77 -25.34 6.19
C ILE F 134 10.16 -25.04 5.64
N ASP F 135 10.85 -24.11 6.28
CA ASP F 135 12.19 -23.77 5.82
C ASP F 135 13.08 -24.98 6.00
N LEU F 136 14.11 -25.09 5.15
CA LEU F 136 15.08 -26.16 5.24
C LEU F 136 16.44 -25.60 5.64
N LYS F 137 17.24 -26.43 6.28
CA LYS F 137 18.61 -26.06 6.57
C LYS F 137 19.57 -27.09 5.96
N ILE F 138 20.49 -26.62 5.13
CA ILE F 138 21.52 -27.45 4.52
C ILE F 138 22.86 -27.08 5.14
N VAL F 139 23.55 -28.04 5.76
CA VAL F 139 24.91 -27.76 6.22
C VAL F 139 25.82 -28.42 5.20
N SER F 140 26.78 -27.67 4.66
CA SER F 140 27.66 -28.17 3.60
C SER F 140 29.10 -27.83 3.97
N PRO F 141 29.77 -28.72 4.72
CA PRO F 141 31.07 -28.33 5.29
C PRO F 141 32.18 -28.34 4.24
N MET F 142 33.09 -27.36 4.31
CA MET F 142 34.12 -27.20 3.30
C MET F 142 35.44 -26.82 3.97
N VAL F 143 36.50 -27.57 3.71
CA VAL F 143 37.78 -27.37 4.37
C VAL F 143 38.64 -26.38 3.60
N VAL F 144 39.36 -25.50 4.31
CA VAL F 144 40.32 -24.58 3.67
C VAL F 144 41.56 -25.39 3.19
N LYS F 145 41.92 -25.24 1.92
CA LYS F 145 43.11 -25.89 1.36
C LYS F 145 44.37 -25.46 2.09
N LYS F 146 45.31 -26.38 2.23
CA LYS F 146 46.64 -26.07 2.80
C LYS F 146 47.30 -24.92 2.05
N GLN F 147 47.17 -24.95 0.72
CA GLN F 147 47.72 -23.93 -0.17
C GLN F 147 47.32 -22.49 0.21
N MET F 148 46.09 -22.30 0.70
CA MET F 148 45.69 -20.97 1.15
C MET F 148 46.55 -20.51 2.32
N GLY F 149 47.03 -21.47 3.11
CA GLY F 149 47.83 -21.13 4.28
C GLY F 149 49.22 -20.67 3.90
N GLN F 150 49.68 -21.10 2.74
CA GLN F 150 50.98 -20.68 2.29
C GLN F 150 50.93 -19.28 1.68
N THR F 151 49.81 -18.89 1.09
CA THR F 151 49.71 -17.58 0.45
C THR F 151 48.86 -16.56 1.18
N GLY F 152 47.99 -17.02 2.08
CA GLY F 152 46.98 -16.16 2.66
C GLY F 152 46.00 -15.81 1.55
N GLY F 153 44.90 -15.13 1.89
CA GLY F 153 43.93 -14.70 0.89
C GLY F 153 42.49 -14.68 1.42
N SER F 154 41.59 -14.17 0.60
CA SER F 154 40.17 -14.18 0.91
C SER F 154 39.44 -15.23 0.09
N TYR F 155 38.26 -15.61 0.55
CA TYR F 155 37.38 -16.41 -0.30
C TYR F 155 35.97 -16.06 0.08
N GLU F 156 35.06 -16.21 -0.85
CA GLU F 156 33.67 -16.02 -0.55
C GLU F 156 32.75 -17.10 -1.06
N ASN F 157 31.68 -17.29 -0.35
CA ASN F 157 30.70 -18.27 -0.68
C ASN F 157 29.35 -17.64 -0.91
N GLN F 158 28.58 -18.18 -1.82
CA GLN F 158 27.24 -17.69 -2.12
C GLN F 158 26.35 -18.85 -2.45
N ALA F 159 25.07 -18.71 -2.14
CA ALA F 159 24.06 -19.68 -2.42
C ALA F 159 22.84 -19.15 -3.21
N TYR F 160 22.04 -20.03 -3.81
CA TYR F 160 20.85 -19.60 -4.52
C TYR F 160 19.80 -20.67 -4.31
N GLN F 161 18.55 -20.27 -4.21
CA GLN F 161 17.47 -21.25 -4.20
C GLN F 161 16.63 -21.08 -5.46
N ILE F 162 16.17 -22.18 -6.02
CA ILE F 162 15.45 -22.10 -7.26
C ILE F 162 14.13 -22.83 -7.13
N ASP F 163 13.04 -22.07 -7.04
CA ASP F 163 11.71 -22.63 -6.82
C ASP F 163 10.81 -22.43 -8.05
N PHE F 164 10.27 -23.52 -8.59
CA PHE F 164 9.42 -23.43 -9.75
C PHE F 164 10.17 -22.83 -10.95
N GLY F 165 11.49 -22.93 -10.93
CA GLY F 165 12.31 -22.41 -12.00
C GLY F 165 12.78 -20.98 -11.76
N ASN F 166 12.31 -20.37 -10.68
CA ASN F 166 12.69 -19.01 -10.29
C ASN F 166 13.90 -18.97 -9.37
N GLY F 167 14.87 -18.10 -9.68
CA GLY F 167 16.08 -18.01 -8.88
C GLY F 167 16.03 -16.91 -7.83
N TYR F 168 16.56 -17.17 -6.67
CA TYR F 168 16.68 -16.20 -5.61
C TYR F 168 18.05 -16.28 -4.96
N ALA F 169 18.78 -15.21 -4.93
CA ALA F 169 20.15 -15.21 -4.51
C ALA F 169 20.37 -14.88 -3.05
N SER F 170 21.22 -15.65 -2.41
CA SER F 170 21.60 -15.46 -1.05
C SER F 170 22.52 -14.30 -0.90
N ASN F 171 22.56 -13.87 0.30
CA ASN F 171 23.69 -13.54 1.08
C ASN F 171 25.13 -14.01 0.67
N ILE F 172 26.09 -13.11 0.56
CA ILE F 172 27.49 -13.47 0.32
C ILE F 172 28.34 -13.45 1.58
N VAL F 173 28.96 -14.57 1.91
CA VAL F 173 29.78 -14.62 3.13
C VAL F 173 31.26 -14.68 2.80
N ILE F 174 32.06 -13.89 3.49
CA ILE F 174 33.47 -13.71 3.15
C ILE F 174 34.36 -14.07 4.34
N ASN F 175 35.47 -14.74 4.07
CA ASN F 175 36.43 -15.11 5.12
C ASN F 175 37.83 -14.84 4.61
N ASN F 176 38.82 -14.84 5.50
CA ASN F 176 40.21 -14.72 5.04
C ASN F 176 41.10 -15.83 5.63
N VAL F 177 42.27 -16.06 5.05
CA VAL F 177 43.15 -17.13 5.51
C VAL F 177 44.51 -16.52 5.81
N PRO F 178 45.04 -16.74 7.03
CA PRO F 178 46.31 -16.14 7.45
C PRO F 178 47.48 -16.86 6.82
N LYS F 179 48.42 -16.13 6.25
CA LYS F 179 49.62 -16.75 5.73
C LYS F 179 50.53 -17.16 6.89
N ILE F 180 50.77 -18.46 7.06
CA ILE F 180 51.67 -18.93 8.11
C ILE F 180 53.09 -19.03 7.56
N ASN F 181 54.00 -18.23 8.09
CA ASN F 181 55.35 -18.21 7.51
C ASN F 181 56.47 -18.47 8.52
N PRO F 182 56.75 -19.75 8.82
CA PRO F 182 57.81 -20.14 9.76
C PRO F 182 59.18 -19.63 9.31
N LYS F 183 59.97 -19.07 10.21
CA LYS F 183 61.32 -18.66 9.93
C LYS F 183 62.31 -19.38 10.87
N LYS F 184 63.54 -19.57 10.39
CA LYS F 184 64.58 -20.20 11.19
C LYS F 184 65.89 -19.39 11.18
N ASP F 185 66.24 -18.83 12.33
CA ASP F 185 67.47 -18.05 12.49
C ASP F 185 68.52 -18.89 13.22
N VAL F 186 69.74 -18.34 13.33
CA VAL F 186 70.84 -18.96 14.05
C VAL F 186 71.41 -17.91 14.99
N THR F 187 71.40 -18.17 16.29
CA THR F 187 71.86 -17.16 17.22
C THR F 187 73.00 -17.67 18.08
N LEU F 188 73.82 -16.75 18.55
CA LEU F 188 74.93 -17.10 19.42
C LEU F 188 74.49 -16.95 20.85
N THR F 189 73.33 -16.33 21.04
CA THR F 189 72.80 -16.09 22.37
C THR F 189 71.35 -16.53 22.49
N LEU F 190 70.87 -16.67 23.72
CA LEU F 190 69.52 -17.15 24.00
C LEU F 190 68.53 -16.01 24.27
N ASP F 191 68.96 -14.78 24.02
CA ASP F 191 68.14 -13.59 24.27
C ASP F 191 67.17 -13.31 23.12
N PRO F 192 65.87 -13.49 23.39
CA PRO F 192 64.83 -13.20 22.39
C PRO F 192 64.83 -11.71 22.05
N ALA F 193 65.24 -10.84 22.96
CA ALA F 193 65.40 -9.44 22.63
C ALA F 193 66.48 -9.13 21.61
N ASP F 194 67.46 -10.01 21.48
CA ASP F 194 68.51 -9.93 20.49
C ASP F 194 68.02 -10.19 19.08
N THR F 195 68.33 -9.27 18.20
CA THR F 195 68.05 -9.31 16.78
C THR F 195 69.08 -10.09 15.98
N ASN F 196 70.21 -10.44 16.59
CA ASN F 196 71.33 -11.00 15.85
C ASN F 196 70.98 -12.28 15.16
N ASN F 197 71.43 -12.39 13.94
CA ASN F 197 71.20 -13.62 13.21
C ASN F 197 72.44 -13.99 12.40
N VAL F 198 73.09 -15.09 12.78
CA VAL F 198 74.37 -15.46 12.19
C VAL F 198 74.18 -16.49 11.09
N ASP F 199 73.03 -16.47 10.43
CA ASP F 199 72.78 -17.37 9.30
C ASP F 199 73.70 -17.01 8.15
N GLY F 200 74.17 -18.01 7.41
CA GLY F 200 75.03 -17.77 6.27
C GLY F 200 76.48 -17.55 6.65
N GLN F 201 76.74 -17.23 7.91
CA GLN F 201 78.09 -16.98 8.36
C GLN F 201 78.80 -18.27 8.77
N THR F 202 79.89 -18.13 9.51
CA THR F 202 80.64 -19.30 9.95
C THR F 202 80.57 -19.36 11.46
N ILE F 203 80.45 -20.56 11.99
CA ILE F 203 80.48 -20.74 13.43
C ILE F 203 81.66 -21.66 13.75
N PRO F 204 82.46 -21.29 14.75
CA PRO F 204 83.69 -22.00 15.12
C PRO F 204 83.42 -23.40 15.70
N LEU F 205 84.32 -24.32 15.41
CA LEU F 205 84.21 -25.70 15.88
C LEU F 205 84.05 -25.72 17.39
N ASN F 206 83.07 -26.50 17.84
CA ASN F 206 82.75 -26.67 19.25
C ASN F 206 82.06 -25.48 19.93
N THR F 207 81.66 -24.49 19.14
CA THR F 207 80.78 -23.45 19.65
C THR F 207 79.43 -24.03 20.05
N VAL F 208 78.95 -23.67 21.24
CA VAL F 208 77.55 -23.87 21.60
C VAL F 208 76.78 -22.70 21.00
N PHE F 209 75.71 -23.01 20.26
CA PHE F 209 74.90 -21.98 19.62
C PHE F 209 73.41 -22.36 19.67
N ASN F 210 72.57 -21.62 18.95
CA ASN F 210 71.14 -21.95 18.94
C ASN F 210 70.53 -21.86 17.54
N TYR F 211 69.63 -22.77 17.22
CA TYR F 211 68.73 -22.53 16.11
C TYR F 211 67.47 -21.91 16.70
N ARG F 212 67.05 -20.81 16.09
CA ARG F 212 65.88 -20.08 16.57
C ARG F 212 64.73 -20.39 15.65
N LEU F 213 63.75 -21.14 16.14
CA LEU F 213 62.68 -21.64 15.30
C LEU F 213 61.45 -20.76 15.49
N ILE F 214 61.24 -19.83 14.58
CA ILE F 214 60.20 -18.81 14.76
C ILE F 214 58.86 -19.25 14.15
N GLY F 215 57.87 -19.46 15.01
CA GLY F 215 56.57 -19.93 14.57
C GLY F 215 55.80 -18.98 13.69
N GLY F 216 54.79 -19.50 13.00
CA GLY F 216 53.92 -18.66 12.20
C GLY F 216 52.98 -17.86 13.08
N ILE F 217 52.55 -16.70 12.56
CA ILE F 217 51.64 -15.81 13.27
C ILE F 217 50.20 -16.19 13.02
N ILE F 218 49.49 -16.53 14.08
CA ILE F 218 48.05 -16.74 13.99
C ILE F 218 47.34 -15.49 14.52
N PRO F 219 46.57 -14.81 13.66
CA PRO F 219 46.08 -13.47 14.02
C PRO F 219 44.83 -13.53 14.89
N ALA F 220 44.51 -12.43 15.57
CA ALA F 220 43.29 -12.37 16.37
C ALA F 220 42.01 -12.59 15.55
N ASN F 221 40.93 -12.94 16.23
CA ASN F 221 39.63 -13.20 15.62
C ASN F 221 39.68 -14.38 14.63
N HIS F 222 40.17 -15.52 15.10
CA HIS F 222 40.33 -16.69 14.24
C HIS F 222 39.22 -17.69 14.54
N SER F 223 38.93 -18.56 13.59
CA SER F 223 37.65 -19.29 13.61
C SER F 223 37.59 -20.51 14.50
N GLU F 224 38.74 -21.09 14.85
CA GLU F 224 38.77 -22.28 15.73
C GLU F 224 39.78 -22.11 16.87
N GLU F 225 39.58 -22.88 17.94
CA GLU F 225 40.59 -23.00 18.99
C GLU F 225 41.91 -23.49 18.40
N LEU F 226 43.02 -23.11 19.00
CA LEU F 226 44.29 -23.75 18.68
C LEU F 226 44.38 -25.05 19.47
N PHE F 227 44.73 -26.14 18.80
CA PHE F 227 44.93 -27.40 19.49
C PHE F 227 46.29 -28.02 19.19
N GLU F 228 47.01 -27.45 18.23
CA GLU F 228 48.35 -27.96 17.94
C GLU F 228 49.25 -26.88 17.36
N TYR F 229 50.47 -26.78 17.90
CA TYR F 229 51.44 -25.80 17.43
C TYR F 229 52.79 -26.36 17.80
N ASN F 230 53.41 -27.07 16.86
CA ASN F 230 54.62 -27.87 17.07
C ASN F 230 55.79 -27.29 16.26
N PHE F 231 57.01 -27.52 16.73
CA PHE F 231 58.22 -27.18 15.99
C PHE F 231 59.00 -28.48 15.76
N TYR F 232 59.02 -28.97 14.53
CA TYR F 232 59.74 -30.22 14.26
C TYR F 232 61.06 -29.88 13.57
N ASP F 233 62.15 -30.50 14.00
CA ASP F 233 63.47 -30.17 13.44
C ASP F 233 64.30 -31.42 13.38
N ASP F 234 64.50 -31.89 12.14
CA ASP F 234 65.40 -32.98 11.85
C ASP F 234 66.66 -32.29 11.37
N TYR F 235 67.60 -32.08 12.30
CA TYR F 235 68.82 -31.33 12.06
C TYR F 235 69.92 -32.30 11.61
N ASP F 236 71.01 -31.77 11.09
CA ASP F 236 72.07 -32.62 10.57
C ASP F 236 73.07 -32.96 11.68
N GLN F 237 72.92 -34.14 12.30
CA GLN F 237 73.77 -34.51 13.44
C GLN F 237 75.23 -34.80 13.08
N THR F 238 75.53 -34.78 11.78
CA THR F 238 76.89 -34.92 11.29
C THR F 238 77.67 -33.65 11.65
N GLY F 239 76.94 -32.55 11.75
CA GLY F 239 77.54 -31.28 12.14
C GLY F 239 77.02 -30.75 13.45
N ASP F 240 75.74 -31.00 13.74
CA ASP F 240 75.07 -30.41 14.91
C ASP F 240 74.71 -31.44 15.99
N HIS F 241 75.15 -31.21 17.22
CA HIS F 241 74.80 -32.09 18.33
C HIS F 241 73.78 -31.38 19.20
N TYR F 242 72.57 -31.92 19.28
CA TYR F 242 71.56 -31.35 20.20
C TYR F 242 72.04 -31.52 21.64
N THR F 243 72.13 -30.42 22.38
CA THR F 243 72.66 -30.50 23.75
C THR F 243 71.65 -30.96 24.79
N GLY F 244 70.38 -31.04 24.44
CA GLY F 244 69.36 -31.40 25.41
C GLY F 244 68.65 -30.19 26.04
N GLN F 245 69.07 -28.99 25.71
CA GLN F 245 68.41 -27.79 26.25
C GLN F 245 67.62 -27.07 25.17
N TYR F 246 66.36 -26.82 25.45
CA TYR F 246 65.59 -25.94 24.59
C TYR F 246 64.79 -24.99 25.45
N LYS F 247 64.49 -23.82 24.89
CA LYS F 247 63.55 -22.86 25.48
C LYS F 247 62.56 -22.39 24.40
N VAL F 248 61.39 -21.94 24.85
CA VAL F 248 60.34 -21.45 23.97
C VAL F 248 59.84 -20.10 24.51
N PHE F 249 59.61 -19.12 23.64
CA PHE F 249 59.21 -17.78 24.05
C PHE F 249 58.02 -17.25 23.28
N ALA F 250 57.19 -16.42 23.92
CA ALA F 250 56.07 -15.77 23.23
C ALA F 250 56.69 -14.76 22.28
N LYS F 251 56.11 -14.62 21.09
CA LYS F 251 56.69 -13.72 20.08
C LYS F 251 55.79 -12.46 19.89
N VAL F 252 54.55 -12.55 20.34
CA VAL F 252 53.63 -11.41 20.45
C VAL F 252 52.97 -11.48 21.83
N ASP F 253 52.30 -10.41 22.24
CA ASP F 253 51.47 -10.52 23.44
C ASP F 253 50.36 -11.52 23.19
N ILE F 254 50.18 -12.45 24.10
CA ILE F 254 49.16 -13.46 23.98
C ILE F 254 48.19 -13.33 25.11
N ILE F 255 46.90 -13.18 24.78
CA ILE F 255 45.88 -13.02 25.78
C ILE F 255 45.10 -14.32 25.94
N LEU F 256 44.94 -14.77 27.17
CA LEU F 256 44.24 -16.01 27.44
C LEU F 256 42.78 -15.71 27.71
N LYS F 257 41.95 -16.75 27.72
CA LYS F 257 40.51 -16.57 27.90
C LYS F 257 40.24 -15.94 29.26
N ASN F 258 41.13 -16.18 30.23
CA ASN F 258 40.89 -15.73 31.60
C ASN F 258 41.40 -14.31 31.89
N GLY F 259 41.98 -13.66 30.88
CA GLY F 259 42.40 -12.29 31.02
C GLY F 259 43.87 -12.11 31.26
N VAL F 260 44.55 -13.19 31.62
CA VAL F 260 46.00 -13.16 31.74
C VAL F 260 46.58 -12.72 30.41
N ILE F 261 47.62 -11.90 30.46
CA ILE F 261 48.34 -11.50 29.26
C ILE F 261 49.77 -11.97 29.36
N ILE F 262 50.22 -12.73 28.36
CA ILE F 262 51.60 -13.17 28.28
C ILE F 262 52.39 -12.27 27.30
N LYS F 263 53.31 -11.49 27.83
CA LYS F 263 53.95 -10.44 27.04
C LYS F 263 55.01 -10.97 26.10
N SER F 264 55.12 -10.37 24.92
CA SER F 264 56.17 -10.73 23.98
C SER F 264 57.49 -10.95 24.73
N GLY F 265 58.20 -12.02 24.39
CA GLY F 265 59.49 -12.29 25.00
C GLY F 265 59.43 -13.08 26.30
N THR F 266 58.25 -13.30 26.84
CA THR F 266 58.12 -14.11 28.05
C THR F 266 58.23 -15.59 27.74
N GLU F 267 58.89 -16.34 28.62
CA GLU F 267 59.15 -17.75 28.40
C GLU F 267 57.89 -18.59 28.51
N LEU F 268 57.67 -19.49 27.54
CA LEU F 268 56.48 -20.37 27.50
C LEU F 268 56.85 -21.85 27.69
N THR F 269 58.13 -22.13 27.92
CA THR F 269 58.65 -23.49 28.02
C THR F 269 57.80 -24.39 28.89
N GLN F 270 57.28 -23.83 29.98
CA GLN F 270 56.52 -24.59 30.95
C GLN F 270 55.29 -25.25 30.31
N TYR F 271 54.85 -24.70 29.18
CA TYR F 271 53.63 -25.16 28.51
C TYR F 271 53.96 -26.11 27.34
N THR F 272 55.14 -26.73 27.37
CA THR F 272 55.63 -27.55 26.26
C THR F 272 56.31 -28.82 26.74
N THR F 273 56.36 -29.83 25.87
CA THR F 273 57.30 -30.92 26.04
C THR F 273 58.07 -31.03 24.74
N ALA F 274 59.13 -31.84 24.77
CA ALA F 274 59.87 -32.14 23.56
C ALA F 274 59.99 -33.65 23.38
N GLU F 275 59.67 -34.13 22.18
CA GLU F 275 59.95 -35.51 21.85
C GLU F 275 61.25 -35.55 21.05
N VAL F 276 62.20 -36.30 21.57
CA VAL F 276 63.54 -36.36 21.06
C VAL F 276 63.86 -37.71 20.41
N ASP F 277 64.35 -37.68 19.19
CA ASP F 277 64.78 -38.93 18.52
C ASP F 277 66.27 -38.82 18.24
N THR F 278 67.06 -39.34 19.17
CA THR F 278 68.48 -39.08 19.19
C THR F 278 69.14 -39.84 18.03
N THR F 279 68.81 -41.12 17.92
CA THR F 279 69.26 -41.95 16.81
C THR F 279 69.10 -41.28 15.44
N LYS F 280 67.94 -40.72 15.19
CA LYS F 280 67.66 -40.07 13.91
C LYS F 280 68.16 -38.62 13.90
N GLY F 281 68.50 -38.11 15.08
CA GLY F 281 68.91 -36.73 15.27
C GLY F 281 67.80 -35.73 14.98
N ALA F 282 66.73 -35.76 15.76
CA ALA F 282 65.58 -34.91 15.49
C ALA F 282 64.87 -34.58 16.78
N ILE F 283 64.08 -33.50 16.77
CA ILE F 283 63.33 -33.08 17.96
C ILE F 283 62.00 -32.45 17.59
N THR F 284 60.96 -32.81 18.33
CA THR F 284 59.67 -32.16 18.17
C THR F 284 59.24 -31.46 19.47
N ILE F 285 59.28 -30.14 19.47
CA ILE F 285 58.78 -29.34 20.59
C ILE F 285 57.28 -29.09 20.42
N LYS F 286 56.49 -29.47 21.42
CA LYS F 286 55.03 -29.44 21.30
C LYS F 286 54.38 -28.63 22.40
N PHE F 287 53.47 -27.72 22.05
CA PHE F 287 52.65 -27.09 23.08
C PHE F 287 51.63 -28.10 23.56
N LYS F 288 51.40 -28.11 24.88
CA LYS F 288 50.33 -28.93 25.42
C LYS F 288 49.04 -28.36 24.87
N GLU F 289 48.13 -29.22 24.47
CA GLU F 289 46.86 -28.79 23.92
C GLU F 289 46.05 -27.99 24.95
N ALA F 290 46.23 -28.30 26.23
CA ALA F 290 45.50 -27.58 27.29
C ALA F 290 45.79 -26.07 27.26
N PHE F 291 47.06 -25.69 27.24
CA PHE F 291 47.45 -24.30 27.14
C PHE F 291 46.98 -23.65 25.82
N LEU F 292 47.19 -24.31 24.69
CA LEU F 292 46.71 -23.76 23.42
C LEU F 292 45.20 -23.45 23.46
N ARG F 293 44.41 -24.38 23.97
CA ARG F 293 42.98 -24.14 23.99
C ARG F 293 42.58 -23.05 24.99
N SER F 294 43.50 -22.69 25.87
CA SER F 294 43.22 -21.63 26.82
C SER F 294 43.51 -20.25 26.24
N VAL F 295 44.07 -20.21 25.02
CA VAL F 295 44.32 -18.93 24.36
C VAL F 295 42.99 -18.38 23.82
N SER F 296 42.79 -17.07 23.94
CA SER F 296 41.56 -16.45 23.49
C SER F 296 41.48 -16.50 21.97
N ILE F 297 40.31 -16.81 21.41
CA ILE F 297 40.22 -16.83 19.94
C ILE F 297 40.40 -15.41 19.39
N ASP F 298 40.20 -14.41 20.25
CA ASP F 298 40.43 -13.01 19.85
C ASP F 298 41.83 -12.52 20.18
N SER F 299 42.75 -13.45 20.44
CA SER F 299 44.15 -13.06 20.61
C SER F 299 44.98 -13.51 19.41
N ALA F 300 45.97 -12.72 19.05
CA ALA F 300 47.00 -13.20 18.16
C ALA F 300 47.77 -14.28 18.91
N PHE F 301 48.50 -15.13 18.18
CA PHE F 301 49.37 -16.12 18.79
C PHE F 301 50.60 -16.35 17.94
N GLN F 302 51.78 -16.26 18.56
CA GLN F 302 53.02 -16.61 17.88
C GLN F 302 54.03 -17.01 18.94
N ALA F 303 54.80 -18.07 18.70
CA ALA F 303 55.85 -18.46 19.63
C ALA F 303 57.10 -18.84 18.85
N GLU F 304 58.24 -18.84 19.52
CA GLU F 304 59.47 -19.23 18.85
C GLU F 304 60.25 -20.15 19.80
N SER F 305 60.95 -21.13 19.24
CA SER F 305 61.76 -21.99 20.08
C SER F 305 63.25 -21.81 19.80
N TYR F 306 64.05 -22.04 20.84
CA TYR F 306 65.50 -22.13 20.68
C TYR F 306 65.92 -23.55 21.02
N ILE F 307 66.58 -24.24 20.10
CA ILE F 307 67.18 -25.51 20.46
C ILE F 307 68.68 -25.30 20.48
N GLN F 308 69.29 -25.60 21.62
CA GLN F 308 70.69 -25.31 21.82
C GLN F 308 71.55 -26.41 21.25
N MET F 309 72.33 -26.08 20.22
CA MET F 309 73.19 -27.04 19.54
C MET F 309 74.66 -26.80 19.87
N LYS F 310 75.49 -27.80 19.59
CA LYS F 310 76.94 -27.67 19.63
C LYS F 310 77.51 -28.06 18.28
N ARG F 311 78.28 -27.17 17.67
CA ARG F 311 78.87 -27.45 16.37
C ARG F 311 80.04 -28.39 16.59
N ILE F 312 79.93 -29.60 16.06
CA ILE F 312 80.89 -30.66 16.38
C ILE F 312 81.64 -31.26 15.20
N ALA F 313 81.52 -30.64 14.03
CA ALA F 313 82.30 -31.07 12.87
C ALA F 313 82.61 -29.90 11.97
N VAL F 314 83.72 -30.04 11.26
CA VAL F 314 84.14 -29.11 10.24
C VAL F 314 83.28 -29.41 9.01
N GLY F 315 82.83 -28.36 8.33
CA GLY F 315 82.02 -28.53 7.14
C GLY F 315 81.00 -27.43 6.90
N THR F 316 80.03 -27.72 6.03
CA THR F 316 78.91 -26.81 5.77
C THR F 316 77.58 -27.53 6.06
N PHE F 317 76.76 -26.91 6.90
CA PHE F 317 75.56 -27.58 7.39
C PHE F 317 74.30 -26.74 7.28
N GLU F 318 73.28 -27.34 6.68
CA GLU F 318 71.99 -26.67 6.55
C GLU F 318 71.00 -27.18 7.61
N ASN F 319 70.00 -26.55 7.84
CA ASN F 319 68.90 -26.92 8.74
C ASN F 319 67.58 -26.36 8.28
N THR F 320 66.54 -26.93 8.49
CA THR F 320 65.18 -26.41 8.29
C THR F 320 64.23 -26.99 9.33
N TYR F 321 63.13 -26.30 9.63
CA TYR F 321 62.19 -26.82 10.61
C TYR F 321 60.78 -26.76 10.07
N ILE F 322 59.93 -27.62 10.59
CA ILE F 322 58.53 -27.64 10.18
C ILE F 322 57.65 -27.16 11.33
N ASN F 323 56.81 -26.17 11.08
CA ASN F 323 55.89 -25.67 12.08
C ASN F 323 54.53 -26.25 11.77
N THR F 324 54.00 -27.10 12.64
CA THR F 324 52.69 -27.67 12.43
C THR F 324 51.62 -26.88 13.23
N VAL F 325 50.65 -26.31 12.54
CA VAL F 325 49.55 -25.58 13.16
C VAL F 325 48.18 -26.26 12.90
N ASN F 326 47.55 -26.76 13.96
CA ASN F 326 46.25 -27.41 13.80
C ASN F 326 46.25 -28.40 12.64
N GLY F 327 47.32 -29.19 12.54
CA GLY F 327 47.33 -30.34 11.65
C GLY F 327 47.99 -30.07 10.31
N VAL F 328 48.41 -28.83 10.08
CA VAL F 328 48.95 -28.43 8.80
C VAL F 328 50.41 -28.05 8.93
N THR F 329 51.26 -28.68 8.13
CA THR F 329 52.72 -28.47 8.19
C THR F 329 53.14 -27.33 7.28
N TYR F 330 54.03 -26.48 7.79
CA TYR F 330 54.58 -25.35 7.04
C TYR F 330 56.11 -25.30 7.26
N SER F 331 56.89 -25.10 6.19
CA SER F 331 58.36 -25.18 6.27
C SER F 331 59.06 -23.85 6.49
N SER F 332 60.08 -23.83 7.34
CA SER F 332 60.88 -22.62 7.48
C SER F 332 61.79 -22.44 6.28
N ASN F 333 62.45 -21.29 6.21
CA ASN F 333 63.56 -21.12 5.27
C ASN F 333 64.64 -22.12 5.67
N THR F 334 65.62 -22.33 4.80
CA THR F 334 66.74 -23.20 5.15
C THR F 334 67.95 -22.35 5.50
N VAL F 335 68.44 -22.48 6.72
CA VAL F 335 69.64 -21.75 7.11
C VAL F 335 70.85 -22.59 6.74
N LYS F 336 72.03 -21.97 6.75
CA LYS F 336 73.28 -22.63 6.43
C LYS F 336 74.46 -21.90 7.05
N THR F 337 75.30 -22.63 7.77
CA THR F 337 76.49 -22.07 8.40
C THR F 337 77.73 -22.89 8.02
N THR F 338 78.91 -22.34 8.27
CA THR F 338 80.16 -22.97 7.89
C THR F 338 81.09 -23.07 9.08
N THR F 339 81.94 -24.09 9.13
CA THR F 339 82.89 -24.21 10.24
C THR F 339 84.31 -24.59 9.84
#